data_8A3G
# 
_entry.id   8A3G 
# 
_audit_conform.dict_name       mmcif_pdbx.dic 
_audit_conform.dict_version    5.398 
_audit_conform.dict_location   http://mmcif.pdb.org/dictionaries/ascii/mmcif_pdbx.dic 
# 
loop_
_database_2.database_id 
_database_2.database_code 
_database_2.pdbx_database_accession 
_database_2.pdbx_DOI 
PDB   8A3G         pdb_00008a3g 10.2210/pdb8a3g/pdb 
WWPDB D_1292123367 ?            ?                   
# 
loop_
_pdbx_audit_revision_history.ordinal 
_pdbx_audit_revision_history.data_content_type 
_pdbx_audit_revision_history.major_revision 
_pdbx_audit_revision_history.minor_revision 
_pdbx_audit_revision_history.revision_date 
1 'Structure model' 1 0 2022-10-05 
2 'Structure model' 1 1 2022-11-23 
3 'Structure model' 1 2 2024-11-06 
# 
_pdbx_audit_revision_details.ordinal             1 
_pdbx_audit_revision_details.revision_ordinal    1 
_pdbx_audit_revision_details.data_content_type   'Structure model' 
_pdbx_audit_revision_details.provider            repository 
_pdbx_audit_revision_details.type                'Initial release' 
_pdbx_audit_revision_details.description         ? 
_pdbx_audit_revision_details.details             ? 
# 
loop_
_pdbx_audit_revision_group.ordinal 
_pdbx_audit_revision_group.revision_ordinal 
_pdbx_audit_revision_group.data_content_type 
_pdbx_audit_revision_group.group 
1 2 'Structure model' 'Database references' 
2 3 'Structure model' 'Data collection'     
3 3 'Structure model' 'Structure summary'   
# 
loop_
_pdbx_audit_revision_category.ordinal 
_pdbx_audit_revision_category.revision_ordinal 
_pdbx_audit_revision_category.data_content_type 
_pdbx_audit_revision_category.category 
1 2 'Structure model' citation                  
2 2 'Structure model' citation_author           
3 3 'Structure model' chem_comp_atom            
4 3 'Structure model' chem_comp_bond            
5 3 'Structure model' pdbx_entry_details        
6 3 'Structure model' pdbx_modification_feature 
# 
loop_
_pdbx_audit_revision_item.ordinal 
_pdbx_audit_revision_item.revision_ordinal 
_pdbx_audit_revision_item.data_content_type 
_pdbx_audit_revision_item.item 
1 2 'Structure model' '_citation.journal_id_ISSN'                    
2 2 'Structure model' '_citation.journal_volume'                     
3 2 'Structure model' '_citation.page_first'                         
4 2 'Structure model' '_citation.page_last'                          
5 2 'Structure model' '_citation.pdbx_database_id_DOI'               
6 2 'Structure model' '_citation.pdbx_database_id_PubMed'            
7 2 'Structure model' '_citation.title'                              
8 2 'Structure model' '_citation_author.identifier_ORCID'            
9 3 'Structure model' '_pdbx_entry_details.has_protein_modification' 
# 
_pdbx_database_status.status_code                     REL 
_pdbx_database_status.status_code_sf                  REL 
_pdbx_database_status.status_code_mr                  ? 
_pdbx_database_status.entry_id                        8A3G 
_pdbx_database_status.recvd_initial_deposition_date   2022-06-08 
_pdbx_database_status.SG_entry                        N 
_pdbx_database_status.deposit_site                    PDBE 
_pdbx_database_status.process_site                    PDBE 
_pdbx_database_status.status_code_cs                  ? 
_pdbx_database_status.status_code_nmr_data            ? 
_pdbx_database_status.methods_development_category    ? 
_pdbx_database_status.pdb_format_compatible           Y 
# 
_pdbx_contact_author.id                 2 
_pdbx_contact_author.email              d.n.woolfson@bristol.ac.uk 
_pdbx_contact_author.name_first         Derek 
_pdbx_contact_author.name_last          Woolfson 
_pdbx_contact_author.name_mi            ? 
_pdbx_contact_author.role               'principal investigator/group leader' 
_pdbx_contact_author.identifier_ORCID   0000-0002-0394-3202 
# 
loop_
_audit_author.name 
_audit_author.pdbx_ordinal 
_audit_author.identifier_ORCID 
'Naudin, E.A.'   1 0000-0002-1318-3366 
'Mylemans, B.'   2 0000-0003-3842-2308 
'Albanese, K.I.' 3 0000-0002-2336-1621 
'Woolfson, D.N.' 4 0000-0002-0394-3202 
# 
_citation.abstract                  ? 
_citation.abstract_id_CAS           ? 
_citation.book_id_ISBN              ? 
_citation.book_publisher            ? 
_citation.book_publisher_city       ? 
_citation.book_title                ? 
_citation.coordinate_linkage        ? 
_citation.country                   UK 
_citation.database_id_Medline       ? 
_citation.details                   ? 
_citation.id                        primary 
_citation.journal_abbrev            'Chem Sci' 
_citation.journal_id_ASTM           ? 
_citation.journal_id_CSD            ? 
_citation.journal_id_ISSN           2041-6520 
_citation.journal_full              ? 
_citation.journal_issue             ? 
_citation.journal_volume            13 
_citation.language                  ? 
_citation.page_first                11330 
_citation.page_last                 11340 
_citation.title                     'From peptides to proteins: coiled-coil tetramers to single-chain 4-helix bundles.' 
_citation.year                      2022 
_citation.database_id_CSD           ? 
_citation.pdbx_database_id_DOI      10.1039/d2sc04479j 
_citation.pdbx_database_id_PubMed   36320580 
_citation.pdbx_database_id_patent   ? 
_citation.unpublished_flag          ? 
# 
loop_
_citation_author.citation_id 
_citation_author.name 
_citation_author.ordinal 
_citation_author.identifier_ORCID 
primary 'Naudin, E.A.'   1  0000-0002-1318-3366 
primary 'Albanese, K.I.' 2  ?                   
primary 'Smith, A.J.'    3  ?                   
primary 'Mylemans, B.'   4  ?                   
primary 'Baker, E.G.'    5  ?                   
primary 'Weiner, O.D.'   6  ?                   
primary 'Andrews, D.M.'  7  0000-0002-6716-6270 
primary 'Tigue, N.'      8  ?                   
primary 'Savery, N.J.'   9  ?                   
primary 'Woolfson, D.N.' 10 0000-0002-0394-3202 
# 
loop_
_entity.id 
_entity.type 
_entity.src_method 
_entity.pdbx_description 
_entity.formula_weight 
_entity.pdbx_number_of_molecules 
_entity.pdbx_ec 
_entity.pdbx_mutation 
_entity.pdbx_fragment 
_entity.details 
1 polymer     syn apCC-Tet*     3463.076 2  ? ? ? ? 
2 non-polymer syn 'ACETATE ION' 59.044   1  ? ? ? ? 
3 non-polymer syn 'SODIUM ION'  22.990   1  ? ? ? ? 
4 water       nat water         18.015   39 ? ? ? ? 
# 
_entity_poly.entity_id                      1 
_entity_poly.type                           'polypeptide(L)' 
_entity_poly.nstd_linkage                   no 
_entity_poly.nstd_monomer                   yes 
_entity_poly.pdbx_seq_one_letter_code       '(ACE)GQLEEIAQQLEEIAKQLKKIAWQLKKIAQG(NH2)' 
_entity_poly.pdbx_seq_one_letter_code_can   XGQLEEIAQQLEEIAKQLKKIAWQLKKIAQGX 
_entity_poly.pdbx_strand_id                 A,B 
_entity_poly.pdbx_target_identifier         ? 
# 
loop_
_pdbx_entity_nonpoly.entity_id 
_pdbx_entity_nonpoly.name 
_pdbx_entity_nonpoly.comp_id 
2 'ACETATE ION' ACT 
3 'SODIUM ION'  NA  
4 water         HOH 
# 
loop_
_entity_poly_seq.entity_id 
_entity_poly_seq.num 
_entity_poly_seq.mon_id 
_entity_poly_seq.hetero 
1 1  ACE n 
1 2  GLY n 
1 3  GLN n 
1 4  LEU n 
1 5  GLU n 
1 6  GLU n 
1 7  ILE n 
1 8  ALA n 
1 9  GLN n 
1 10 GLN n 
1 11 LEU n 
1 12 GLU n 
1 13 GLU n 
1 14 ILE n 
1 15 ALA n 
1 16 LYS n 
1 17 GLN n 
1 18 LEU n 
1 19 LYS n 
1 20 LYS n 
1 21 ILE n 
1 22 ALA n 
1 23 TRP n 
1 24 GLN n 
1 25 LEU n 
1 26 LYS n 
1 27 LYS n 
1 28 ILE n 
1 29 ALA n 
1 30 GLN n 
1 31 GLY n 
1 32 NH2 n 
# 
_pdbx_entity_src_syn.entity_id              1 
_pdbx_entity_src_syn.pdbx_src_id            1 
_pdbx_entity_src_syn.pdbx_alt_source_flag   sample 
_pdbx_entity_src_syn.pdbx_beg_seq_num       1 
_pdbx_entity_src_syn.pdbx_end_seq_num       32 
_pdbx_entity_src_syn.organism_scientific    'synthetic construct' 
_pdbx_entity_src_syn.organism_common_name   ? 
_pdbx_entity_src_syn.ncbi_taxonomy_id       32630 
_pdbx_entity_src_syn.details                ? 
# 
loop_
_chem_comp.id 
_chem_comp.type 
_chem_comp.mon_nstd_flag 
_chem_comp.name 
_chem_comp.pdbx_synonyms 
_chem_comp.formula 
_chem_comp.formula_weight 
ACE non-polymer         . 'ACETYL GROUP'  ? 'C2 H4 O'        44.053  
ACT non-polymer         . 'ACETATE ION'   ? 'C2 H3 O2 -1'    59.044  
ALA 'L-peptide linking' y ALANINE         ? 'C3 H7 N O2'     89.093  
GLN 'L-peptide linking' y GLUTAMINE       ? 'C5 H10 N2 O3'   146.144 
GLU 'L-peptide linking' y 'GLUTAMIC ACID' ? 'C5 H9 N O4'     147.129 
GLY 'peptide linking'   y GLYCINE         ? 'C2 H5 N O2'     75.067  
HOH non-polymer         . WATER           ? 'H2 O'           18.015  
ILE 'L-peptide linking' y ISOLEUCINE      ? 'C6 H13 N O2'    131.173 
LEU 'L-peptide linking' y LEUCINE         ? 'C6 H13 N O2'    131.173 
LYS 'L-peptide linking' y LYSINE          ? 'C6 H15 N2 O2 1' 147.195 
NA  non-polymer         . 'SODIUM ION'    ? 'Na 1'           22.990  
NH2 non-polymer         . 'AMINO GROUP'   ? 'H2 N'           16.023  
TRP 'L-peptide linking' y TRYPTOPHAN      ? 'C11 H12 N2 O2'  204.225 
# 
loop_
_pdbx_poly_seq_scheme.asym_id 
_pdbx_poly_seq_scheme.entity_id 
_pdbx_poly_seq_scheme.seq_id 
_pdbx_poly_seq_scheme.mon_id 
_pdbx_poly_seq_scheme.ndb_seq_num 
_pdbx_poly_seq_scheme.pdb_seq_num 
_pdbx_poly_seq_scheme.auth_seq_num 
_pdbx_poly_seq_scheme.pdb_mon_id 
_pdbx_poly_seq_scheme.auth_mon_id 
_pdbx_poly_seq_scheme.pdb_strand_id 
_pdbx_poly_seq_scheme.pdb_ins_code 
_pdbx_poly_seq_scheme.hetero 
A 1 1  ACE 1  0  0  ACE ACE A . n 
A 1 2  GLY 2  1  1  GLY GLY A . n 
A 1 3  GLN 3  2  2  GLN GLN A . n 
A 1 4  LEU 4  3  3  LEU LEU A . n 
A 1 5  GLU 5  4  4  GLU GLU A . n 
A 1 6  GLU 6  5  5  GLU GLU A . n 
A 1 7  ILE 7  6  6  ILE ILE A . n 
A 1 8  ALA 8  7  7  ALA ALA A . n 
A 1 9  GLN 9  8  8  GLN GLN A . n 
A 1 10 GLN 10 9  9  GLN GLN A . n 
A 1 11 LEU 11 10 10 LEU LEU A . n 
A 1 12 GLU 12 11 11 GLU GLU A . n 
A 1 13 GLU 13 12 12 GLU GLU A . n 
A 1 14 ILE 14 13 13 ILE ILE A . n 
A 1 15 ALA 15 14 14 ALA ALA A . n 
A 1 16 LYS 16 15 15 LYS LYS A . n 
A 1 17 GLN 17 16 16 GLN GLN A . n 
A 1 18 LEU 18 17 17 LEU LEU A . n 
A 1 19 LYS 19 18 18 LYS LYS A . n 
A 1 20 LYS 20 19 19 LYS LYS A . n 
A 1 21 ILE 21 20 20 ILE ILE A . n 
A 1 22 ALA 22 21 21 ALA ALA A . n 
A 1 23 TRP 23 22 22 TRP TRP A . n 
A 1 24 GLN 24 23 23 GLN GLN A . n 
A 1 25 LEU 25 24 24 LEU LEU A . n 
A 1 26 LYS 26 25 25 LYS LYS A . n 
A 1 27 LYS 27 26 26 LYS LYS A . n 
A 1 28 ILE 28 27 27 ILE ILE A . n 
A 1 29 ALA 29 28 28 ALA ALA A . n 
A 1 30 GLN 30 29 29 GLN GLN A . n 
A 1 31 GLY 31 30 30 GLY GLY A . n 
A 1 32 NH2 32 31 31 NH2 NH2 A . n 
B 1 1  ACE 1  0  0  ACE ACE B . n 
B 1 2  GLY 2  1  1  GLY GLY B . n 
B 1 3  GLN 3  2  2  GLN GLN B . n 
B 1 4  LEU 4  3  3  LEU LEU B . n 
B 1 5  GLU 5  4  4  GLU GLU B . n 
B 1 6  GLU 6  5  5  GLU GLU B . n 
B 1 7  ILE 7  6  6  ILE ILE B . n 
B 1 8  ALA 8  7  7  ALA ALA B . n 
B 1 9  GLN 9  8  8  GLN GLN B . n 
B 1 10 GLN 10 9  9  GLN GLN B . n 
B 1 11 LEU 11 10 10 LEU LEU B . n 
B 1 12 GLU 12 11 11 GLU GLU B . n 
B 1 13 GLU 13 12 12 GLU GLU B . n 
B 1 14 ILE 14 13 13 ILE ILE B . n 
B 1 15 ALA 15 14 14 ALA ALA B . n 
B 1 16 LYS 16 15 15 LYS LYS B . n 
B 1 17 GLN 17 16 16 GLN GLN B . n 
B 1 18 LEU 18 17 17 LEU LEU B . n 
B 1 19 LYS 19 18 18 LYS LYS B . n 
B 1 20 LYS 20 19 19 LYS LYS B . n 
B 1 21 ILE 21 20 20 ILE ILE B . n 
B 1 22 ALA 22 21 21 ALA ALA B . n 
B 1 23 TRP 23 22 22 TRP TRP B . n 
B 1 24 GLN 24 23 23 GLN GLN B . n 
B 1 25 LEU 25 24 24 LEU LEU B . n 
B 1 26 LYS 26 25 25 LYS LYS B . n 
B 1 27 LYS 27 26 26 LYS LYS B . n 
B 1 28 ILE 28 27 27 ILE ILE B . n 
B 1 29 ALA 29 28 28 ALA ALA B . n 
B 1 30 GLN 30 29 29 GLN GLN B . n 
B 1 31 GLY 31 30 30 GLY GLY B . n 
B 1 32 NH2 32 31 31 NH2 NH2 B . n 
# 
loop_
_pdbx_nonpoly_scheme.asym_id 
_pdbx_nonpoly_scheme.entity_id 
_pdbx_nonpoly_scheme.mon_id 
_pdbx_nonpoly_scheme.ndb_seq_num 
_pdbx_nonpoly_scheme.pdb_seq_num 
_pdbx_nonpoly_scheme.auth_seq_num 
_pdbx_nonpoly_scheme.pdb_mon_id 
_pdbx_nonpoly_scheme.auth_mon_id 
_pdbx_nonpoly_scheme.pdb_strand_id 
_pdbx_nonpoly_scheme.pdb_ins_code 
C 2 ACT 1  101 1  ACT ACT A . 
D 3 NA  1  102 2  NA  NA  A . 
E 4 HOH 1  201 37 HOH HOH A . 
E 4 HOH 2  202 29 HOH HOH A . 
E 4 HOH 3  203 17 HOH HOH A . 
E 4 HOH 4  204 16 HOH HOH A . 
E 4 HOH 5  205 10 HOH HOH A . 
E 4 HOH 6  206 5  HOH HOH A . 
E 4 HOH 7  207 24 HOH HOH A . 
E 4 HOH 8  208 4  HOH HOH A . 
E 4 HOH 9  209 15 HOH HOH A . 
E 4 HOH 10 210 2  HOH HOH A . 
E 4 HOH 11 211 30 HOH HOH A . 
E 4 HOH 12 212 11 HOH HOH A . 
E 4 HOH 13 213 22 HOH HOH A . 
E 4 HOH 14 214 6  HOH HOH A . 
E 4 HOH 15 215 20 HOH HOH A . 
E 4 HOH 16 216 3  HOH HOH A . 
E 4 HOH 17 217 34 HOH HOH A . 
E 4 HOH 18 218 28 HOH HOH A . 
E 4 HOH 19 219 1  HOH HOH A . 
E 4 HOH 20 220 32 HOH HOH A . 
E 4 HOH 21 221 33 HOH HOH A . 
E 4 HOH 22 222 21 HOH HOH A . 
E 4 HOH 23 223 38 HOH HOH A . 
E 4 HOH 24 224 36 HOH HOH A . 
F 4 HOH 1  101 8  HOH HOH B . 
F 4 HOH 2  102 27 HOH HOH B . 
F 4 HOH 3  103 13 HOH HOH B . 
F 4 HOH 4  104 12 HOH HOH B . 
F 4 HOH 5  105 35 HOH HOH B . 
F 4 HOH 6  106 25 HOH HOH B . 
F 4 HOH 7  107 39 HOH HOH B . 
F 4 HOH 8  108 9  HOH HOH B . 
F 4 HOH 9  109 26 HOH HOH B . 
F 4 HOH 10 110 14 HOH HOH B . 
F 4 HOH 11 111 7  HOH HOH B . 
F 4 HOH 12 112 31 HOH HOH B . 
F 4 HOH 13 113 23 HOH HOH B . 
F 4 HOH 14 114 18 HOH HOH B . 
F 4 HOH 15 115 19 HOH HOH B . 
# 
loop_
_pdbx_unobs_or_zero_occ_atoms.id 
_pdbx_unobs_or_zero_occ_atoms.PDB_model_num 
_pdbx_unobs_or_zero_occ_atoms.polymer_flag 
_pdbx_unobs_or_zero_occ_atoms.occupancy_flag 
_pdbx_unobs_or_zero_occ_atoms.auth_asym_id 
_pdbx_unobs_or_zero_occ_atoms.auth_comp_id 
_pdbx_unobs_or_zero_occ_atoms.auth_seq_id 
_pdbx_unobs_or_zero_occ_atoms.PDB_ins_code 
_pdbx_unobs_or_zero_occ_atoms.auth_atom_id 
_pdbx_unobs_or_zero_occ_atoms.label_alt_id 
_pdbx_unobs_or_zero_occ_atoms.label_asym_id 
_pdbx_unobs_or_zero_occ_atoms.label_comp_id 
_pdbx_unobs_or_zero_occ_atoms.label_seq_id 
_pdbx_unobs_or_zero_occ_atoms.label_atom_id 
1  1 Y 1 A LYS 15 ? CE  ? A LYS 16 CE  
2  1 Y 1 A LYS 15 ? NZ  ? A LYS 16 NZ  
3  1 Y 1 A LYS 19 ? CD  ? A LYS 20 CD  
4  1 Y 1 A LYS 19 ? CE  ? A LYS 20 CE  
5  1 Y 1 A LYS 19 ? NZ  ? A LYS 20 NZ  
6  1 Y 1 A LYS 26 ? CD  ? A LYS 27 CD  
7  1 Y 1 A LYS 26 ? CE  ? A LYS 27 CE  
8  1 Y 1 A LYS 26 ? NZ  ? A LYS 27 NZ  
9  1 Y 1 B GLU 5  ? CD  ? B GLU 6  CD  
10 1 Y 1 B GLU 5  ? OE1 ? B GLU 6  OE1 
11 1 Y 1 B GLU 5  ? OE2 ? B GLU 6  OE2 
# 
loop_
_software.citation_id 
_software.classification 
_software.compiler_name 
_software.compiler_version 
_software.contact_author 
_software.contact_author_email 
_software.date 
_software.description 
_software.dependencies 
_software.hardware 
_software.language 
_software.location 
_software.mods 
_software.name 
_software.os 
_software.os_version 
_software.type 
_software.version 
_software.pdbx_ordinal 
? refinement       ? ? ? ? ? ? ? ? ? ? ? PHENIX  ? ? ? 1.19.2_4158 1 
? 'data reduction' ? ? ? ? ? ? ? ? ? ? ? DIALS   ? ? ? .           2 
? 'data scaling'   ? ? ? ? ? ? ? ? ? ? ? Aimless ? ? ? .           3 
? phasing          ? ? ? ? ? ? ? ? ? ? ? Fragon  ? ? ? .           4 
# 
_cell.angle_alpha                  90.000 
_cell.angle_alpha_esd              ? 
_cell.angle_beta                   90.000 
_cell.angle_beta_esd               ? 
_cell.angle_gamma                  90.000 
_cell.angle_gamma_esd              ? 
_cell.entry_id                     8A3G 
_cell.details                      ? 
_cell.formula_units_Z              ? 
_cell.length_a                     34.015 
_cell.length_a_esd                 ? 
_cell.length_b                     34.015 
_cell.length_b_esd                 ? 
_cell.length_c                     87.534 
_cell.length_c_esd                 ? 
_cell.volume                       ? 
_cell.volume_esd                   ? 
_cell.Z_PDB                        16 
_cell.reciprocal_angle_alpha       ? 
_cell.reciprocal_angle_beta        ? 
_cell.reciprocal_angle_gamma       ? 
_cell.reciprocal_angle_alpha_esd   ? 
_cell.reciprocal_angle_beta_esd    ? 
_cell.reciprocal_angle_gamma_esd   ? 
_cell.reciprocal_length_a          ? 
_cell.reciprocal_length_b          ? 
_cell.reciprocal_length_c          ? 
_cell.reciprocal_length_a_esd      ? 
_cell.reciprocal_length_b_esd      ? 
_cell.reciprocal_length_c_esd      ? 
_cell.pdbx_unique_axis             ? 
_cell.pdbx_esd_method              ? 
# 
_symmetry.entry_id                         8A3G 
_symmetry.cell_setting                     ? 
_symmetry.Int_Tables_number                94 
_symmetry.space_group_name_Hall            ? 
_symmetry.space_group_name_H-M             'P 42 21 2' 
_symmetry.pdbx_full_space_group_name_H-M   ? 
# 
_exptl.absorpt_coefficient_mu     ? 
_exptl.absorpt_correction_T_max   ? 
_exptl.absorpt_correction_T_min   ? 
_exptl.absorpt_correction_type    ? 
_exptl.absorpt_process_details    ? 
_exptl.entry_id                   8A3G 
_exptl.crystals_number            1 
_exptl.details                    ? 
_exptl.method                     'X-RAY DIFFRACTION' 
_exptl.method_details             ? 
# 
_exptl_crystal.colour                       ? 
_exptl_crystal.density_diffrn               ? 
_exptl_crystal.density_Matthews             1.84 
_exptl_crystal.density_method               ? 
_exptl_crystal.density_percent_sol          33.17 
_exptl_crystal.description                  ? 
_exptl_crystal.F_000                        ? 
_exptl_crystal.id                           1 
_exptl_crystal.preparation                  ? 
_exptl_crystal.size_max                     ? 
_exptl_crystal.size_mid                     ? 
_exptl_crystal.size_min                     ? 
_exptl_crystal.size_rad                     ? 
_exptl_crystal.colour_lustre                ? 
_exptl_crystal.colour_modifier              ? 
_exptl_crystal.colour_primary               ? 
_exptl_crystal.density_meas                 ? 
_exptl_crystal.density_meas_esd             ? 
_exptl_crystal.density_meas_gt              ? 
_exptl_crystal.density_meas_lt              ? 
_exptl_crystal.density_meas_temp            ? 
_exptl_crystal.density_meas_temp_esd        ? 
_exptl_crystal.density_meas_temp_gt         ? 
_exptl_crystal.density_meas_temp_lt         ? 
_exptl_crystal.pdbx_crystal_image_url       ? 
_exptl_crystal.pdbx_crystal_image_format    ? 
_exptl_crystal.pdbx_mosaicity               ? 
_exptl_crystal.pdbx_mosaicity_esd           ? 
_exptl_crystal.pdbx_mosaic_method           ? 
_exptl_crystal.pdbx_mosaic_block_size       ? 
_exptl_crystal.pdbx_mosaic_block_size_esd   ? 
# 
_exptl_crystal_grow.apparatus       ? 
_exptl_crystal_grow.atmosphere      ? 
_exptl_crystal_grow.crystal_id      1 
_exptl_crystal_grow.details         ? 
_exptl_crystal_grow.method          'VAPOR DIFFUSION, SITTING DROP' 
_exptl_crystal_grow.method_ref      ? 
_exptl_crystal_grow.pH              5.0 
_exptl_crystal_grow.pressure        ? 
_exptl_crystal_grow.pressure_esd    ? 
_exptl_crystal_grow.seeding         ? 
_exptl_crystal_grow.seeding_ref     ? 
_exptl_crystal_grow.temp            293 
_exptl_crystal_grow.temp_details    ? 
_exptl_crystal_grow.temp_esd        ? 
_exptl_crystal_grow.time            ? 
_exptl_crystal_grow.pdbx_details    '2.0 M Ammonium sulfate, 0.1 M Sodium acetate, pH 5.0' 
_exptl_crystal_grow.pdbx_pH_range   ? 
# 
_diffrn.ambient_environment              ? 
_diffrn.ambient_temp                     100 
_diffrn.ambient_temp_details             ? 
_diffrn.ambient_temp_esd                 ? 
_diffrn.crystal_id                       1 
_diffrn.crystal_support                  ? 
_diffrn.crystal_treatment                ? 
_diffrn.details                          ? 
_diffrn.id                               1 
_diffrn.ambient_pressure                 ? 
_diffrn.ambient_pressure_esd             ? 
_diffrn.ambient_pressure_gt              ? 
_diffrn.ambient_pressure_lt              ? 
_diffrn.ambient_temp_gt                  ? 
_diffrn.ambient_temp_lt                  ? 
_diffrn.pdbx_serial_crystal_experiment   N 
# 
_diffrn_detector.details                      ? 
_diffrn_detector.detector                     PIXEL 
_diffrn_detector.diffrn_id                    1 
_diffrn_detector.type                         'DECTRIS PILATUS 6M' 
_diffrn_detector.area_resol_mean              ? 
_diffrn_detector.dtime                        ? 
_diffrn_detector.pdbx_frames_total            ? 
_diffrn_detector.pdbx_collection_time_total   ? 
_diffrn_detector.pdbx_collection_date         2021-01-29 
_diffrn_detector.pdbx_frequency               ? 
# 
_diffrn_radiation.collimation                      ? 
_diffrn_radiation.diffrn_id                        1 
_diffrn_radiation.filter_edge                      ? 
_diffrn_radiation.inhomogeneity                    ? 
_diffrn_radiation.monochromator                    ? 
_diffrn_radiation.polarisn_norm                    ? 
_diffrn_radiation.polarisn_ratio                   ? 
_diffrn_radiation.probe                            ? 
_diffrn_radiation.type                             ? 
_diffrn_radiation.xray_symbol                      ? 
_diffrn_radiation.wavelength_id                    1 
_diffrn_radiation.pdbx_monochromatic_or_laue_m_l   M 
_diffrn_radiation.pdbx_wavelength_list             ? 
_diffrn_radiation.pdbx_wavelength                  ? 
_diffrn_radiation.pdbx_diffrn_protocol             'SINGLE WAVELENGTH' 
_diffrn_radiation.pdbx_analyzer                    ? 
_diffrn_radiation.pdbx_scattering_type             x-ray 
# 
_diffrn_radiation_wavelength.id           1 
_diffrn_radiation_wavelength.wavelength   0.85 
_diffrn_radiation_wavelength.wt           1.0 
# 
_diffrn_source.current                     ? 
_diffrn_source.details                     ? 
_diffrn_source.diffrn_id                   1 
_diffrn_source.power                       ? 
_diffrn_source.size                        ? 
_diffrn_source.source                      SYNCHROTRON 
_diffrn_source.target                      ? 
_diffrn_source.type                        'DIAMOND BEAMLINE I24' 
_diffrn_source.voltage                     ? 
_diffrn_source.take-off_angle              ? 
_diffrn_source.pdbx_wavelength_list        0.85 
_diffrn_source.pdbx_wavelength             ? 
_diffrn_source.pdbx_synchrotron_beamline   I24 
_diffrn_source.pdbx_synchrotron_site       Diamond 
# 
_reflns.B_iso_Wilson_estimate                          8.990 
_reflns.entry_id                                       8A3G 
_reflns.data_reduction_details                         ? 
_reflns.data_reduction_method                          ? 
_reflns.d_resolution_high                              0.960 
_reflns.d_resolution_low                               43.770 
_reflns.details                                        ? 
_reflns.limit_h_max                                    ? 
_reflns.limit_h_min                                    ? 
_reflns.limit_k_max                                    ? 
_reflns.limit_k_min                                    ? 
_reflns.limit_l_max                                    ? 
_reflns.limit_l_min                                    ? 
_reflns.number_all                                     ? 
_reflns.number_obs                                     31082 
_reflns.observed_criterion                             ? 
_reflns.observed_criterion_F_max                       ? 
_reflns.observed_criterion_F_min                       ? 
_reflns.observed_criterion_I_max                       ? 
_reflns.observed_criterion_I_min                       ? 
_reflns.observed_criterion_sigma_F                     ? 
_reflns.observed_criterion_sigma_I                     ? 
_reflns.percent_possible_obs                           96.100 
_reflns.R_free_details                                 ? 
_reflns.Rmerge_F_all                                   ? 
_reflns.Rmerge_F_obs                                   ? 
_reflns.Friedel_coverage                               ? 
_reflns.number_gt                                      ? 
_reflns.threshold_expression                           ? 
_reflns.pdbx_redundancy                                20.800 
_reflns.pdbx_Rmerge_I_obs                              0.042 
_reflns.pdbx_Rmerge_I_all                              ? 
_reflns.pdbx_Rsym_value                                ? 
_reflns.pdbx_netI_over_av_sigmaI                       ? 
_reflns.pdbx_netI_over_sigmaI                          30.300 
_reflns.pdbx_res_netI_over_av_sigmaI_2                 ? 
_reflns.pdbx_res_netI_over_sigmaI_2                    ? 
_reflns.pdbx_chi_squared                               ? 
_reflns.pdbx_scaling_rejects                           144 
_reflns.pdbx_d_res_high_opt                            ? 
_reflns.pdbx_d_res_low_opt                             ? 
_reflns.pdbx_d_res_opt_method                          ? 
_reflns.phase_calculation_details                      ? 
_reflns.pdbx_Rrim_I_all                                0.043 
_reflns.pdbx_Rpim_I_all                                0.009 
_reflns.pdbx_d_opt                                     ? 
_reflns.pdbx_number_measured_all                       645142 
_reflns.pdbx_diffrn_id                                 1 
_reflns.pdbx_ordinal                                   1 
_reflns.pdbx_CC_half                                   1.000 
_reflns.pdbx_CC_star                                   ? 
_reflns.pdbx_R_split                                   ? 
_reflns.pdbx_aniso_diffraction_limit_axis_1_ortho[1]   ? 
_reflns.pdbx_aniso_diffraction_limit_axis_1_ortho[2]   ? 
_reflns.pdbx_aniso_diffraction_limit_axis_1_ortho[3]   ? 
_reflns.pdbx_aniso_diffraction_limit_axis_2_ortho[1]   ? 
_reflns.pdbx_aniso_diffraction_limit_axis_2_ortho[2]   ? 
_reflns.pdbx_aniso_diffraction_limit_axis_2_ortho[3]   ? 
_reflns.pdbx_aniso_diffraction_limit_axis_3_ortho[1]   ? 
_reflns.pdbx_aniso_diffraction_limit_axis_3_ortho[2]   ? 
_reflns.pdbx_aniso_diffraction_limit_axis_3_ortho[3]   ? 
_reflns.pdbx_aniso_diffraction_limit_1                 ? 
_reflns.pdbx_aniso_diffraction_limit_2                 ? 
_reflns.pdbx_aniso_diffraction_limit_3                 ? 
_reflns.pdbx_aniso_B_tensor_eigenvector_1_ortho[1]     ? 
_reflns.pdbx_aniso_B_tensor_eigenvector_1_ortho[2]     ? 
_reflns.pdbx_aniso_B_tensor_eigenvector_1_ortho[3]     ? 
_reflns.pdbx_aniso_B_tensor_eigenvector_2_ortho[1]     ? 
_reflns.pdbx_aniso_B_tensor_eigenvector_2_ortho[2]     ? 
_reflns.pdbx_aniso_B_tensor_eigenvector_2_ortho[3]     ? 
_reflns.pdbx_aniso_B_tensor_eigenvector_3_ortho[1]     ? 
_reflns.pdbx_aniso_B_tensor_eigenvector_3_ortho[2]     ? 
_reflns.pdbx_aniso_B_tensor_eigenvector_3_ortho[3]     ? 
_reflns.pdbx_aniso_B_tensor_eigenvalue_1               ? 
_reflns.pdbx_aniso_B_tensor_eigenvalue_2               ? 
_reflns.pdbx_aniso_B_tensor_eigenvalue_3               ? 
_reflns.pdbx_orthogonalization_convention              ? 
_reflns.pdbx_percent_possible_ellipsoidal              ? 
_reflns.pdbx_percent_possible_spherical                ? 
_reflns.pdbx_percent_possible_ellipsoidal_anomalous    ? 
_reflns.pdbx_percent_possible_spherical_anomalous      ? 
_reflns.pdbx_redundancy_anomalous                      ? 
_reflns.pdbx_CC_half_anomalous                         ? 
_reflns.pdbx_absDiff_over_sigma_anomalous              ? 
_reflns.pdbx_percent_possible_anomalous                ? 
_reflns.pdbx_observed_signal_threshold                 ? 
_reflns.pdbx_signal_type                               ? 
_reflns.pdbx_signal_details                            ? 
_reflns.pdbx_signal_software_id                        ? 
_reflns.pdbx_CC_split_method                           ? 
# 
loop_
_reflns_shell.d_res_high 
_reflns_shell.d_res_low 
_reflns_shell.meanI_over_sigI_all 
_reflns_shell.meanI_over_sigI_obs 
_reflns_shell.number_measured_all 
_reflns_shell.number_measured_obs 
_reflns_shell.number_possible 
_reflns_shell.number_unique_all 
_reflns_shell.number_unique_obs 
_reflns_shell.percent_possible_all 
_reflns_shell.percent_possible_obs 
_reflns_shell.Rmerge_F_all 
_reflns_shell.Rmerge_F_obs 
_reflns_shell.Rmerge_I_all 
_reflns_shell.Rmerge_I_obs 
_reflns_shell.meanI_over_sigI_gt 
_reflns_shell.meanI_over_uI_all 
_reflns_shell.meanI_over_uI_gt 
_reflns_shell.number_measured_gt 
_reflns_shell.number_unique_gt 
_reflns_shell.percent_possible_gt 
_reflns_shell.Rmerge_F_gt 
_reflns_shell.Rmerge_I_gt 
_reflns_shell.pdbx_redundancy 
_reflns_shell.pdbx_Rsym_value 
_reflns_shell.pdbx_chi_squared 
_reflns_shell.pdbx_netI_over_sigmaI_all 
_reflns_shell.pdbx_netI_over_sigmaI_obs 
_reflns_shell.pdbx_Rrim_I_all 
_reflns_shell.pdbx_Rpim_I_all 
_reflns_shell.pdbx_rejects 
_reflns_shell.pdbx_ordinal 
_reflns_shell.pdbx_diffrn_id 
_reflns_shell.pdbx_CC_half 
_reflns_shell.pdbx_CC_star 
_reflns_shell.pdbx_R_split 
_reflns_shell.pdbx_percent_possible_ellipsoidal 
_reflns_shell.pdbx_percent_possible_spherical 
_reflns_shell.pdbx_percent_possible_ellipsoidal_anomalous 
_reflns_shell.pdbx_percent_possible_spherical_anomalous 
_reflns_shell.pdbx_redundancy_anomalous 
_reflns_shell.pdbx_CC_half_anomalous 
_reflns_shell.pdbx_absDiff_over_sigma_anomalous 
_reflns_shell.pdbx_percent_possible_anomalous 
0.960 0.980  ? ? 8434 ? ? ? 1104 71.100 ? ? ? ? 0.805 ? ? ? ? ? ? ? ? 7.600  ? ? ? 2.000  0.863 0.301 ? 1 1 0.779 ? ? ? ? ? ? ? ? 
? ? 
5.260 43.770 ? ? 5071 ? ? ? 273  99.900 ? ? ? ? 0.015 ? ? ? ? ? ? ? ? 18.600 ? ? ? 99.400 0.015 0.004 ? 2 1 1.000 ? ? ? ? ? ? ? ? 
? ? 
# 
_refine.aniso_B[1][1]                            ? 
_refine.aniso_B[1][2]                            ? 
_refine.aniso_B[1][3]                            ? 
_refine.aniso_B[2][2]                            ? 
_refine.aniso_B[2][3]                            ? 
_refine.aniso_B[3][3]                            ? 
_refine.B_iso_max                                39.500 
_refine.B_iso_mean                               12.7871 
_refine.B_iso_min                                5.990 
_refine.correlation_coeff_Fo_to_Fc               ? 
_refine.correlation_coeff_Fo_to_Fc_free          ? 
_refine.details                                  ? 
_refine.diff_density_max                         ? 
_refine.diff_density_max_esd                     ? 
_refine.diff_density_min                         ? 
_refine.diff_density_min_esd                     ? 
_refine.diff_density_rms                         ? 
_refine.diff_density_rms_esd                     ? 
_refine.entry_id                                 8A3G 
_refine.pdbx_refine_id                           'X-RAY DIFFRACTION' 
_refine.ls_abs_structure_details                 ? 
_refine.ls_abs_structure_Flack                   ? 
_refine.ls_abs_structure_Flack_esd               ? 
_refine.ls_abs_structure_Rogers                  ? 
_refine.ls_abs_structure_Rogers_esd              ? 
_refine.ls_d_res_high                            0.9600 
_refine.ls_d_res_low                             26.8600 
_refine.ls_extinction_coef                       ? 
_refine.ls_extinction_coef_esd                   ? 
_refine.ls_extinction_expression                 ? 
_refine.ls_extinction_method                     ? 
_refine.ls_goodness_of_fit_all                   ? 
_refine.ls_goodness_of_fit_all_esd               ? 
_refine.ls_goodness_of_fit_obs                   ? 
_refine.ls_goodness_of_fit_obs_esd               ? 
_refine.ls_hydrogen_treatment                    ? 
_refine.ls_matrix_type                           ? 
_refine.ls_number_constraints                    ? 
_refine.ls_number_parameters                     ? 
_refine.ls_number_reflns_all                     ? 
_refine.ls_number_reflns_obs                     30910 
_refine.ls_number_reflns_R_free                  1514 
_refine.ls_number_reflns_R_work                  29396 
_refine.ls_number_restraints                     ? 
_refine.ls_percent_reflns_obs                    95.5200 
_refine.ls_percent_reflns_R_free                 4.9000 
_refine.ls_R_factor_all                          ? 
_refine.ls_R_factor_obs                          0.1603 
_refine.ls_R_factor_R_free                       0.1687 
_refine.ls_R_factor_R_free_error                 ? 
_refine.ls_R_factor_R_free_error_details         ? 
_refine.ls_R_factor_R_work                       0.1598 
_refine.ls_R_Fsqd_factor_obs                     ? 
_refine.ls_R_I_factor_obs                        ? 
_refine.ls_redundancy_reflns_all                 ? 
_refine.ls_redundancy_reflns_obs                 ? 
_refine.ls_restrained_S_all                      ? 
_refine.ls_restrained_S_obs                      ? 
_refine.ls_shift_over_esd_max                    ? 
_refine.ls_shift_over_esd_mean                   ? 
_refine.ls_structure_factor_coef                 ? 
_refine.ls_weighting_details                     ? 
_refine.ls_weighting_scheme                      ? 
_refine.ls_wR_factor_all                         ? 
_refine.ls_wR_factor_obs                         ? 
_refine.ls_wR_factor_R_free                      ? 
_refine.ls_wR_factor_R_work                      ? 
_refine.occupancy_max                            ? 
_refine.occupancy_min                            ? 
_refine.solvent_model_details                    'FLAT BULK SOLVENT MODEL' 
_refine.solvent_model_param_bsol                 ? 
_refine.solvent_model_param_ksol                 ? 
_refine.pdbx_R_complete                          ? 
_refine.ls_R_factor_gt                           ? 
_refine.ls_goodness_of_fit_gt                    ? 
_refine.ls_goodness_of_fit_ref                   ? 
_refine.ls_shift_over_su_max                     ? 
_refine.ls_shift_over_su_max_lt                  ? 
_refine.ls_shift_over_su_mean                    ? 
_refine.ls_shift_over_su_mean_lt                 ? 
_refine.pdbx_ls_sigma_I                          ? 
_refine.pdbx_ls_sigma_F                          1.970 
_refine.pdbx_ls_sigma_Fsqd                       ? 
_refine.pdbx_data_cutoff_high_absF               ? 
_refine.pdbx_data_cutoff_high_rms_absF           ? 
_refine.pdbx_data_cutoff_low_absF                ? 
_refine.pdbx_isotropic_thermal_model             ? 
_refine.pdbx_ls_cross_valid_method               THROUGHOUT 
_refine.pdbx_method_to_determine_struct          'AB INITIO PHASING' 
_refine.pdbx_starting_model                      ? 
_refine.pdbx_stereochemistry_target_values       ML 
_refine.pdbx_R_Free_selection_details            ? 
_refine.pdbx_stereochem_target_val_spec_case     ? 
_refine.pdbx_overall_ESU_R                       ? 
_refine.pdbx_overall_ESU_R_Free                  ? 
_refine.pdbx_solvent_vdw_probe_radii             1.1100 
_refine.pdbx_solvent_ion_probe_radii             ? 
_refine.pdbx_solvent_shrinkage_radii             0.9000 
_refine.pdbx_real_space_R                        ? 
_refine.pdbx_density_correlation                 ? 
_refine.pdbx_pd_number_of_powder_patterns        ? 
_refine.pdbx_pd_number_of_points                 ? 
_refine.pdbx_pd_meas_number_of_points            ? 
_refine.pdbx_pd_proc_ls_prof_R_factor            ? 
_refine.pdbx_pd_proc_ls_prof_wR_factor           ? 
_refine.pdbx_pd_Marquardt_correlation_coeff      ? 
_refine.pdbx_pd_Fsqrd_R_factor                   ? 
_refine.pdbx_pd_ls_matrix_band_width             ? 
_refine.pdbx_overall_phase_error                 15.9100 
_refine.pdbx_overall_SU_R_free_Cruickshank_DPI   ? 
_refine.pdbx_overall_SU_R_free_Blow_DPI          ? 
_refine.pdbx_overall_SU_R_Blow_DPI               ? 
_refine.pdbx_TLS_residual_ADP_flag               ? 
_refine.pdbx_diffrn_id                           1 
_refine.overall_SU_B                             ? 
_refine.overall_SU_ML                            0.0500 
_refine.overall_SU_R_Cruickshank_DPI             ? 
_refine.overall_SU_R_free                        ? 
_refine.overall_FOM_free_R_set                   ? 
_refine.overall_FOM_work_R_set                   ? 
_refine.pdbx_average_fsc_overall                 ? 
_refine.pdbx_average_fsc_work                    ? 
_refine.pdbx_average_fsc_free                    ? 
# 
_refine_hist.pdbx_refine_id                   'X-RAY DIFFRACTION' 
_refine_hist.cycle_id                         final 
_refine_hist.details                          ? 
_refine_hist.d_res_high                       0.9600 
_refine_hist.d_res_low                        26.8600 
_refine_hist.number_atoms_solvent             39 
_refine_hist.number_atoms_total               523 
_refine_hist.number_reflns_all                ? 
_refine_hist.number_reflns_obs                ? 
_refine_hist.number_reflns_R_free             ? 
_refine_hist.number_reflns_R_work             ? 
_refine_hist.R_factor_all                     ? 
_refine_hist.R_factor_obs                     ? 
_refine_hist.R_factor_R_free                  ? 
_refine_hist.R_factor_R_work                  ? 
_refine_hist.pdbx_number_residues_total       64 
_refine_hist.pdbx_B_iso_mean_ligand           28.95 
_refine_hist.pdbx_B_iso_mean_solvent          20.69 
_refine_hist.pdbx_number_atoms_protein        479 
_refine_hist.pdbx_number_atoms_nucleic_acid   0 
_refine_hist.pdbx_number_atoms_ligand         5 
_refine_hist.pdbx_number_atoms_lipid          ? 
_refine_hist.pdbx_number_atoms_carb           ? 
_refine_hist.pdbx_pseudo_atom_details         ? 
# 
loop_
_refine_ls_shell.pdbx_refine_id 
_refine_ls_shell.d_res_high 
_refine_ls_shell.d_res_low 
_refine_ls_shell.number_reflns_all 
_refine_ls_shell.number_reflns_obs 
_refine_ls_shell.number_reflns_R_free 
_refine_ls_shell.number_reflns_R_work 
_refine_ls_shell.percent_reflns_obs 
_refine_ls_shell.percent_reflns_R_free 
_refine_ls_shell.R_factor_all 
_refine_ls_shell.R_factor_obs 
_refine_ls_shell.R_factor_R_free 
_refine_ls_shell.R_factor_R_free_error 
_refine_ls_shell.R_factor_R_work 
_refine_ls_shell.redundancy_reflns_all 
_refine_ls_shell.redundancy_reflns_obs 
_refine_ls_shell.wR_factor_all 
_refine_ls_shell.wR_factor_obs 
_refine_ls_shell.wR_factor_R_free 
_refine_ls_shell.wR_factor_R_work 
_refine_ls_shell.pdbx_R_complete 
_refine_ls_shell.pdbx_total_number_of_bins_used 
_refine_ls_shell.pdbx_phase_error 
_refine_ls_shell.pdbx_fsc_work 
_refine_ls_shell.pdbx_fsc_free 
'X-RAY DIFFRACTION' 0.9600 0.9900  2077 . 104 1973 73.0000  . . . 0.2086 0.0000 0.2234 . . . . . . . 11 . . . 
'X-RAY DIFFRACTION' 0.9900 1.0300  2449 . 118 2331 85.0000  . . . 0.1969 0.0000 0.1798 . . . . . . . 11 . . . 
'X-RAY DIFFRACTION' 1.0300 1.0700  2816 . 129 2687 97.0000  . . . 0.1501 0.0000 0.1361 . . . . . . . 11 . . . 
'X-RAY DIFFRACTION' 1.0700 1.1200  2839 . 147 2692 99.0000  . . . 0.1251 0.0000 0.1072 . . . . . . . 11 . . . 
'X-RAY DIFFRACTION' 1.1200 1.1700  2872 . 126 2746 99.0000  . . . 0.1225 0.0000 0.1025 . . . . . . . 11 . . . 
'X-RAY DIFFRACTION' 1.1700 1.2500  2867 . 148 2719 99.0000  . . . 0.1250 0.0000 0.1058 . . . . . . . 11 . . . 
'X-RAY DIFFRACTION' 1.2500 1.3400  2903 . 138 2765 100.0000 . . . 0.1214 0.0000 0.1131 . . . . . . . 11 . . . 
'X-RAY DIFFRACTION' 1.3400 1.4800  2932 . 140 2792 100.0000 . . . 0.1506 0.0000 0.1286 . . . . . . . 11 . . . 
'X-RAY DIFFRACTION' 1.4800 1.6900  2954 . 153 2801 99.0000  . . . 0.1476 0.0000 0.1322 . . . . . . . 11 . . . 
'X-RAY DIFFRACTION' 1.6900 2.1300  3015 . 155 2860 100.0000 . . . 0.1906 0.0000 0.1774 . . . . . . . 11 . . . 
'X-RAY DIFFRACTION' 2.1400 26.8600 3186 . 156 3030 100.0000 . . . 0.1905 0.0000 0.1940 . . . . . . . 11 . . . 
# 
_struct.entry_id                     8A3G 
_struct.title                        
'X-ray crystal structure of a de novo designed antiparallel coiled-coil homotetramer with 4 heptad repeats, apCC-Tet*' 
_struct.pdbx_model_details           ? 
_struct.pdbx_formula_weight          ? 
_struct.pdbx_formula_weight_method   ? 
_struct.pdbx_model_type_details      ? 
_struct.pdbx_CASP_flag               N 
# 
_struct_keywords.entry_id        8A3G 
_struct_keywords.text            'coiled coil, 4-helix bundle, de novo protein design, peptide assembly, DE NOVO PROTEIN' 
_struct_keywords.pdbx_keywords   'DE NOVO PROTEIN' 
# 
loop_
_struct_asym.id 
_struct_asym.pdbx_blank_PDB_chainid_flag 
_struct_asym.pdbx_modified 
_struct_asym.entity_id 
_struct_asym.details 
A N N 1 ? 
B N N 1 ? 
C N N 2 ? 
D N N 3 ? 
E N N 4 ? 
F N N 4 ? 
# 
_struct_ref.id                         1 
_struct_ref.db_name                    PDB 
_struct_ref.db_code                    8A3G 
_struct_ref.pdbx_db_accession          8A3G 
_struct_ref.pdbx_db_isoform            ? 
_struct_ref.entity_id                  1 
_struct_ref.pdbx_seq_one_letter_code   ? 
_struct_ref.pdbx_align_begin           1 
# 
loop_
_struct_ref_seq.align_id 
_struct_ref_seq.ref_id 
_struct_ref_seq.pdbx_PDB_id_code 
_struct_ref_seq.pdbx_strand_id 
_struct_ref_seq.seq_align_beg 
_struct_ref_seq.pdbx_seq_align_beg_ins_code 
_struct_ref_seq.seq_align_end 
_struct_ref_seq.pdbx_seq_align_end_ins_code 
_struct_ref_seq.pdbx_db_accession 
_struct_ref_seq.db_align_beg 
_struct_ref_seq.pdbx_db_align_beg_ins_code 
_struct_ref_seq.db_align_end 
_struct_ref_seq.pdbx_db_align_end_ins_code 
_struct_ref_seq.pdbx_auth_seq_align_beg 
_struct_ref_seq.pdbx_auth_seq_align_end 
1 1 8A3G A 1 ? 32 ? 8A3G 0 ? 31 ? 0 31 
2 1 8A3G B 1 ? 32 ? 8A3G 0 ? 31 ? 0 31 
# 
_pdbx_struct_assembly.id                   1 
_pdbx_struct_assembly.details              author_and_software_defined_assembly 
_pdbx_struct_assembly.method_details       PISA 
_pdbx_struct_assembly.oligomeric_details   tetrameric 
_pdbx_struct_assembly.oligomeric_count     4 
# 
loop_
_pdbx_struct_assembly_prop.biol_id 
_pdbx_struct_assembly_prop.type 
_pdbx_struct_assembly_prop.value 
_pdbx_struct_assembly_prop.details 
1 'ABSA (A^2)' 6540 ? 
1 MORE         -72  ? 
1 'SSA (A^2)'  7700 ? 
# 
_pdbx_struct_assembly_gen.assembly_id       1 
_pdbx_struct_assembly_gen.oper_expression   1,2 
_pdbx_struct_assembly_gen.asym_id_list      A,B,C,D,E,F 
# 
_pdbx_struct_assembly_auth_evidence.id                     1 
_pdbx_struct_assembly_auth_evidence.assembly_id            1 
_pdbx_struct_assembly_auth_evidence.experimental_support   'equilibrium centrifugation' 
_pdbx_struct_assembly_auth_evidence.details                ? 
# 
loop_
_pdbx_struct_oper_list.id 
_pdbx_struct_oper_list.type 
_pdbx_struct_oper_list.name 
_pdbx_struct_oper_list.symmetry_operation 
_pdbx_struct_oper_list.matrix[1][1] 
_pdbx_struct_oper_list.matrix[1][2] 
_pdbx_struct_oper_list.matrix[1][3] 
_pdbx_struct_oper_list.vector[1] 
_pdbx_struct_oper_list.matrix[2][1] 
_pdbx_struct_oper_list.matrix[2][2] 
_pdbx_struct_oper_list.matrix[2][3] 
_pdbx_struct_oper_list.vector[2] 
_pdbx_struct_oper_list.matrix[3][1] 
_pdbx_struct_oper_list.matrix[3][2] 
_pdbx_struct_oper_list.matrix[3][3] 
_pdbx_struct_oper_list.vector[3] 
1 'identity operation'         1_555 x,y,z     1.0000000000  0.0000000000 0.0000000000 0.0000000000 0.0000000000 1.0000000000  0.0000000000 0.0000000000 0.0000000000 0.0000000000 1.0000000000 0.0000000000  
2 'crystal symmetry operation' 2_545 -x,-y-1,z -0.8369945582 0.3586512815 0.4132908997 8.4736276425 0.3586512815 -0.2108806901 0.9093396466 3.8293136826 0.4132908997 0.9093396466 0.0478752483 -6.6651254090 
# 
loop_
_struct_conf.conf_type_id 
_struct_conf.id 
_struct_conf.pdbx_PDB_helix_id 
_struct_conf.beg_label_comp_id 
_struct_conf.beg_label_asym_id 
_struct_conf.beg_label_seq_id 
_struct_conf.pdbx_beg_PDB_ins_code 
_struct_conf.end_label_comp_id 
_struct_conf.end_label_asym_id 
_struct_conf.end_label_seq_id 
_struct_conf.pdbx_end_PDB_ins_code 
_struct_conf.beg_auth_comp_id 
_struct_conf.beg_auth_asym_id 
_struct_conf.beg_auth_seq_id 
_struct_conf.end_auth_comp_id 
_struct_conf.end_auth_asym_id 
_struct_conf.end_auth_seq_id 
_struct_conf.pdbx_PDB_helix_class 
_struct_conf.details 
_struct_conf.pdbx_PDB_helix_length 
HELX_P HELX_P1 AA1 GLY A 2 ? GLY A 31 ? GLY A 1 GLY A 30 1 ? 30 
HELX_P HELX_P2 AA2 GLY B 2 ? GLY B 31 ? GLY B 1 GLY B 30 1 ? 30 
# 
_struct_conf_type.id          HELX_P 
_struct_conf_type.criteria    ? 
_struct_conf_type.reference   ? 
# 
loop_
_struct_conn.id 
_struct_conn.conn_type_id 
_struct_conn.pdbx_leaving_atom_flag 
_struct_conn.pdbx_PDB_id 
_struct_conn.ptnr1_label_asym_id 
_struct_conn.ptnr1_label_comp_id 
_struct_conn.ptnr1_label_seq_id 
_struct_conn.ptnr1_label_atom_id 
_struct_conn.pdbx_ptnr1_label_alt_id 
_struct_conn.pdbx_ptnr1_PDB_ins_code 
_struct_conn.pdbx_ptnr1_standard_comp_id 
_struct_conn.ptnr1_symmetry 
_struct_conn.ptnr2_label_asym_id 
_struct_conn.ptnr2_label_comp_id 
_struct_conn.ptnr2_label_seq_id 
_struct_conn.ptnr2_label_atom_id 
_struct_conn.pdbx_ptnr2_label_alt_id 
_struct_conn.pdbx_ptnr2_PDB_ins_code 
_struct_conn.ptnr1_auth_asym_id 
_struct_conn.ptnr1_auth_comp_id 
_struct_conn.ptnr1_auth_seq_id 
_struct_conn.ptnr2_auth_asym_id 
_struct_conn.ptnr2_auth_comp_id 
_struct_conn.ptnr2_auth_seq_id 
_struct_conn.ptnr2_symmetry 
_struct_conn.pdbx_ptnr3_label_atom_id 
_struct_conn.pdbx_ptnr3_label_seq_id 
_struct_conn.pdbx_ptnr3_label_comp_id 
_struct_conn.pdbx_ptnr3_label_asym_id 
_struct_conn.pdbx_ptnr3_label_alt_id 
_struct_conn.pdbx_ptnr3_PDB_ins_code 
_struct_conn.details 
_struct_conn.pdbx_dist_value 
_struct_conn.pdbx_value_order 
_struct_conn.pdbx_role 
covale1 covale both ? A ACE 1  C  ? ? ? 1_555 A GLY 2  N  ? ? A ACE 0   A GLY 1   1_555 ? ? ? ? ? ? ? 1.316 ? ? 
covale2 covale both ? A GLY 31 C  ? ? ? 1_555 A NH2 32 N  ? ? A GLY 30  A NH2 31  1_555 ? ? ? ? ? ? ? 1.335 ? ? 
covale3 covale both ? B ACE 1  C  ? ? ? 1_555 B GLY 2  N  ? ? B ACE 0   B GLY 1   1_555 ? ? ? ? ? ? ? 1.397 ? ? 
covale4 covale both ? B GLY 31 C  ? ? ? 1_555 B NH2 32 N  ? ? B GLY 30  B NH2 31  1_555 ? ? ? ? ? ? ? 1.326 ? ? 
metalc1 metalc ?    ? A ALA 29 O  ? ? ? 1_555 D NA  .  NA ? ? A ALA 28  A NA  102 4_545 ? ? ? ? ? ? ? 2.688 ? ? 
metalc2 metalc ?    ? C ACT .  O  ? ? ? 1_555 D NA  .  NA ? ? A ACT 101 A NA  102 1_555 ? ? ? ? ? ? ? 2.823 ? ? 
metalc3 metalc ?    ? D NA  .  NA ? ? ? 1_555 E HOH .  O  ? ? A NA  102 A HOH 219 1_555 ? ? ? ? ? ? ? 2.947 ? ? 
# 
loop_
_struct_conn_type.id 
_struct_conn_type.criteria 
_struct_conn_type.reference 
covale ? ? 
metalc ? ? 
# 
loop_
_pdbx_struct_conn_angle.id 
_pdbx_struct_conn_angle.ptnr1_label_atom_id 
_pdbx_struct_conn_angle.ptnr1_label_alt_id 
_pdbx_struct_conn_angle.ptnr1_label_asym_id 
_pdbx_struct_conn_angle.ptnr1_label_comp_id 
_pdbx_struct_conn_angle.ptnr1_label_seq_id 
_pdbx_struct_conn_angle.ptnr1_auth_atom_id 
_pdbx_struct_conn_angle.ptnr1_auth_asym_id 
_pdbx_struct_conn_angle.ptnr1_auth_comp_id 
_pdbx_struct_conn_angle.ptnr1_auth_seq_id 
_pdbx_struct_conn_angle.ptnr1_PDB_ins_code 
_pdbx_struct_conn_angle.ptnr1_symmetry 
_pdbx_struct_conn_angle.ptnr2_label_atom_id 
_pdbx_struct_conn_angle.ptnr2_label_alt_id 
_pdbx_struct_conn_angle.ptnr2_label_asym_id 
_pdbx_struct_conn_angle.ptnr2_label_comp_id 
_pdbx_struct_conn_angle.ptnr2_label_seq_id 
_pdbx_struct_conn_angle.ptnr2_auth_atom_id 
_pdbx_struct_conn_angle.ptnr2_auth_asym_id 
_pdbx_struct_conn_angle.ptnr2_auth_comp_id 
_pdbx_struct_conn_angle.ptnr2_auth_seq_id 
_pdbx_struct_conn_angle.ptnr2_PDB_ins_code 
_pdbx_struct_conn_angle.ptnr2_symmetry 
_pdbx_struct_conn_angle.ptnr3_label_atom_id 
_pdbx_struct_conn_angle.ptnr3_label_alt_id 
_pdbx_struct_conn_angle.ptnr3_label_asym_id 
_pdbx_struct_conn_angle.ptnr3_label_comp_id 
_pdbx_struct_conn_angle.ptnr3_label_seq_id 
_pdbx_struct_conn_angle.ptnr3_auth_atom_id 
_pdbx_struct_conn_angle.ptnr3_auth_asym_id 
_pdbx_struct_conn_angle.ptnr3_auth_comp_id 
_pdbx_struct_conn_angle.ptnr3_auth_seq_id 
_pdbx_struct_conn_angle.ptnr3_PDB_ins_code 
_pdbx_struct_conn_angle.ptnr3_symmetry 
_pdbx_struct_conn_angle.value 
_pdbx_struct_conn_angle.value_esd 
1 O ? A ALA 29 ? A ALA 28  ? 1_555 NA ? D NA . ? A NA 102 ? 4_545 O ? C ACT . ? A ACT 101 ? 1_555 64.3 ? 
2 O ? A ALA 29 ? A ALA 28  ? 1_555 NA ? D NA . ? A NA 102 ? 4_545 O ? E HOH . ? A HOH 219 ? 1_555 60.3 ? 
3 O ? C ACT .  ? A ACT 101 ? 1_555 NA ? D NA . ? A NA 102 ? 4_545 O ? E HOH . ? A HOH 219 ? 1_555 5.3  ? 
# 
loop_
_pdbx_modification_feature.ordinal 
_pdbx_modification_feature.label_comp_id 
_pdbx_modification_feature.label_asym_id 
_pdbx_modification_feature.label_seq_id 
_pdbx_modification_feature.label_alt_id 
_pdbx_modification_feature.modified_residue_label_comp_id 
_pdbx_modification_feature.modified_residue_label_asym_id 
_pdbx_modification_feature.modified_residue_label_seq_id 
_pdbx_modification_feature.modified_residue_label_alt_id 
_pdbx_modification_feature.auth_comp_id 
_pdbx_modification_feature.auth_asym_id 
_pdbx_modification_feature.auth_seq_id 
_pdbx_modification_feature.PDB_ins_code 
_pdbx_modification_feature.symmetry 
_pdbx_modification_feature.modified_residue_auth_comp_id 
_pdbx_modification_feature.modified_residue_auth_asym_id 
_pdbx_modification_feature.modified_residue_auth_seq_id 
_pdbx_modification_feature.modified_residue_PDB_ins_code 
_pdbx_modification_feature.modified_residue_symmetry 
_pdbx_modification_feature.comp_id_linking_atom 
_pdbx_modification_feature.modified_residue_id_linking_atom 
_pdbx_modification_feature.modified_residue_id 
_pdbx_modification_feature.ref_pcm_id 
_pdbx_modification_feature.ref_comp_id 
_pdbx_modification_feature.type 
_pdbx_modification_feature.category 
1 ACE A 1  ? GLY A 2  ? ACE A 0  ? 1_555 GLY A 1  ? 1_555 . . GLY 12 ACE None 'Terminal acetylation' 
2 ACE B 1  ? GLY B 2  ? ACE B 0  ? 1_555 GLY B 1  ? 1_555 . . GLY 12 ACE None 'Terminal acetylation' 
3 NH2 A 32 ? GLY A 31 ? NH2 A 31 ? 1_555 GLY A 30 ? 1_555 . . GLY 12 NH2 None 'Terminal amidation'   
4 NH2 B 32 ? GLY B 31 ? NH2 B 31 ? 1_555 GLY B 30 ? 1_555 . . GLY 12 NH2 None 'Terminal amidation'   
# 
_pdbx_entry_details.entry_id                   8A3G 
_pdbx_entry_details.has_ligand_of_interest     N 
_pdbx_entry_details.compound_details           ? 
_pdbx_entry_details.source_details             ? 
_pdbx_entry_details.nonpolymer_details         ? 
_pdbx_entry_details.sequence_details           ? 
_pdbx_entry_details.has_protein_modification   Y 
# 
loop_
_space_group_symop.id 
_space_group_symop.operation_xyz 
1 x,y,z               
2 -y+1/2,x+1/2,z+1/2  
3 y+1/2,-x+1/2,z+1/2  
4 x+1/2,-y+1/2,-z+1/2 
5 -x+1/2,y+1/2,-z+1/2 
6 -x,-y,z             
7 y,x,-z              
8 -y,-x,-z            
# 
loop_
_chem_comp_atom.comp_id 
_chem_comp_atom.atom_id 
_chem_comp_atom.type_symbol 
_chem_comp_atom.pdbx_aromatic_flag 
_chem_comp_atom.pdbx_stereo_config 
_chem_comp_atom.pdbx_ordinal 
ACE C    C  N N 1   
ACE O    O  N N 2   
ACE CH3  C  N N 3   
ACE H    H  N N 4   
ACE H1   H  N N 5   
ACE H2   H  N N 6   
ACE H3   H  N N 7   
ACT C    C  N N 8   
ACT O    O  N N 9   
ACT OXT  O  N N 10  
ACT CH3  C  N N 11  
ACT H1   H  N N 12  
ACT H2   H  N N 13  
ACT H3   H  N N 14  
ALA N    N  N N 15  
ALA CA   C  N S 16  
ALA C    C  N N 17  
ALA O    O  N N 18  
ALA CB   C  N N 19  
ALA OXT  O  N N 20  
ALA H    H  N N 21  
ALA H2   H  N N 22  
ALA HA   H  N N 23  
ALA HB1  H  N N 24  
ALA HB2  H  N N 25  
ALA HB3  H  N N 26  
ALA HXT  H  N N 27  
GLN N    N  N N 28  
GLN CA   C  N S 29  
GLN C    C  N N 30  
GLN O    O  N N 31  
GLN CB   C  N N 32  
GLN CG   C  N N 33  
GLN CD   C  N N 34  
GLN OE1  O  N N 35  
GLN NE2  N  N N 36  
GLN OXT  O  N N 37  
GLN H    H  N N 38  
GLN H2   H  N N 39  
GLN HA   H  N N 40  
GLN HB2  H  N N 41  
GLN HB3  H  N N 42  
GLN HG2  H  N N 43  
GLN HG3  H  N N 44  
GLN HE21 H  N N 45  
GLN HE22 H  N N 46  
GLN HXT  H  N N 47  
GLU N    N  N N 48  
GLU CA   C  N S 49  
GLU C    C  N N 50  
GLU O    O  N N 51  
GLU CB   C  N N 52  
GLU CG   C  N N 53  
GLU CD   C  N N 54  
GLU OE1  O  N N 55  
GLU OE2  O  N N 56  
GLU OXT  O  N N 57  
GLU H    H  N N 58  
GLU H2   H  N N 59  
GLU HA   H  N N 60  
GLU HB2  H  N N 61  
GLU HB3  H  N N 62  
GLU HG2  H  N N 63  
GLU HG3  H  N N 64  
GLU HE2  H  N N 65  
GLU HXT  H  N N 66  
GLY N    N  N N 67  
GLY CA   C  N N 68  
GLY C    C  N N 69  
GLY O    O  N N 70  
GLY OXT  O  N N 71  
GLY H    H  N N 72  
GLY H2   H  N N 73  
GLY HA2  H  N N 74  
GLY HA3  H  N N 75  
GLY HXT  H  N N 76  
HOH O    O  N N 77  
HOH H1   H  N N 78  
HOH H2   H  N N 79  
ILE N    N  N N 80  
ILE CA   C  N S 81  
ILE C    C  N N 82  
ILE O    O  N N 83  
ILE CB   C  N S 84  
ILE CG1  C  N N 85  
ILE CG2  C  N N 86  
ILE CD1  C  N N 87  
ILE OXT  O  N N 88  
ILE H    H  N N 89  
ILE H2   H  N N 90  
ILE HA   H  N N 91  
ILE HB   H  N N 92  
ILE HG12 H  N N 93  
ILE HG13 H  N N 94  
ILE HG21 H  N N 95  
ILE HG22 H  N N 96  
ILE HG23 H  N N 97  
ILE HD11 H  N N 98  
ILE HD12 H  N N 99  
ILE HD13 H  N N 100 
ILE HXT  H  N N 101 
LEU N    N  N N 102 
LEU CA   C  N S 103 
LEU C    C  N N 104 
LEU O    O  N N 105 
LEU CB   C  N N 106 
LEU CG   C  N N 107 
LEU CD1  C  N N 108 
LEU CD2  C  N N 109 
LEU OXT  O  N N 110 
LEU H    H  N N 111 
LEU H2   H  N N 112 
LEU HA   H  N N 113 
LEU HB2  H  N N 114 
LEU HB3  H  N N 115 
LEU HG   H  N N 116 
LEU HD11 H  N N 117 
LEU HD12 H  N N 118 
LEU HD13 H  N N 119 
LEU HD21 H  N N 120 
LEU HD22 H  N N 121 
LEU HD23 H  N N 122 
LEU HXT  H  N N 123 
LYS N    N  N N 124 
LYS CA   C  N S 125 
LYS C    C  N N 126 
LYS O    O  N N 127 
LYS CB   C  N N 128 
LYS CG   C  N N 129 
LYS CD   C  N N 130 
LYS CE   C  N N 131 
LYS NZ   N  N N 132 
LYS OXT  O  N N 133 
LYS H    H  N N 134 
LYS H2   H  N N 135 
LYS HA   H  N N 136 
LYS HB2  H  N N 137 
LYS HB3  H  N N 138 
LYS HG2  H  N N 139 
LYS HG3  H  N N 140 
LYS HD2  H  N N 141 
LYS HD3  H  N N 142 
LYS HE2  H  N N 143 
LYS HE3  H  N N 144 
LYS HZ1  H  N N 145 
LYS HZ2  H  N N 146 
LYS HZ3  H  N N 147 
LYS HXT  H  N N 148 
NA  NA   NA N N 149 
NH2 N    N  N N 150 
NH2 HN1  H  N N 151 
NH2 HN2  H  N N 152 
TRP N    N  N N 153 
TRP CA   C  N S 154 
TRP C    C  N N 155 
TRP O    O  N N 156 
TRP CB   C  N N 157 
TRP CG   C  Y N 158 
TRP CD1  C  Y N 159 
TRP CD2  C  Y N 160 
TRP NE1  N  Y N 161 
TRP CE2  C  Y N 162 
TRP CE3  C  Y N 163 
TRP CZ2  C  Y N 164 
TRP CZ3  C  Y N 165 
TRP CH2  C  Y N 166 
TRP OXT  O  N N 167 
TRP H    H  N N 168 
TRP H2   H  N N 169 
TRP HA   H  N N 170 
TRP HB2  H  N N 171 
TRP HB3  H  N N 172 
TRP HD1  H  N N 173 
TRP HE1  H  N N 174 
TRP HE3  H  N N 175 
TRP HZ2  H  N N 176 
TRP HZ3  H  N N 177 
TRP HH2  H  N N 178 
TRP HXT  H  N N 179 
# 
loop_
_chem_comp_bond.comp_id 
_chem_comp_bond.atom_id_1 
_chem_comp_bond.atom_id_2 
_chem_comp_bond.value_order 
_chem_comp_bond.pdbx_aromatic_flag 
_chem_comp_bond.pdbx_stereo_config 
_chem_comp_bond.pdbx_ordinal 
ACE C   O    doub N N 1   
ACE C   CH3  sing N N 2   
ACE C   H    sing N N 3   
ACE CH3 H1   sing N N 4   
ACE CH3 H2   sing N N 5   
ACE CH3 H3   sing N N 6   
ACT C   O    doub N N 7   
ACT C   OXT  sing N N 8   
ACT C   CH3  sing N N 9   
ACT CH3 H1   sing N N 10  
ACT CH3 H2   sing N N 11  
ACT CH3 H3   sing N N 12  
ALA N   CA   sing N N 13  
ALA N   H    sing N N 14  
ALA N   H2   sing N N 15  
ALA CA  C    sing N N 16  
ALA CA  CB   sing N N 17  
ALA CA  HA   sing N N 18  
ALA C   O    doub N N 19  
ALA C   OXT  sing N N 20  
ALA CB  HB1  sing N N 21  
ALA CB  HB2  sing N N 22  
ALA CB  HB3  sing N N 23  
ALA OXT HXT  sing N N 24  
GLN N   CA   sing N N 25  
GLN N   H    sing N N 26  
GLN N   H2   sing N N 27  
GLN CA  C    sing N N 28  
GLN CA  CB   sing N N 29  
GLN CA  HA   sing N N 30  
GLN C   O    doub N N 31  
GLN C   OXT  sing N N 32  
GLN CB  CG   sing N N 33  
GLN CB  HB2  sing N N 34  
GLN CB  HB3  sing N N 35  
GLN CG  CD   sing N N 36  
GLN CG  HG2  sing N N 37  
GLN CG  HG3  sing N N 38  
GLN CD  OE1  doub N N 39  
GLN CD  NE2  sing N N 40  
GLN NE2 HE21 sing N N 41  
GLN NE2 HE22 sing N N 42  
GLN OXT HXT  sing N N 43  
GLU N   CA   sing N N 44  
GLU N   H    sing N N 45  
GLU N   H2   sing N N 46  
GLU CA  C    sing N N 47  
GLU CA  CB   sing N N 48  
GLU CA  HA   sing N N 49  
GLU C   O    doub N N 50  
GLU C   OXT  sing N N 51  
GLU CB  CG   sing N N 52  
GLU CB  HB2  sing N N 53  
GLU CB  HB3  sing N N 54  
GLU CG  CD   sing N N 55  
GLU CG  HG2  sing N N 56  
GLU CG  HG3  sing N N 57  
GLU CD  OE1  doub N N 58  
GLU CD  OE2  sing N N 59  
GLU OE2 HE2  sing N N 60  
GLU OXT HXT  sing N N 61  
GLY N   CA   sing N N 62  
GLY N   H    sing N N 63  
GLY N   H2   sing N N 64  
GLY CA  C    sing N N 65  
GLY CA  HA2  sing N N 66  
GLY CA  HA3  sing N N 67  
GLY C   O    doub N N 68  
GLY C   OXT  sing N N 69  
GLY OXT HXT  sing N N 70  
HOH O   H1   sing N N 71  
HOH O   H2   sing N N 72  
ILE N   CA   sing N N 73  
ILE N   H    sing N N 74  
ILE N   H2   sing N N 75  
ILE CA  C    sing N N 76  
ILE CA  CB   sing N N 77  
ILE CA  HA   sing N N 78  
ILE C   O    doub N N 79  
ILE C   OXT  sing N N 80  
ILE CB  CG1  sing N N 81  
ILE CB  CG2  sing N N 82  
ILE CB  HB   sing N N 83  
ILE CG1 CD1  sing N N 84  
ILE CG1 HG12 sing N N 85  
ILE CG1 HG13 sing N N 86  
ILE CG2 HG21 sing N N 87  
ILE CG2 HG22 sing N N 88  
ILE CG2 HG23 sing N N 89  
ILE CD1 HD11 sing N N 90  
ILE CD1 HD12 sing N N 91  
ILE CD1 HD13 sing N N 92  
ILE OXT HXT  sing N N 93  
LEU N   CA   sing N N 94  
LEU N   H    sing N N 95  
LEU N   H2   sing N N 96  
LEU CA  C    sing N N 97  
LEU CA  CB   sing N N 98  
LEU CA  HA   sing N N 99  
LEU C   O    doub N N 100 
LEU C   OXT  sing N N 101 
LEU CB  CG   sing N N 102 
LEU CB  HB2  sing N N 103 
LEU CB  HB3  sing N N 104 
LEU CG  CD1  sing N N 105 
LEU CG  CD2  sing N N 106 
LEU CG  HG   sing N N 107 
LEU CD1 HD11 sing N N 108 
LEU CD1 HD12 sing N N 109 
LEU CD1 HD13 sing N N 110 
LEU CD2 HD21 sing N N 111 
LEU CD2 HD22 sing N N 112 
LEU CD2 HD23 sing N N 113 
LEU OXT HXT  sing N N 114 
LYS N   CA   sing N N 115 
LYS N   H    sing N N 116 
LYS N   H2   sing N N 117 
LYS CA  C    sing N N 118 
LYS CA  CB   sing N N 119 
LYS CA  HA   sing N N 120 
LYS C   O    doub N N 121 
LYS C   OXT  sing N N 122 
LYS CB  CG   sing N N 123 
LYS CB  HB2  sing N N 124 
LYS CB  HB3  sing N N 125 
LYS CG  CD   sing N N 126 
LYS CG  HG2  sing N N 127 
LYS CG  HG3  sing N N 128 
LYS CD  CE   sing N N 129 
LYS CD  HD2  sing N N 130 
LYS CD  HD3  sing N N 131 
LYS CE  NZ   sing N N 132 
LYS CE  HE2  sing N N 133 
LYS CE  HE3  sing N N 134 
LYS NZ  HZ1  sing N N 135 
LYS NZ  HZ2  sing N N 136 
LYS NZ  HZ3  sing N N 137 
LYS OXT HXT  sing N N 138 
NH2 N   HN1  sing N N 139 
NH2 N   HN2  sing N N 140 
TRP N   CA   sing N N 141 
TRP N   H    sing N N 142 
TRP N   H2   sing N N 143 
TRP CA  C    sing N N 144 
TRP CA  CB   sing N N 145 
TRP CA  HA   sing N N 146 
TRP C   O    doub N N 147 
TRP C   OXT  sing N N 148 
TRP CB  CG   sing N N 149 
TRP CB  HB2  sing N N 150 
TRP CB  HB3  sing N N 151 
TRP CG  CD1  doub Y N 152 
TRP CG  CD2  sing Y N 153 
TRP CD1 NE1  sing Y N 154 
TRP CD1 HD1  sing N N 155 
TRP CD2 CE2  doub Y N 156 
TRP CD2 CE3  sing Y N 157 
TRP NE1 CE2  sing Y N 158 
TRP NE1 HE1  sing N N 159 
TRP CE2 CZ2  sing Y N 160 
TRP CE3 CZ3  doub Y N 161 
TRP CE3 HE3  sing N N 162 
TRP CZ2 CH2  doub Y N 163 
TRP CZ2 HZ2  sing N N 164 
TRP CZ3 CH2  sing Y N 165 
TRP CZ3 HZ3  sing N N 166 
TRP CH2 HH2  sing N N 167 
TRP OXT HXT  sing N N 168 
# 
loop_
_pdbx_audit_support.funding_organization 
_pdbx_audit_support.country 
_pdbx_audit_support.grant_number 
_pdbx_audit_support.ordinal 
'Biotechnology and Biological Sciences Research Council (BBSRC)'        'United Kingdom' BB/S002820/1 1 
'Biotechnology and Biological Sciences Research Council (BBSRC)'        'United Kingdom' BB/V006231/1 2 
'Biotechnology and Biological Sciences Research Council (BBSRC)'        'United Kingdom' BB/V004220/1 3 
'Max Planck Bristol Centre for Minimal Biology - University of Bristol' 'United Kingdom' .            4 
# 
_space_group.name_H-M_alt     'P 42 21 2' 
_space_group.name_Hall        'P 4n 2n' 
_space_group.IT_number        94 
_space_group.crystal_system   tetragonal 
_space_group.id               1 
# 
_atom_sites.entry_id                    8A3G 
_atom_sites.Cartn_transf_matrix[1][1]   ? 
_atom_sites.Cartn_transf_matrix[1][2]   ? 
_atom_sites.Cartn_transf_matrix[1][3]   ? 
_atom_sites.Cartn_transf_matrix[2][1]   ? 
_atom_sites.Cartn_transf_matrix[2][2]   ? 
_atom_sites.Cartn_transf_matrix[2][3]   ? 
_atom_sites.Cartn_transf_matrix[3][1]   ? 
_atom_sites.Cartn_transf_matrix[3][2]   ? 
_atom_sites.Cartn_transf_matrix[3][3]   ? 
_atom_sites.Cartn_transf_vector[1]      ? 
_atom_sites.Cartn_transf_vector[2]      ? 
_atom_sites.Cartn_transf_vector[3]      ? 
_atom_sites.fract_transf_matrix[1][1]   0.00563861 
_atom_sites.fract_transf_matrix[1][2]   -0.02285580 
_atom_sites.fract_transf_matrix[1][3]   0.01761021 
_atom_sites.fract_transf_matrix[2][1]   -0.02760551 
_atom_sites.fract_transf_matrix[2][2]   0.00094605 
_atom_sites.fract_transf_matrix[2][3]   0.01006687 
_atom_sites.fract_transf_matrix[3][1]   -0.00326140 
_atom_sites.fract_transf_matrix[3][2]   -0.00717587 
_atom_sites.fract_transf_matrix[3][3]   -0.00826910 
_atom_sites.fract_transf_vector[1]      0.078558 
_atom_sites.fract_transf_vector[2]      -0.351307 
_atom_sites.fract_transf_vector[3]      -0.165869 
_atom_sites.solution_primary            ? 
_atom_sites.solution_secondary          ? 
_atom_sites.solution_hydrogens          ? 
_atom_sites.special_details             ? 
# 
loop_
_atom_type.symbol 
_atom_type.scat_dispersion_real 
_atom_type.scat_dispersion_imag 
_atom_type.scat_Cromer_Mann_a1 
_atom_type.scat_Cromer_Mann_a2 
_atom_type.scat_Cromer_Mann_a3 
_atom_type.scat_Cromer_Mann_a4 
_atom_type.scat_Cromer_Mann_b1 
_atom_type.scat_Cromer_Mann_b2 
_atom_type.scat_Cromer_Mann_b3 
_atom_type.scat_Cromer_Mann_b4 
_atom_type.scat_Cromer_Mann_c 
_atom_type.scat_source 
_atom_type.scat_dispersion_source 
C  ? ? 2.51340 1.74867 1.72398 ? 31.80534 0.44561 10.58317 ? 0.0 
;3-Gaussian fit: Grosse-Kunstleve RW, Sauter NK, Adams PD: Newsletter of the IUCr Commission on Crystallographic Computing 2004, 3, 22-31.
;
? 
N  ? ? 2.99955 2.25584 1.72788 ? 23.27268 7.45433 0.31622  ? 0.0 
;3-Gaussian fit: Grosse-Kunstleve RW, Sauter NK, Adams PD: Newsletter of the IUCr Commission on Crystallographic Computing 2004, 3, 22-31.
;
? 
NA ? ? 6.63511 3.01293 1.30238 ? 5.54423  0.54580 90.85902 ? 0.0 
;3-Gaussian fit: Grosse-Kunstleve RW, Sauter NK, Adams PD: Newsletter of the IUCr Commission on Crystallographic Computing 2004, 3, 22-31.
;
? 
O  ? ? 4.49882 3.47563 ?       ? 15.80542 1.70748 ?        ? 0.0 
;2-Gaussian fit: Grosse-Kunstleve RW, Sauter NK, Adams PD: Newsletter of the IUCr Commission on Crystallographic Computing 2004, 3, 22-31.
;
? 
# 
loop_
_atom_site.group_PDB 
_atom_site.id 
_atom_site.type_symbol 
_atom_site.label_atom_id 
_atom_site.label_alt_id 
_atom_site.label_comp_id 
_atom_site.label_asym_id 
_atom_site.label_entity_id 
_atom_site.label_seq_id 
_atom_site.pdbx_PDB_ins_code 
_atom_site.Cartn_x 
_atom_site.Cartn_y 
_atom_site.Cartn_z 
_atom_site.occupancy 
_atom_site.B_iso_or_equiv 
_atom_site.pdbx_formal_charge 
_atom_site.auth_seq_id 
_atom_site.auth_comp_id 
_atom_site.auth_asym_id 
_atom_site.auth_atom_id 
_atom_site.pdbx_PDB_model_num 
HETATM 1   C  C   . ACE A 1 1  ? -0.712  18.340  10.498  1.00 22.48 ? 0   ACE A C   1 
HETATM 2   O  O   . ACE A 1 1  ? -0.095  17.839  11.385  1.00 21.30 ? 0   ACE A O   1 
HETATM 3   C  CH3 . ACE A 1 1  ? -2.219  18.215  10.427  1.00 23.71 ? 0   ACE A CH3 1 
ATOM   4   N  N   . GLY A 1 2  ? -0.139  19.025  9.531   1.00 18.27 ? 1   GLY A N   1 
ATOM   5   C  CA  . GLY A 1 2  ? 1.298   19.111  9.536   1.00 15.77 ? 1   GLY A CA  1 
ATOM   6   C  C   . GLY A 1 2  ? 1.880   18.129  8.560   1.00 12.54 ? 1   GLY A C   1 
ATOM   7   O  O   . GLY A 1 2  ? 1.196   17.248  8.017   1.00 11.48 ? 1   GLY A O   1 
ATOM   8   N  N   . GLN A 1 3  ? 3.160   18.321  8.294   1.00 12.18 ? 2   GLN A N   1 
ATOM   9   C  CA  . GLN A 1 3  ? 3.692   17.684  7.115   1.00 12.50 ? 2   GLN A CA  1 
ATOM   10  C  C   . GLN A 1 3  ? 3.808   16.188  7.273   1.00 9.29  ? 2   GLN A C   1 
ATOM   11  O  O   . GLN A 1 3  ? 3.477   15.458  6.322   1.00 9.45  ? 2   GLN A O   1 
ATOM   12  C  CB  . GLN A 1 3  ? 4.891   18.382  6.513   1.00 16.31 ? 2   GLN A CB  1 
ATOM   13  C  CG  . GLN A 1 3  ? 6.177   18.255  7.104   1.00 21.93 ? 2   GLN A CG  1 
ATOM   14  C  CD  . GLN A 1 3  ? 7.176   19.231  6.396   1.00 23.10 ? 2   GLN A CD  1 
ATOM   15  O  OE1 . GLN A 1 3  ? 7.243   19.269  5.166   1.00 24.23 ? 2   GLN A OE1 1 
ATOM   16  N  NE2 . GLN A 1 3  ? 7.932   20.003  7.176   1.00 23.01 ? 2   GLN A NE2 1 
ATOM   17  N  N   . LEU A 1 4  ? 4.241   15.675  8.419   1.00 8.56  ? 3   LEU A N   1 
ATOM   18  C  CA  . LEU A 1 4  ? 4.334   14.236  8.564   1.00 8.22  ? 3   LEU A CA  1 
ATOM   19  C  C   . LEU A 1 4  ? 2.961   13.585  8.516   1.00 7.61  ? 3   LEU A C   1 
ATOM   20  O  O   . LEU A 1 4  ? 2.825   12.490  7.949   1.00 7.68  ? 3   LEU A O   1 
ATOM   21  C  CB  . LEU A 1 4  ? 5.099   13.851  9.823   1.00 9.00  ? 3   LEU A CB  1 
ATOM   22  C  CG  . LEU A 1 4  ? 6.576   14.196  9.859   1.00 10.44 ? 3   LEU A CG  1 
ATOM   23  C  CD1 . LEU A 1 4  ? 7.218   13.558  11.068  1.00 12.78 ? 3   LEU A CD1 1 
ATOM   24  C  CD2 . LEU A 1 4  ? 7.315   13.763  8.595   1.00 12.06 ? 3   LEU A CD2 1 
ATOM   25  N  N   . GLU A 1 5  ? 1.940   14.202  9.095   1.00 7.99  ? 4   GLU A N   1 
ATOM   26  C  CA  A GLU A 1 5  ? 0.597   13.641  8.989   0.48 7.19  ? 4   GLU A CA  1 
ATOM   27  C  CA  B GLU A 1 5  ? 0.585   13.665  8.998   0.52 9.28  ? 4   GLU A CA  1 
ATOM   28  C  C   . GLU A 1 5  ? 0.103   13.635  7.545   1.00 7.39  ? 4   GLU A C   1 
ATOM   29  O  O   . GLU A 1 5  ? -0.543  12.675  7.107   1.00 7.63  ? 4   GLU A O   1 
ATOM   30  C  CB  A GLU A 1 5  ? -0.398  14.417  9.857   0.48 8.24  ? 4   GLU A CB  1 
ATOM   31  C  CB  B GLU A 1 5  ? -0.370  14.529  9.834   0.52 12.78 ? 4   GLU A CB  1 
ATOM   32  C  CG  A GLU A 1 5  ? -0.106  14.386  11.341  0.48 9.94  ? 4   GLU A CG  1 
ATOM   33  C  CG  B GLU A 1 5  ? -0.468  14.120  11.323  0.52 16.61 ? 4   GLU A CG  1 
ATOM   34  C  CD  A GLU A 1 5  ? -0.604  13.164  11.999  0.48 12.75 ? 4   GLU A CD  1 
ATOM   35  C  CD  B GLU A 1 5  ? -1.681  14.725  12.047  0.52 20.65 ? 4   GLU A CD  1 
ATOM   36  O  OE1 A GLU A 1 5  ? -1.283  12.362  11.342  0.48 13.50 ? 4   GLU A OE1 1 
ATOM   37  O  OE1 B GLU A 1 5  ? -2.669  15.146  11.385  0.52 20.93 ? 4   GLU A OE1 1 
ATOM   38  O  OE2 A GLU A 1 5  ? -0.330  13.010  13.199  0.48 15.95 ? 4   GLU A OE2 1 
ATOM   39  O  OE2 B GLU A 1 5  ? -1.648  14.765  13.292  0.52 24.26 ? 4   GLU A OE2 1 
ATOM   40  N  N   . GLU A 1 6  ? 0.388   14.676  6.783   1.00 7.36  ? 5   GLU A N   1 
ATOM   41  C  CA  . GLU A 1 6  ? 0.012   14.706  5.375   1.00 7.77  ? 5   GLU A CA  1 
ATOM   42  C  C   . GLU A 1 6  ? 0.714   13.585  4.620   1.00 7.03  ? 5   GLU A C   1 
ATOM   43  O  O   . GLU A 1 6  ? 0.100   12.908  3.781   1.00 7.53  ? 5   GLU A O   1 
ATOM   44  C  CB  . GLU A 1 6  ? 0.361   16.041  4.731   1.00 8.85  ? 5   GLU A CB  1 
ATOM   45  C  CG  . GLU A 1 6  ? -0.501  17.188  5.213   1.00 9.74  ? 5   GLU A CG  1 
ATOM   46  C  CD  . GLU A 1 6  ? -0.118  18.518  4.633   1.00 14.38 ? 5   GLU A CD  1 
ATOM   47  O  OE1 . GLU A 1 6  ? -0.902  19.461  4.712   1.00 16.97 ? 5   GLU A OE1 1 
ATOM   48  O  OE2 . GLU A 1 6  ? 0.838   18.544  3.851   1.00 18.09 ? 5   GLU A OE2 1 
ATOM   49  N  N   . ILE A 1 7  ? 2.007   13.413  4.862   1.00 7.03  ? 6   ILE A N   1 
ATOM   50  C  CA  . ILE A 1 7  ? 2.763   12.374  4.174   1.00 6.69  ? 6   ILE A CA  1 
ATOM   51  C  C   . ILE A 1 7  ? 2.235   10.999  4.549   1.00 6.25  ? 6   ILE A C   1 
ATOM   52  O  O   . ILE A 1 7  ? 2.081   10.136  3.677   1.00 6.63  ? 6   ILE A O   1 
ATOM   53  C  CB  . ILE A 1 7  ? 4.265   12.526  4.434   1.00 7.54  ? 6   ILE A CB  1 
ATOM   54  C  CG1 . ILE A 1 7  ? 4.798   13.757  3.743   1.00 9.82  ? 6   ILE A CG1 1 
ATOM   55  C  CG2 . ILE A 1 7  ? 5.007   11.259  4.021   1.00 8.29  ? 6   ILE A CG2 1 
ATOM   56  C  CD1 . ILE A 1 7  ? 6.196   14.153  4.097   1.00 11.40 ? 6   ILE A CD1 1 
ATOM   57  N  N   . ALA A 1 8  ? 1.962   10.768  5.835   1.00 6.51  ? 7   ALA A N   1 
ATOM   58  C  CA  . ALA A 1 8  ? 1.417   9.490   6.255   1.00 6.26  ? 7   ALA A CA  1 
ATOM   59  C  C   . ALA A 1 8  ? 0.120   9.204   5.506   1.00 6.13  ? 7   ALA A C   1 
ATOM   60  O  O   . ALA A 1 8  ? -0.097  8.076   5.042   1.00 6.61  ? 7   ALA A O   1 
ATOM   61  C  CB  . ALA A 1 8  ? 1.191   9.476   7.758   1.00 7.29  ? 7   ALA A CB  1 
ATOM   62  N  N   . GLN A 1 9  ? -0.748  10.189  5.414   1.00 6.46  ? 8   GLN A N   1 
ATOM   63  C  CA  . GLN A 1 9  ? -1.991  10.032  4.661   1.00 6.79  ? 8   GLN A CA  1 
ATOM   64  C  C   . GLN A 1 9  ? -1.710  9.666   3.203   1.00 6.48  ? 8   GLN A C   1 
ATOM   65  O  O   . GLN A 1 9  ? -2.358  8.783   2.650   1.00 7.08  ? 8   GLN A O   1 
ATOM   66  C  CB  . GLN A 1 9  ? -2.796  11.317  4.779   1.00 7.52  ? 8   GLN A CB  1 
ATOM   67  C  CG  . GLN A 1 9  ? -3.985  11.353  3.810   1.00 7.90  ? 8   GLN A CG  1 
ATOM   68  C  CD  . GLN A 1 9  ? -4.834  12.567  4.083   1.00 8.02  ? 8   GLN A CD  1 
ATOM   69  O  OE1 . GLN A 1 9  ? -5.706  12.543  4.959   1.00 9.92  ? 8   GLN A OE1 1 
ATOM   70  N  NE2 . GLN A 1 9  ? -4.555  13.656  3.406   1.00 8.95  ? 8   GLN A NE2 1 
ATOM   71  N  N   . GLN A 1 10 ? -0.770  10.357  2.568   1.00 6.65  ? 9   GLN A N   1 
ATOM   72  C  CA  A GLN A 1 10 ? -0.488  10.030  1.185   0.37 7.39  ? 9   GLN A CA  1 
ATOM   73  C  CA  B GLN A 1 10 ? -0.386  10.060  1.185   0.36 7.27  ? 9   GLN A CA  1 
ATOM   74  C  CA  C GLN A 1 10 ? -0.427  10.051  1.186   0.27 7.53  ? 9   GLN A CA  1 
ATOM   75  C  C   . GLN A 1 10 ? 0.046   8.601   1.045   1.00 6.26  ? 9   GLN A C   1 
ATOM   76  O  O   . GLN A 1 10 ? -0.300  7.921   0.070   1.00 7.04  ? 9   GLN A O   1 
ATOM   77  C  CB  A GLN A 1 10 ? 0.426   11.050  0.547   0.37 8.30  ? 9   GLN A CB  1 
ATOM   78  C  CB  B GLN A 1 10 ? 0.775   10.952  0.734   0.36 8.36  ? 9   GLN A CB  1 
ATOM   79  C  CB  C GLN A 1 10 ? 0.634   11.031  0.703   0.27 9.15  ? 9   GLN A CB  1 
ATOM   80  C  CG  A GLN A 1 10 ? 0.506   10.873  -0.951  0.37 8.61  ? 9   GLN A CG  1 
ATOM   81  C  CG  B GLN A 1 10 ? 0.397   12.399  0.445   0.36 10.35 ? 9   GLN A CG  1 
ATOM   82  C  CG  C GLN A 1 10 ? 0.983   10.959  -0.743  0.27 10.34 ? 9   GLN A CG  1 
ATOM   83  C  CD  A GLN A 1 10 ? 1.504   11.809  -1.583  0.37 11.89 ? 9   GLN A CD  1 
ATOM   84  C  CD  B GLN A 1 10 ? 1.596   13.322  0.189   0.36 13.11 ? 9   GLN A CD  1 
ATOM   85  C  CD  C GLN A 1 10 ? -0.215  11.154  -1.627  0.27 10.91 ? 9   GLN A CD  1 
ATOM   86  O  OE1 A GLN A 1 10 ? 2.092   12.662  -0.933  0.37 13.69 ? 9   GLN A OE1 1 
ATOM   87  O  OE1 B GLN A 1 10 ? 2.044   14.059  1.081   0.36 15.30 ? 9   GLN A OE1 1 
ATOM   88  O  OE1 C GLN A 1 10 ? -0.587  12.290  -1.965  0.27 13.60 ? 9   GLN A OE1 1 
ATOM   89  N  NE2 A GLN A 1 10 ? 1.746   11.618  -2.856  0.37 12.47 ? 9   GLN A NE2 1 
ATOM   90  N  NE2 B GLN A 1 10 ? 2.066   13.349  -1.052  0.36 14.40 ? 9   GLN A NE2 1 
ATOM   91  N  NE2 C GLN A 1 10 ? -0.827  10.032  -2.043  0.27 10.75 ? 9   GLN A NE2 1 
ATOM   92  N  N   . LEU A 1 11 ? 0.857   8.126   1.977   1.00 6.23  ? 10  LEU A N   1 
ATOM   93  C  CA  . LEU A 1 11 ? 1.328   6.751   1.930   1.00 6.38  ? 10  LEU A CA  1 
ATOM   94  C  C   . LEU A 1 11 ? 0.198   5.758   2.106   1.00 6.35  ? 10  LEU A C   1 
ATOM   95  O  O   . LEU A 1 11 ? 0.176   4.712   1.423   1.00 6.62  ? 10  LEU A O   1 
ATOM   96  C  CB  . LEU A 1 11 ? 2.420   6.523   2.949   1.00 6.60  ? 10  LEU A CB  1 
ATOM   97  C  CG  . LEU A 1 11 ? 3.710   7.294   2.733   1.00 6.95  ? 10  LEU A CG  1 
ATOM   98  C  CD1 . LEU A 1 11 ? 4.692   7.000   3.844   1.00 9.04  ? 10  LEU A CD1 1 
ATOM   99  C  CD2 . LEU A 1 11 ? 4.349   6.954   1.397   1.00 7.84  ? 10  LEU A CD2 1 
ATOM   100 N  N   . GLU A 1 12 ? -0.745  6.038   3.010   1.00 6.10  ? 11  GLU A N   1 
ATOM   101 C  CA  . GLU A 1 12 ? -1.921  5.184   3.151   1.00 6.68  ? 11  GLU A CA  1 
ATOM   102 C  C   . GLU A 1 12 ? -2.752  5.163   1.864   1.00 6.43  ? 11  GLU A C   1 
ATOM   103 O  O   . GLU A 1 12 ? -3.274  4.103   1.473   1.00 6.99  ? 11  GLU A O   1 
ATOM   104 C  CB  . GLU A 1 12 ? -2.770  5.677   4.322   1.00 7.47  ? 11  GLU A CB  1 
ATOM   105 C  CG  . GLU A 1 12 ? -2.056  5.431   5.640   1.00 8.87  ? 11  GLU A CG  1 
ATOM   106 C  CD  . GLU A 1 12 ? -2.616  6.058   6.814   1.00 12.45 ? 11  GLU A CD  1 
ATOM   107 O  OE1 . GLU A 1 12 ? -3.456  6.949   6.659   1.00 15.20 ? 11  GLU A OE1 1 
ATOM   108 O  OE2 . GLU A 1 12 ? -2.126  5.736   7.924   1.00 15.39 ? 11  GLU A OE2 1 
ATOM   109 N  N   . GLU A 1 13 ? -2.866  6.292   1.216   1.00 6.26  ? 12  GLU A N   1 
ATOM   110 C  CA  . GLU A 1 13 ? -3.617  6.386   -0.047  1.00 7.05  ? 12  GLU A CA  1 
ATOM   111 C  C   . GLU A 1 13 ? -2.904  5.594   -1.150  1.00 6.56  ? 12  GLU A C   1 
ATOM   112 O  O   . GLU A 1 13 ? -3.563  4.874   -1.920  1.00 7.17  ? 12  GLU A O   1 
ATOM   113 C  CB  . GLU A 1 13 ? -3.723  7.848   -0.432  1.00 7.71  ? 12  GLU A CB  1 
ATOM   114 C  CG  . GLU A 1 13 ? -4.702  8.575   0.482   1.00 8.69  ? 12  GLU A CG  1 
ATOM   115 C  CD  . GLU A 1 13 ? -4.739  10.046  0.289   1.00 9.29  ? 12  GLU A CD  1 
ATOM   116 O  OE1 . GLU A 1 13 ? -3.713  10.635  -0.080  1.00 10.72 ? 12  GLU A OE1 1 
ATOM   117 O  OE2 . GLU A 1 13 ? -5.695  10.662  0.780   1.00 15.71 ? 12  GLU A OE2 1 
ATOM   118 N  N   . ILE A 1 14 ? -1.593  5.697   -1.227  1.00 6.54  ? 13  ILE A N   1 
ATOM   119 C  CA  . ILE A 1 14 ? -0.832  4.900   -2.184  1.00 6.39  ? 13  ILE A CA  1 
ATOM   120 C  C   . ILE A 1 14 ? -1.002  3.417   -1.892  1.00 6.00  ? 13  ILE A C   1 
ATOM   121 O  O   . ILE A 1 14 ? -1.165  2.611   -2.816  1.00 6.44  ? 13  ILE A O   1 
ATOM   122 C  CB  . ILE A 1 14 ? 0.632   5.353   -2.226  1.00 6.46  ? 13  ILE A CB  1 
ATOM   123 C  CG1 . ILE A 1 14 ? 0.734   6.721   -2.878  1.00 7.78  ? 13  ILE A CG1 1 
ATOM   124 C  CG2 . ILE A 1 14 ? 1.490   4.315   -2.909  1.00 7.56  ? 13  ILE A CG2 1 
ATOM   125 C  CD1 . ILE A 1 14 ? 2.061   7.398   -2.705  1.00 9.27  ? 13  ILE A CD1 1 
ATOM   126 N  N   . ALA A 1 15 ? -0.956  3.029   -0.614  1.00 6.22  ? 14  ALA A N   1 
ATOM   127 C  CA  . ALA A 1 15 ? -1.158  1.629   -0.264  1.00 6.62  ? 14  ALA A CA  1 
ATOM   128 C  C   . ALA A 1 15 ? -2.507  1.133   -0.771  1.00 7.12  ? 14  ALA A C   1 
ATOM   129 O  O   . ALA A 1 15 ? -2.611  0.025   -1.329  1.00 7.42  ? 14  ALA A O   1 
ATOM   130 C  CB  . ALA A 1 15 ? -1.015  1.462   1.239   1.00 7.23  ? 14  ALA A CB  1 
ATOM   131 N  N   . LYS A 1 16 ? -3.541  1.930   -0.598  1.00 7.14  ? 15  LYS A N   1 
ATOM   132 C  CA  . LYS A 1 16 ? -4.869  1.559   -1.080  1.00 7.89  ? 15  LYS A CA  1 
ATOM   133 C  C   . LYS A 1 16 ? -4.855  1.390   -2.599  1.00 7.71  ? 15  LYS A C   1 
ATOM   134 O  O   . LYS A 1 16 ? -5.451  0.447   -3.137  1.00 9.15  ? 15  LYS A O   1 
ATOM   135 C  CB  . LYS A 1 16 ? -5.878  2.591   -0.627  1.00 9.38  ? 15  LYS A CB  1 
ATOM   136 C  CG  . LYS A 1 16 ? -7.263  2.310   -1.019  1.00 14.69 ? 15  LYS A CG  1 
ATOM   137 C  CD  . LYS A 1 16 ? -8.249  3.325   -0.447  1.00 18.41 ? 15  LYS A CD  1 
ATOM   138 N  N   . GLN A 1 17 ? -4.205  2.311   -3.303  1.00 7.76  ? 16  GLN A N   1 
ATOM   139 C  CA  A GLN A 1 17 ? -4.104  2.215   -4.748  0.65 7.20  ? 16  GLN A CA  1 
ATOM   140 C  CA  B GLN A 1 17 ? -4.156  2.159   -4.759  0.35 8.65  ? 16  GLN A CA  1 
ATOM   141 C  C   . GLN A 1 17 ? -3.378  0.926   -5.176  1.00 7.26  ? 16  GLN A C   1 
ATOM   142 O  O   . GLN A 1 17 ? -3.767  0.266   -6.145  1.00 8.42  ? 16  GLN A O   1 
ATOM   143 C  CB  A GLN A 1 17 ? -3.412  3.463   -5.284  0.65 7.21  ? 16  GLN A CB  1 
ATOM   144 C  CB  B GLN A 1 17 ? -3.496  3.297   -5.505  0.35 10.64 ? 16  GLN A CB  1 
ATOM   145 C  CG  A GLN A 1 17 ? -3.550  3.441   -6.791  0.65 7.84  ? 16  GLN A CG  1 
ATOM   146 C  CG  B GLN A 1 17 ? -3.864  4.666   -5.306  0.35 12.65 ? 16  GLN A CG  1 
ATOM   147 C  CD  A GLN A 1 17 ? -2.919  4.592   -7.494  0.65 9.47  ? 16  GLN A CD  1 
ATOM   148 C  CD  B GLN A 1 17 ? -2.716  5.458   -5.858  0.35 18.19 ? 16  GLN A CD  1 
ATOM   149 O  OE1 A GLN A 1 17 ? -2.411  5.564   -6.861  0.65 10.02 ? 16  GLN A OE1 1 
ATOM   150 O  OE1 B GLN A 1 17 ? -1.750  5.715   -5.150  0.35 21.50 ? 16  GLN A OE1 1 
ATOM   151 N  NE2 A GLN A 1 17 ? -2.956  4.529   -8.843  0.65 10.16 ? 16  GLN A NE2 1 
ATOM   152 N  NE2 B GLN A 1 17 ? -2.784  5.806   -7.129  0.35 19.48 ? 16  GLN A NE2 1 
ATOM   153 N  N   . LEU A 1 18 ? -2.291  0.612   -4.504  1.00 6.66  ? 17  LEU A N   1 
ATOM   154 C  CA  . LEU A 1 18 ? -1.553  -0.606  -4.833  1.00 7.21  ? 17  LEU A CA  1 
ATOM   155 C  C   . LEU A 1 18 ? -2.402  -1.847  -4.608  1.00 7.36  ? 17  LEU A C   1 
ATOM   156 O  O   . LEU A 1 18 ? -2.324  -2.790  -5.397  1.00 7.90  ? 17  LEU A O   1 
ATOM   157 C  CB  . LEU A 1 18 ? -0.268  -0.686  -4.004  1.00 7.57  ? 17  LEU A CB  1 
ATOM   158 C  CG  . LEU A 1 18 ? 0.802   0.300   -4.368  1.00 7.52  ? 17  LEU A CG  1 
ATOM   159 C  CD1 . LEU A 1 18 ? 1.957   0.167   -3.399  1.00 10.09 ? 17  LEU A CD1 1 
ATOM   160 C  CD2 . LEU A 1 18 ? 1.302   0.127   -5.782  1.00 8.24  ? 17  LEU A CD2 1 
ATOM   161 N  N   . LYS A 1 19 ? -3.220  -1.862  -3.565  1.00 7.45  ? 18  LYS A N   1 
ATOM   162 C  CA  . LYS A 1 19 ? -4.121  -2.986  -3.364  1.00 8.33  ? 18  LYS A CA  1 
ATOM   163 C  C   . LYS A 1 19 ? -5.163  -3.066  -4.466  1.00 8.06  ? 18  LYS A C   1 
ATOM   164 O  O   . LYS A 1 19 ? -5.522  -4.167  -4.908  1.00 8.82  ? 18  LYS A O   1 
ATOM   165 C  CB  . LYS A 1 19 ? -4.739  -2.936  -1.991  1.00 8.89  ? 18  LYS A CB  1 
ATOM   166 C  CG  . LYS A 1 19 ? -3.735  -3.195  -0.891  1.00 10.90 ? 18  LYS A CG  1 
ATOM   167 C  CD  . LYS A 1 19 ? -4.350  -3.318  0.454   1.00 14.70 ? 18  LYS A CD  1 
ATOM   168 C  CE  . LYS A 1 19 ? -5.199  -4.567  0.622   1.00 16.09 ? 18  LYS A CE  1 
ATOM   169 N  NZ  . LYS A 1 19 ? -5.737  -4.624  1.971   1.00 16.50 ? 18  LYS A NZ  1 
ATOM   170 N  N   . LYS A 1 20 ? -5.678  -1.938  -4.918  1.00 8.36  ? 19  LYS A N   1 
ATOM   171 C  CA  . LYS A 1 20 ? -6.616  -1.947  -6.033  1.00 9.13  ? 19  LYS A CA  1 
ATOM   172 C  C   . LYS A 1 20 ? -5.956  -2.482  -7.300  1.00 8.48  ? 19  LYS A C   1 
ATOM   173 O  O   . LYS A 1 20 ? -6.582  -3.279  -8.035  1.00 9.48  ? 19  LYS A O   1 
ATOM   174 C  CB  . LYS A 1 20 ? -7.200  -0.574  -6.251  1.00 10.38 ? 19  LYS A CB  1 
ATOM   175 C  CG  . LYS A 1 20 ? -8.170  -0.216  -5.141  1.00 15.08 ? 19  LYS A CG  1 
ATOM   176 N  N   . ILE A 1 21 ? -4.713  -2.118  -7.551  1.00 8.16  ? 20  ILE A N   1 
ATOM   177 C  CA  . ILE A 1 21 ? -3.985  -2.666  -8.686  1.00 8.02  ? 20  ILE A CA  1 
ATOM   178 C  C   . ILE A 1 21 ? -3.785  -4.165  -8.516  1.00 8.20  ? 20  ILE A C   1 
ATOM   179 O  O   . ILE A 1 21 ? -3.972  -4.942  -9.469  1.00 9.02  ? 20  ILE A O   1 
ATOM   180 C  CB  . ILE A 1 21 ? -2.657  -1.919  -8.871  1.00 7.97  ? 20  ILE A CB  1 
ATOM   181 C  CG1 . ILE A 1 21 ? -2.914  -0.494  -9.346  1.00 9.30  ? 20  ILE A CG1 1 
ATOM   182 C  CG2 . ILE A 1 21 ? -1.718  -2.697  -9.796  1.00 9.63  ? 20  ILE A CG2 1 
ATOM   183 C  CD1 . ILE A 1 21 ? -1.706  0.411   -9.290  1.00 10.26 ? 20  ILE A CD1 1 
ATOM   184 N  N   . ALA A 1 22 ? -3.395  -4.616  -7.334  1.00 8.14  ? 21  ALA A N   1 
ATOM   185 C  CA  . ALA A 1 22 ? -3.256  -6.046  -7.080  1.00 8.77  ? 21  ALA A CA  1 
ATOM   186 C  C   . ALA A 1 22 ? -4.553  -6.777  -7.384  1.00 8.86  ? 21  ALA A C   1 
ATOM   187 O  O   . ALA A 1 22 ? -4.532  -7.857  -7.982  1.00 9.52  ? 21  ALA A O   1 
ATOM   188 C  CB  . ALA A 1 22 ? -2.817  -6.258  -5.634  1.00 9.44  ? 21  ALA A CB  1 
ATOM   189 N  N   . TRP A 1 23 ? -5.676  -6.201  -6.986  1.00 9.23  ? 22  TRP A N   1 
ATOM   190 C  CA  . TRP A 1 23 ? -6.978  -6.811  -7.249  1.00 10.48 ? 22  TRP A CA  1 
ATOM   191 C  C   . TRP A 1 23 ? -7.232  -6.908  -8.737  1.00 10.37 ? 22  TRP A C   1 
ATOM   192 O  O   . TRP A 1 23 ? -7.685  -7.948  -9.221  1.00 11.66 ? 22  TRP A O   1 
ATOM   193 C  CB  . TRP A 1 23 ? -8.063  -6.007  -6.534  1.00 11.83 ? 22  TRP A CB  1 
ATOM   194 C  CG  . TRP A 1 23 ? -9.316  -6.732  -6.471  1.00 13.11 ? 22  TRP A CG  1 
ATOM   195 C  CD1 . TRP A 1 23 ? -10.488 -6.338  -6.991  1.00 15.33 ? 22  TRP A CD1 1 
ATOM   196 C  CD2 . TRP A 1 23 ? -9.538  -8.007  -5.838  1.00 13.75 ? 22  TRP A CD2 1 
ATOM   197 N  NE1 . TRP A 1 23 ? -11.452 -7.284  -6.732  1.00 17.14 ? 22  TRP A NE1 1 
ATOM   198 C  CE2 . TRP A 1 23 ? -10.902 -8.312  -6.005  1.00 15.40 ? 22  TRP A CE2 1 
ATOM   199 C  CE3 . TRP A 1 23 ? -8.724  -8.886  -5.090  1.00 15.10 ? 22  TRP A CE3 1 
ATOM   200 C  CZ2 . TRP A 1 23 ? -11.473 -9.486  -5.502  1.00 16.62 ? 22  TRP A CZ2 1 
ATOM   201 C  CZ3 . TRP A 1 23 ? -9.292  -10.062 -4.612  1.00 16.69 ? 22  TRP A CZ3 1 
ATOM   202 C  CH2 . TRP A 1 23 ? -10.648 -10.350 -4.820  1.00 17.00 ? 22  TRP A CH2 1 
ATOM   203 N  N   . GLN A 1 24 ? -6.926  -5.855  -9.477  1.00 10.67 ? 23  GLN A N   1 
ATOM   204 C  CA  A GLN A 1 24 ? -7.098  -5.897  -10.921 0.52 11.31 ? 23  GLN A CA  1 
ATOM   205 C  CA  B GLN A 1 24 ? -7.060  -5.860  -10.935 0.48 11.66 ? 23  GLN A CA  1 
ATOM   206 C  C   . GLN A 1 24 ? -6.220  -6.966  -11.555 1.00 10.60 ? 23  GLN A C   1 
ATOM   207 O  O   . GLN A 1 24 ? -6.687  -7.677  -12.463 1.00 11.86 ? 23  GLN A O   1 
ATOM   208 C  CB  A GLN A 1 24 ? -6.845  -4.536  -11.566 0.52 11.97 ? 23  GLN A CB  1 
ATOM   209 C  CB  B GLN A 1 24 ? -6.616  -4.515  -11.528 0.48 12.90 ? 23  GLN A CB  1 
ATOM   210 C  CG  A GLN A 1 24 ? -7.176  -4.548  -13.028 0.52 14.32 ? 23  GLN A CG  1 
ATOM   211 C  CG  B GLN A 1 24 ? -7.513  -3.316  -11.254 0.48 15.06 ? 23  GLN A CG  1 
ATOM   212 C  CD  A GLN A 1 24 ? -6.946  -3.239  -13.740 0.52 20.12 ? 23  GLN A CD  1 
ATOM   213 C  CD  B GLN A 1 24 ? -6.917  -1.977  -11.772 0.48 18.35 ? 23  GLN A CD  1 
ATOM   214 O  OE1 A GLN A 1 24 ? -6.677  -2.214  -13.114 0.52 22.88 ? 23  GLN A OE1 1 
ATOM   215 O  OE1 B GLN A 1 24 ? -5.804  -1.577  -11.421 0.48 19.95 ? 23  GLN A OE1 1 
ATOM   216 N  NE2 A GLN A 1 24 ? -7.050  -3.270  -15.080 0.52 21.32 ? 23  GLN A NE2 1 
ATOM   217 N  NE2 B GLN A 1 24 ? -7.692  -1.268  -12.582 0.48 20.38 ? 23  GLN A NE2 1 
ATOM   218 N  N   . LEU A 1 25 ? -4.980  -7.134  -11.082 1.00 9.61  ? 24  LEU A N   1 
ATOM   219 C  CA  . LEU A 1 25 ? -4.133  -8.188  -11.617 1.00 9.81  ? 24  LEU A CA  1 
ATOM   220 C  C   . LEU A 1 25 ? -4.748  -9.561  -11.346 1.00 9.02  ? 24  LEU A C   1 
ATOM   221 O  O   . LEU A 1 25 ? -4.706  -10.446 -12.202 1.00 10.08 ? 24  LEU A O   1 
ATOM   222 C  CB  . LEU A 1 25 ? -2.731  -8.087  -11.046 1.00 9.66  ? 24  LEU A CB  1 
ATOM   223 C  CG  . LEU A 1 25 ? -1.921  -6.876  -11.473 1.00 10.14 ? 24  LEU A CG  1 
ATOM   224 C  CD1 . LEU A 1 25 ? -0.597  -6.870  -10.765 1.00 12.38 ? 24  LEU A CD1 1 
ATOM   225 C  CD2 . LEU A 1 25 ? -1.730  -6.821  -12.987 1.00 11.11 ? 24  LEU A CD2 1 
ATOM   226 N  N   . LYS A 1 26 ? -5.251  -9.783  -10.142 1.00 9.60  ? 25  LYS A N   1 
ATOM   227 C  CA  . LYS A 1 26 ? -5.883  -11.058 -9.820  1.00 9.91  ? 25  LYS A CA  1 
ATOM   228 C  C   . LYS A 1 26 ? -7.115  -11.290 -10.696 1.00 10.65 ? 25  LYS A C   1 
ATOM   229 O  O   . LYS A 1 26 ? -7.374  -12.413 -11.139 1.00 11.21 ? 25  LYS A O   1 
ATOM   230 C  CB  . LYS A 1 26 ? -6.238  -11.122 -8.356  1.00 10.54 ? 25  LYS A CB  1 
ATOM   231 C  CG  . LYS A 1 26 ? -5.055  -11.157 -7.437  1.00 11.09 ? 25  LYS A CG  1 
ATOM   232 C  CD  . LYS A 1 26 ? -5.444  -11.179 -5.974  1.00 13.00 ? 25  LYS A CD  1 
ATOM   233 C  CE  . LYS A 1 26 ? -4.201  -11.203 -5.088  1.00 15.00 ? 25  LYS A CE  1 
ATOM   234 N  NZ  . LYS A 1 26 ? -4.601  -11.180 -3.654  1.00 16.97 ? 25  LYS A NZ  1 
ATOM   235 N  N   . LYS A 1 27 ? -7.865  -10.245 -11.002 1.00 11.95 ? 26  LYS A N   1 
ATOM   236 C  CA  . LYS A 1 27 ? -9.037  -10.344 -11.873 1.00 14.16 ? 26  LYS A CA  1 
ATOM   237 C  C   . LYS A 1 27 ? -8.635  -10.719 -13.285 1.00 14.50 ? 26  LYS A C   1 
ATOM   238 O  O   . LYS A 1 27 ? -9.285  -11.556 -13.916 1.00 15.66 ? 26  LYS A O   1 
ATOM   239 C  CB  . LYS A 1 27 ? -9.826  -9.027  -11.824 1.00 16.75 ? 26  LYS A CB  1 
ATOM   240 C  CG  . LYS A 1 27 ? -11.148 -9.077  -12.505 1.00 19.48 ? 26  LYS A CG  1 
ATOM   241 N  N   . ILE A 1 28 ? -7.580  -10.082 -13.800 1.00 14.15 ? 27  ILE A N   1 
ATOM   242 C  CA  . ILE A 1 28 ? -7.063  -10.420 -15.117 1.00 14.44 ? 27  ILE A CA  1 
ATOM   243 C  C   . ILE A 1 28 ? -6.651  -11.877 -15.150 1.00 13.91 ? 27  ILE A C   1 
ATOM   244 O  O   . ILE A 1 28 ? -6.971  -12.606 -16.099 1.00 15.59 ? 27  ILE A O   1 
ATOM   245 C  CB  . ILE A 1 28 ? -5.894  -9.492  -15.481 1.00 14.90 ? 27  ILE A CB  1 
ATOM   246 C  CG1 . ILE A 1 28 ? -6.371  -8.056  -15.611 1.00 16.42 ? 27  ILE A CG1 1 
ATOM   247 C  CG2 . ILE A 1 28 ? -5.100  -10.017 -16.664 1.00 15.75 ? 27  ILE A CG2 1 
ATOM   248 C  CD1 . ILE A 1 28 ? -5.255  -7.042  -15.679 1.00 17.38 ? 27  ILE A CD1 1 
ATOM   249 N  N   . ALA A 1 29 ? -5.963  -12.339 -14.109 1.00 11.59 ? 28  ALA A N   1 
ATOM   250 C  CA  . ALA A 1 29 ? -5.492  -13.719 -14.119 1.00 12.30 ? 28  ALA A CA  1 
ATOM   251 C  C   . ALA A 1 29 ? -6.642  -14.722 -14.086 1.00 11.94 ? 28  ALA A C   1 
ATOM   252 O  O   . ALA A 1 29 ? -6.600  -15.759 -14.763 1.00 11.60 ? 28  ALA A O   1 
ATOM   253 C  CB  . ALA A 1 29 ? -4.592  -13.956 -12.940 1.00 12.26 ? 28  ALA A CB  1 
ATOM   254 N  N   . GLN A 1 30 ? -7.638  -14.476 -13.243 1.00 12.09 ? 29  GLN A N   1 
ATOM   255 C  CA  . GLN A 1 30 ? -8.620  -15.511 -12.987 1.00 13.27 ? 29  GLN A CA  1 
ATOM   256 C  C   . GLN A 1 30 ? -9.679  -15.531 -14.041 1.00 14.44 ? 29  GLN A C   1 
ATOM   257 O  O   . GLN A 1 30 ? -10.124 -16.606 -14.438 1.00 16.51 ? 29  GLN A O   1 
ATOM   258 C  CB  . GLN A 1 30 ? -9.232  -15.296 -11.603 1.00 13.42 ? 29  GLN A CB  1 
ATOM   259 C  CG  . GLN A 1 30 ? -10.369 -16.243 -11.358 1.00 15.67 ? 29  GLN A CG  1 
ATOM   260 C  CD  . GLN A 1 30 ? -10.751 -16.366 -9.906  1.00 17.10 ? 29  GLN A CD  1 
ATOM   261 O  OE1 . GLN A 1 30 ? -9.922  -16.264 -8.985  1.00 18.94 ? 29  GLN A OE1 1 
ATOM   262 N  NE2 . GLN A 1 30 ? -12.024 -16.596 -9.682  1.00 18.14 ? 29  GLN A NE2 1 
ATOM   263 N  N   . GLY A 1 31 ? -10.069 -14.369 -14.517 1.00 17.69 ? 30  GLY A N   1 
ATOM   264 C  CA  . GLY A 1 31 ? -11.249 -14.261 -15.336 1.00 23.94 ? 30  GLY A CA  1 
ATOM   265 C  C   . GLY A 1 31 ? -12.437 -14.773 -14.523 1.00 30.37 ? 30  GLY A C   1 
ATOM   266 O  O   . GLY A 1 31 ? -12.563 -14.436 -13.335 1.00 32.88 ? 30  GLY A O   1 
HETATM 267 N  N   . NH2 A 1 32 ? -13.281 -15.608 -15.135 1.00 32.06 ? 31  NH2 A N   1 
HETATM 268 C  C   . ACE B 1 1  ? -1.446  -16.805 -12.455 1.00 29.90 ? 0   ACE B C   1 
HETATM 269 O  O   . ACE B 1 1  ? -1.434  -15.770 -11.868 1.00 27.33 ? 0   ACE B O   1 
HETATM 270 C  CH3 . ACE B 1 1  ? -2.508  -17.104 -13.493 1.00 20.08 ? 0   ACE B CH3 1 
ATOM   271 N  N   . GLY B 1 2  ? -0.518  -17.837 -12.288 1.00 25.76 ? 1   GLY B N   1 
ATOM   272 C  CA  . GLY B 1 2  ? 0.666   -17.877 -11.437 1.00 20.63 ? 1   GLY B CA  1 
ATOM   273 C  C   . GLY B 1 2  ? 1.481   -16.587 -11.349 1.00 15.36 ? 1   GLY B C   1 
ATOM   274 O  O   . GLY B 1 2  ? 1.595   -16.012 -10.273 1.00 14.53 ? 1   GLY B O   1 
ATOM   275 N  N   . GLN B 1 3  ? 2.038   -16.076 -12.444 1.00 14.17 ? 2   GLN B N   1 
ATOM   276 C  CA  . GLN B 1 3  ? 2.932   -14.946 -12.267 1.00 14.76 ? 2   GLN B CA  1 
ATOM   277 C  C   . GLN B 1 3  ? 2.181   -13.670 -11.894 1.00 13.03 ? 2   GLN B C   1 
ATOM   278 O  O   . GLN B 1 3  ? 2.699   -12.885 -11.098 1.00 13.27 ? 2   GLN B O   1 
ATOM   279 C  CB  . GLN B 1 3  ? 4.052   -14.823 -13.298 1.00 18.18 ? 2   GLN B CB  1 
ATOM   280 C  CG  . GLN B 1 3  ? 3.627   -14.341 -14.599 1.00 19.22 ? 2   GLN B CG  1 
ATOM   281 C  CD  . GLN B 1 3  ? 4.804   -14.149 -15.577 1.00 17.46 ? 2   GLN B CD  1 
ATOM   282 O  OE1 . GLN B 1 3  ? 5.855   -13.584 -15.269 1.00 21.23 ? 2   GLN B OE1 1 
ATOM   283 N  NE2 . GLN B 1 3  ? 4.569   -14.577 -16.805 1.00 17.45 ? 2   GLN B NE2 1 
ATOM   284 N  N   . LEU B 1 4  ? 0.981   -13.438 -12.441 1.00 11.81 ? 3   LEU B N   1 
ATOM   285 C  CA  . LEU B 1 4  ? 0.238   -12.264 -12.013 1.00 10.82 ? 3   LEU B CA  1 
ATOM   286 C  C   . LEU B 1 4  ? -0.172  -12.374 -10.546 1.00 11.45 ? 3   LEU B C   1 
ATOM   287 O  O   . LEU B 1 4  ? -0.159  -11.369 -9.830  1.00 11.24 ? 3   LEU B O   1 
ATOM   288 C  CB  . LEU B 1 4  ? -0.972  -11.967 -12.885 1.00 12.20 ? 3   LEU B CB  1 
ATOM   289 C  CG  . LEU B 1 4  ? -0.720  -11.530 -14.308 1.00 13.25 ? 3   LEU B CG  1 
ATOM   290 C  CD1 . LEU B 1 4  ? -2.001  -11.219 -15.047 1.00 15.09 ? 3   LEU B CD1 1 
ATOM   291 C  CD2 . LEU B 1 4  ? 0.218   -10.338 -14.357 1.00 15.39 ? 3   LEU B CD2 1 
ATOM   292 N  N   . GLU B 1 5  ? -0.558  -13.547 -10.083 1.00 11.69 ? 4   GLU B N   1 
ATOM   293 C  CA  . GLU B 1 5  ? -0.919  -13.711 -8.685  1.00 12.46 ? 4   GLU B CA  1 
ATOM   294 C  C   . GLU B 1 5  ? 0.261   -13.411 -7.789  1.00 11.20 ? 4   GLU B C   1 
ATOM   295 O  O   . GLU B 1 5  ? 0.104   -12.775 -6.747  1.00 11.76 ? 4   GLU B O   1 
ATOM   296 C  CB  . GLU B 1 5  ? -1.462  -15.130 -8.466  1.00 14.71 ? 4   GLU B CB  1 
ATOM   297 C  CG  . GLU B 1 5  ? -2.318  -15.189 -7.253  1.00 19.72 ? 4   GLU B CG  1 
ATOM   298 C  CD  . GLU B 1 5  ? -3.747  -14.775 -7.597  1.00 21.96 ? 4   GLU B CD  1 
ATOM   299 O  OE1 . GLU B 1 5  ? -4.663  -14.984 -6.797  1.00 25.51 ? 4   GLU B OE1 1 
ATOM   300 O  OE2 . GLU B 1 5  ? -3.932  -14.243 -8.704  1.00 24.42 ? 4   GLU B OE2 1 
ATOM   301 N  N   . GLU B 1 6  ? 1.446   -13.854 -8.169  1.00 11.53 ? 5   GLU B N   1 
ATOM   302 C  CA  . GLU B 1 6  ? 2.630   -13.593 -7.376  1.00 11.82 ? 5   GLU B CA  1 
ATOM   303 C  C   . GLU B 1 6  ? 2.957   -12.099 -7.343  1.00 9.97  ? 5   GLU B C   1 
ATOM   304 O  O   . GLU B 1 6  ? 3.315   -11.569 -6.290  1.00 10.54 ? 5   GLU B O   1 
ATOM   305 C  CB  . GLU B 1 6  ? 3.791   -14.408 -7.943  1.00 15.05 ? 5   GLU B CB  1 
ATOM   306 C  CG  . GLU B 1 6  ? 3.575   -15.872 -7.765  1.00 18.47 ? 5   GLU B CG  1 
ATOM   307 N  N   . ILE B 1 7  ? 2.853   -11.415 -8.474  1.00 9.47  ? 6   ILE B N   1 
ATOM   308 C  CA  . ILE B 1 7  ? 3.076   -9.975  -8.514  1.00 9.29  ? 6   ILE B CA  1 
ATOM   309 C  C   . ILE B 1 7  ? 2.049   -9.274  -7.643  1.00 8.25  ? 6   ILE B C   1 
ATOM   310 O  O   . ILE B 1 7  ? 2.383   -8.353  -6.878  1.00 8.42  ? 6   ILE B O   1 
ATOM   311 C  CB  . ILE B 1 7  ? 3.052   -9.482  -9.960  1.00 10.24 ? 6   ILE B CB  1 
ATOM   312 C  CG1 . ILE B 1 7  ? 4.277   -9.979  -10.712 1.00 12.61 ? 6   ILE B CG1 1 
ATOM   313 C  CG2 . ILE B 1 7  ? 2.929   -7.982  -9.964  1.00 11.22 ? 6   ILE B CG2 1 
ATOM   314 C  CD1 . ILE B 1 7  ? 4.241   -9.744  -12.192 1.00 14.82 ? 6   ILE B CD1 1 
ATOM   315 N  N   . ALA B 1 8  ? 0.790   -9.691  -7.709  1.00 8.57  ? 7   ALA B N   1 
ATOM   316 C  CA  . ALA B 1 8  ? -0.238  -9.091  -6.878  1.00 8.80  ? 7   ALA B CA  1 
ATOM   317 C  C   . ALA B 1 8  ? 0.113   -9.231  -5.401  1.00 8.36  ? 7   ALA B C   1 
ATOM   318 O  O   . ALA B 1 8  ? -0.065  -8.287  -4.615  1.00 8.89  ? 7   ALA B O   1 
ATOM   319 C  CB  . ALA B 1 8  ? -1.600  -9.692  -7.209  1.00 10.01 ? 7   ALA B CB  1 
ATOM   320 N  N   . GLN B 1 9  ? 0.585   -10.405 -5.004  1.00 9.18  ? 8   GLN B N   1 
ATOM   321 C  CA  A GLN B 1 9  ? 0.996   -10.630 -3.618  0.45 10.27 ? 8   GLN B CA  1 
ATOM   322 C  CA  B GLN B 1 9  ? 0.978   -10.620 -3.616  0.55 10.48 ? 8   GLN B CA  1 
ATOM   323 C  C   . GLN B 1 9  ? 2.133   -9.690  -3.234  1.00 9.59  ? 8   GLN B C   1 
ATOM   324 O  O   . GLN B 1 9  ? 2.153   -9.145  -2.121  1.00 9.96  ? 8   GLN B O   1 
ATOM   325 C  CB  A GLN B 1 9  ? 1.423   -12.080 -3.428  0.45 12.67 ? 8   GLN B CB  1 
ATOM   326 C  CB  B GLN B 1 9  ? 1.285   -12.094 -3.374  0.55 13.10 ? 8   GLN B CB  1 
ATOM   327 C  CG  A GLN B 1 9  ? 1.889   -12.423 -2.012  0.45 14.78 ? 8   GLN B CG  1 
ATOM   328 C  CG  B GLN B 1 9  ? 0.045   -12.955 -3.531  0.55 16.63 ? 8   GLN B CG  1 
ATOM   329 C  CD  A GLN B 1 9  ? 0.877   -12.026 -0.961  0.45 19.25 ? 8   GLN B CD  1 
ATOM   330 C  CD  B GLN B 1 9  ? 0.337   -14.388 -3.687  0.55 21.93 ? 8   GLN B CD  1 
ATOM   331 O  OE1 A GLN B 1 9  ? -0.323  -12.227 -1.157  0.45 20.89 ? 8   GLN B OE1 1 
ATOM   332 O  OE1 B GLN B 1 9  ? 1.484   -14.824 -3.560  0.55 24.85 ? 8   GLN B OE1 1 
ATOM   333 N  NE2 A GLN B 1 9  ? 1.338   -11.419 0.132   0.45 21.77 ? 8   GLN B NE2 1 
ATOM   334 N  NE2 B GLN B 1 9  ? -0.698  -15.162 -3.968  0.55 23.09 ? 8   GLN B NE2 1 
ATOM   335 N  N   . GLN B 1 10 ? 3.103   -9.487  -4.128  1.00 9.08  ? 9   GLN B N   1 
ATOM   336 C  CA  A GLN B 1 10 ? 4.189   -8.550  -3.852  0.50 8.57  ? 9   GLN B CA  1 
ATOM   337 C  CA  B GLN B 1 10 ? 4.201   -8.550  -3.890  0.50 10.96 ? 9   GLN B CA  1 
ATOM   338 C  C   . GLN B 1 10 ? 3.663   -7.143  -3.646  1.00 8.30  ? 9   GLN B C   1 
ATOM   339 O  O   . GLN B 1 10 ? 4.139   -6.432  -2.752  1.00 8.57  ? 9   GLN B O   1 
ATOM   340 C  CB  A GLN B 1 10 ? 5.231   -8.524  -4.964  0.50 8.04  ? 9   GLN B CB  1 
ATOM   341 C  CB  B GLN B 1 10 ? 5.147   -8.572  -5.104  0.50 15.45 ? 9   GLN B CB  1 
ATOM   342 C  CG  A GLN B 1 10 ? 6.004   -9.846  -5.128  0.50 10.48 ? 9   GLN B CG  1 
ATOM   343 C  CG  B GLN B 1 10 ? 6.567   -7.954  -4.997  0.50 19.74 ? 9   GLN B CG  1 
ATOM   344 C  CD  A GLN B 1 10 ? 6.528   -10.155 -6.560  0.50 15.91 ? 9   GLN B CD  1 
ATOM   345 C  CD  B GLN B 1 10 ? 7.523   -8.491  -6.100  0.50 21.22 ? 9   GLN B CD  1 
ATOM   346 O  OE1 A GLN B 1 10 ? 6.720   -11.307 -6.908  0.50 19.82 ? 9   GLN B OE1 1 
ATOM   347 O  OE1 B GLN B 1 10 ? 7.305   -9.574  -6.593  0.50 22.99 ? 9   GLN B OE1 1 
ATOM   348 N  NE2 A GLN B 1 10 ? 6.766   -9.133  -7.356  0.50 16.78 ? 9   GLN B NE2 1 
ATOM   349 N  NE2 B GLN B 1 10 ? 8.580   -7.743  -6.451  0.50 19.06 ? 9   GLN B NE2 1 
ATOM   350 N  N   . LEU B 1 11 ? 2.685   -6.731  -4.425  1.00 7.43  ? 10  LEU B N   1 
ATOM   351 C  CA  . LEU B 1 11 ? 2.071   -5.426  -4.257  1.00 7.04  ? 10  LEU B CA  1 
ATOM   352 C  C   . LEU B 1 11 ? 1.346   -5.314  -2.929  1.00 6.83  ? 10  LEU B C   1 
ATOM   353 O  O   . LEU B 1 11 ? 1.400   -4.264  -2.270  1.00 7.11  ? 10  LEU B O   1 
ATOM   354 C  CB  . LEU B 1 11 ? 1.139   -5.091  -5.406  1.00 7.21  ? 10  LEU B CB  1 
ATOM   355 C  CG  . LEU B 1 11 ? 1.799   -4.902  -6.770  1.00 7.59  ? 10  LEU B CG  1 
ATOM   356 C  CD1 . LEU B 1 11 ? 0.731   -4.675  -7.828  1.00 9.82  ? 10  LEU B CD1 1 
ATOM   357 C  CD2 . LEU B 1 11 ? 2.783   -3.760  -6.764  1.00 8.34  ? 10  LEU B CD2 1 
ATOM   358 N  N   . GLU B 1 12 ? 0.670   -6.364  -2.503  1.00 7.52  ? 11  GLU B N   1 
ATOM   359 C  CA  . GLU B 1 12 ? -0.004  -6.350  -1.199  1.00 8.01  ? 11  GLU B CA  1 
ATOM   360 C  C   . GLU B 1 12 ? 1.020   -6.239  -0.084  1.00 7.73  ? 11  GLU B C   1 
ATOM   361 O  O   . GLU B 1 12 ? 0.788   -5.517  0.890   1.00 7.92  ? 11  GLU B O   1 
ATOM   362 C  CB  . GLU B 1 12 ? -0.814  -7.644  -1.044  1.00 9.48  ? 11  GLU B CB  1 
ATOM   363 C  CG  . GLU B 1 12 ? -2.052  -7.704  -1.914  1.00 11.38 ? 11  GLU B CG  1 
ATOM   364 C  CD  . GLU B 1 12 ? -2.774  -9.022  -1.646  1.00 14.14 ? 11  GLU B CD  1 
ATOM   365 O  OE1 . GLU B 1 12 ? -3.445  -9.101  -0.607  1.00 14.55 ? 11  GLU B OE1 1 
ATOM   366 O  OE2 . GLU B 1 12 ? -2.492  -10.028 -2.364  1.00 16.32 ? 11  GLU B OE2 1 
ATOM   367 N  N   . GLU B 1 13 ? 2.162   -6.903  -0.211  1.00 7.67  ? 12  GLU B N   1 
ATOM   368 C  CA  A GLU B 1 13 ? 3.216   -6.782  0.782   0.48 7.11  ? 12  GLU B CA  1 
ATOM   369 C  CA  B GLU B 1 13 ? 3.191   -6.772  0.813   0.52 9.12  ? 12  GLU B CA  1 
ATOM   370 C  C   . GLU B 1 13 ? 3.747   -5.355  0.843   1.00 7.36  ? 12  GLU B C   1 
ATOM   371 O  O   . GLU B 1 13 ? 3.991   -4.810  1.935   1.00 7.53  ? 12  GLU B O   1 
ATOM   372 C  CB  A GLU B 1 13 ? 4.322   -7.797  0.478   0.48 8.60  ? 12  GLU B CB  1 
ATOM   373 C  CB  B GLU B 1 13 ? 4.312   -7.785  0.601   0.52 11.54 ? 12  GLU B CB  1 
ATOM   374 C  CG  A GLU B 1 13 ? 5.525   -7.641  1.372   0.48 11.76 ? 12  GLU B CG  1 
ATOM   375 C  CG  B GLU B 1 13 ? 3.906   -9.254  0.812   0.52 14.15 ? 12  GLU B CG  1 
ATOM   376 C  CD  A GLU B 1 13 ? 5.231   -7.781  2.852   0.48 16.45 ? 12  GLU B CD  1 
ATOM   377 C  CD  B GLU B 1 13 ? 3.425   -9.610  2.223   0.52 18.91 ? 12  GLU B CD  1 
ATOM   378 O  OE1 A GLU B 1 13 ? 4.258   -8.457  3.213   0.48 18.67 ? 12  GLU B OE1 1 
ATOM   379 O  OE1 B GLU B 1 13 ? 3.552   -8.818  3.147   0.52 20.26 ? 12  GLU B OE1 1 
ATOM   380 O  OE2 A GLU B 1 13 ? 6.003   -7.243  3.650   0.48 18.09 ? 12  GLU B OE2 1 
ATOM   381 O  OE2 B GLU B 1 13 ? 2.926   -10.727 2.435   0.52 22.21 ? 12  GLU B OE2 1 
ATOM   382 N  N   . ILE B 1 14 ? 3.974   -4.757  -0.320  1.00 6.93  ? 13  ILE B N   1 
ATOM   383 C  CA  . ILE B 1 14 ? 4.424   -3.356  -0.350  1.00 6.82  ? 13  ILE B CA  1 
ATOM   384 C  C   . ILE B 1 14 ? 3.386   -2.446  0.298   1.00 5.99  ? 13  ILE B C   1 
ATOM   385 O  O   . ILE B 1 14 ? 3.743   -1.550  1.065   1.00 6.32  ? 13  ILE B O   1 
ATOM   386 C  CB  . ILE B 1 14 ? 4.734   -2.938  -1.791  1.00 6.65  ? 13  ILE B CB  1 
ATOM   387 C  CG1 . ILE B 1 14 ? 5.962   -3.673  -2.289  1.00 8.54  ? 13  ILE B CG1 1 
ATOM   388 C  CG2 . ILE B 1 14 ? 4.865   -1.417  -1.865  1.00 7.21  ? 13  ILE B CG2 1 
ATOM   389 C  CD1 . ILE B 1 14 ? 6.185   -3.496  -3.815  1.00 9.92  ? 13  ILE B CD1 1 
ATOM   390 N  N   . ALA B 1 15 ? 2.096   -2.664  0.018   1.00 6.34  ? 14  ALA B N   1 
ATOM   391 C  CA  . ALA B 1 15 ? 1.067   -1.854  0.660   1.00 6.54  ? 14  ALA B CA  1 
ATOM   392 C  C   . ALA B 1 15 ? 1.169   -1.960  2.182   1.00 6.19  ? 14  ALA B C   1 
ATOM   393 O  O   . ALA B 1 15 ? 1.050   -0.948  2.886   1.00 6.89  ? 14  ALA B O   1 
ATOM   394 C  CB  . ALA B 1 15 ? -0.305  -2.270  0.157   1.00 7.21  ? 14  ALA B CB  1 
ATOM   395 N  N   . LYS B 1 16 ? 1.366   -3.170  2.690   1.00 6.80  ? 15  LYS B N   1 
ATOM   396 C  CA  . LYS B 1 16 ? 1.535   -3.365  4.135   1.00 7.13  ? 15  LYS B CA  1 
ATOM   397 C  C   . LYS B 1 16 ? 2.763   -2.607  4.662   1.00 6.43  ? 15  LYS B C   1 
ATOM   398 O  O   . LYS B 1 16 ? 2.702   -1.968  5.720   1.00 6.84  ? 15  LYS B O   1 
ATOM   399 C  CB  . LYS B 1 16 ? 1.655   -4.875  4.413   1.00 8.13  ? 15  LYS B CB  1 
ATOM   400 C  CG  . LYS B 1 16 ? 1.771   -5.184  5.887   1.00 10.69 ? 15  LYS B CG  1 
ATOM   401 C  CD  . LYS B 1 16 ? 1.861   -6.679  6.146   1.00 13.90 ? 15  LYS B CD  1 
ATOM   402 C  CE  . LYS B 1 16 ? 2.875   -7.088  7.104   1.00 18.76 ? 15  LYS B CE  1 
ATOM   403 N  NZ  . LYS B 1 16 ? 3.132   -8.507  7.100   1.00 20.36 ? 15  LYS B NZ  1 
ATOM   404 N  N   . GLN B 1 17 ? 3.850   -2.621  3.913   1.00 6.67  ? 16  GLN B N   1 
ATOM   405 C  CA  A GLN B 1 17 ? 5.057   -1.905  4.303   0.68 6.45  ? 16  GLN B CA  1 
ATOM   406 C  CA  B GLN B 1 17 ? 5.052   -1.905  4.316   0.32 8.19  ? 16  GLN B CA  1 
ATOM   407 C  C   . GLN B 1 17 ? 4.810   -0.398  4.342   1.00 6.48  ? 16  GLN B C   1 
ATOM   408 O  O   . GLN B 1 17 ? 5.307   0.308   5.231   1.00 7.28  ? 16  GLN B O   1 
ATOM   409 C  CB  A GLN B 1 17 ? 6.233   -2.236  3.383   0.68 6.68  ? 16  GLN B CB  1 
ATOM   410 C  CB  B GLN B 1 17 ? 6.204   -2.203  3.360   0.32 11.08 ? 16  GLN B CB  1 
ATOM   411 C  CG  A GLN B 1 17 ? 6.671   -3.680  3.490   0.68 6.76  ? 16  GLN B CG  1 
ATOM   412 C  CG  B GLN B 1 17 ? 7.350   -1.235  3.571   0.32 14.63 ? 16  GLN B CG  1 
ATOM   413 C  CD  A GLN B 1 17 ? 7.561   -4.149  2.357   0.68 8.92  ? 16  GLN B CD  1 
ATOM   414 C  CD  B GLN B 1 17 ? 8.680   -1.783  3.178   0.32 16.02 ? 16  GLN B CD  1 
ATOM   415 O  OE1 A GLN B 1 17 ? 7.443   -3.756  1.188   0.68 10.43 ? 16  GLN B OE1 1 
ATOM   416 O  OE1 B GLN B 1 17 ? 8.743   -2.575  2.270   0.32 15.95 ? 16  GLN B OE1 1 
ATOM   417 N  NE2 A GLN B 1 17 ? 8.411   -5.100  2.674   0.68 13.05 ? 16  GLN B NE2 1 
ATOM   418 N  NE2 B GLN B 1 17 ? 9.752   -1.324  3.809   0.32 16.15 ? 16  GLN B NE2 1 
ATOM   419 N  N   . LEU B 1 18 ? 4.067   0.119   3.372   1.00 6.09  ? 17  LEU B N   1 
ATOM   420 C  CA  . LEU B 1 18 ? 3.744   1.541   3.352   1.00 6.23  ? 17  LEU B CA  1 
ATOM   421 C  C   . LEU B 1 18 ? 2.849   1.925   4.531   1.00 6.16  ? 17  LEU B C   1 
ATOM   422 O  O   . LEU B 1 18 ? 3.013   3.009   5.102   1.00 6.70  ? 17  LEU B O   1 
ATOM   423 C  CB  . LEU B 1 18 ? 3.090   1.946   2.048   1.00 6.29  ? 17  LEU B CB  1 
ATOM   424 C  CG  . LEU B 1 18 ? 3.971   1.890   0.815   1.00 6.66  ? 17  LEU B CG  1 
ATOM   425 C  CD1 . LEU B 1 18 ? 3.193   2.234   -0.432  1.00 8.80  ? 17  LEU B CD1 1 
ATOM   426 C  CD2 . LEU B 1 18 ? 5.180   2.821   0.935   1.00 7.95  ? 17  LEU B CD2 1 
ATOM   427 N  N   . LYS B 1 19 ? 1.914   1.054   4.906   1.00 6.56  ? 18  LYS B N   1 
ATOM   428 C  CA  . LYS B 1 19 ? 1.082   1.310   6.083   1.00 7.17  ? 18  LYS B CA  1 
ATOM   429 C  C   . LYS B 1 19 ? 1.927   1.353   7.346   1.00 6.86  ? 18  LYS B C   1 
ATOM   430 O  O   . LYS B 1 19 ? 1.663   2.182   8.237   1.00 7.83  ? 18  LYS B O   1 
ATOM   431 C  CB  . LYS B 1 19 ? -0.051  0.314   6.177   1.00 8.01  ? 18  LYS B CB  1 
ATOM   432 C  CG  . LYS B 1 19 ? -1.088  0.486   5.087   1.00 10.06 ? 18  LYS B CG  1 
ATOM   433 C  CD  . LYS B 1 19 ? -2.238  -0.501  5.121   1.00 13.71 ? 18  LYS B CD  1 
ATOM   434 C  CE  . LYS B 1 19 ? -3.216  -0.231  4.013   1.00 17.88 ? 18  LYS B CE  1 
ATOM   435 N  NZ  . LYS B 1 19 ? -4.357  -1.171  3.970   1.00 20.13 ? 18  LYS B NZ  1 
ATOM   436 N  N   . LYS B 1 20 ? 2.939   0.508   7.451   1.00 6.78  ? 19  LYS B N   1 
ATOM   437 C  CA  . LYS B 1 20 ? 3.857   0.546   8.592   1.00 7.20  ? 19  LYS B CA  1 
ATOM   438 C  C   . LYS B 1 20 ? 4.582   1.893   8.639   1.00 6.79  ? 19  LYS B C   1 
ATOM   439 O  O   . LYS B 1 20 ? 4.688   2.517   9.703   1.00 7.62  ? 19  LYS B O   1 
ATOM   440 C  CB  . LYS B 1 20 ? 4.852   -0.600  8.512   1.00 7.97  ? 19  LYS B CB  1 
ATOM   441 C  CG  . LYS B 1 20 ? 6.005   -0.516  9.549   1.00 12.87 ? 19  LYS B CG  1 
ATOM   442 C  CD  . LYS B 1 20 ? 6.793   -1.802  9.639   1.00 18.15 ? 19  LYS B CD  1 
ATOM   443 C  CE  . LYS B 1 20 ? 7.916   -1.612  10.695  1.00 24.26 ? 19  LYS B CE  1 
ATOM   444 N  NZ  . LYS B 1 20 ? 8.929   -2.682  10.787  1.00 28.78 ? 19  LYS B NZ  1 
ATOM   445 N  N   . ILE B 1 21 ? 5.110   2.322   7.513   1.00 6.35  ? 20  ILE B N   1 
ATOM   446 C  CA  . ILE B 1 21 ? 5.803   3.612   7.455   1.00 6.83  ? 20  ILE B CA  1 
ATOM   447 C  C   . ILE B 1 21 ? 4.879   4.750   7.841   1.00 6.59  ? 20  ILE B C   1 
ATOM   448 O  O   . ILE B 1 21 ? 5.258   5.644   8.600   1.00 7.35  ? 20  ILE B O   1 
ATOM   449 C  CB  . ILE B 1 21 ? 6.436   3.838   6.077   1.00 7.17  ? 20  ILE B CB  1 
ATOM   450 C  CG1 . ILE B 1 21 ? 7.564   2.823   5.836   1.00 8.59  ? 20  ILE B CG1 1 
ATOM   451 C  CG2 . ILE B 1 21 ? 6.914   5.271   5.959   1.00 8.69  ? 20  ILE B CG2 1 
ATOM   452 C  CD1 . ILE B 1 21 ? 8.053   2.759   4.408   1.00 10.46 ? 20  ILE B CD1 1 
ATOM   453 N  N   . ALA B 1 22 ? 3.648   4.735   7.336   1.00 6.54  ? 21  ALA B N   1 
ATOM   454 C  CA  . ALA B 1 22 ? 2.692   5.766   7.694   1.00 6.98  ? 21  ALA B CA  1 
ATOM   455 C  C   . ALA B 1 22 ? 2.482   5.816   9.196   1.00 6.92  ? 21  ALA B C   1 
ATOM   456 O  O   . ALA B 1 22 ? 2.434   6.899   9.791   1.00 7.42  ? 21  ALA B O   1 
ATOM   457 C  CB  . ALA B 1 22 ? 1.368   5.521   6.979   1.00 7.51  ? 21  ALA B CB  1 
ATOM   458 N  N   . TRP B 1 23 ? 2.325   4.665   9.822   1.00 7.40  ? 22  TRP B N   1 
ATOM   459 C  CA  . TRP B 1 23 ? 2.174   4.601   11.276  1.00 8.27  ? 22  TRP B CA  1 
ATOM   460 C  C   . TRP B 1 23 ? 3.389   5.212   11.950  1.00 8.14  ? 22  TRP B C   1 
ATOM   461 O  O   . TRP B 1 23 ? 3.258   6.022   12.881  1.00 8.75  ? 22  TRP B O   1 
ATOM   462 C  CB  . TRP B 1 23 ? 1.979   3.142   11.704  1.00 9.20  ? 22  TRP B CB  1 
ATOM   463 C  CG  . TRP B 1 23 ? 1.916   3.002   13.189  1.00 11.35 ? 22  TRP B CG  1 
ATOM   464 C  CD1 . TRP B 1 23 ? 2.931   2.783   14.037  1.00 13.70 ? 22  TRP B CD1 1 
ATOM   465 C  CD2 . TRP B 1 23 ? 0.702   3.145   13.984  1.00 12.62 ? 22  TRP B CD2 1 
ATOM   466 N  NE1 . TRP B 1 23 ? 2.406   2.793   15.380  1.00 12.36 ? 22  TRP B NE1 1 
ATOM   467 C  CE2 . TRP B 1 23 ? 1.028   2.946   15.312  1.00 12.91 ? 22  TRP B CE2 1 
ATOM   468 C  CE3 . TRP B 1 23 ? -0.667  3.350   13.645  1.00 15.89 ? 22  TRP B CE3 1 
ATOM   469 C  CZ2 . TRP B 1 23 ? 0.033   2.973   16.331  1.00 13.69 ? 22  TRP B CZ2 1 
ATOM   470 C  CZ3 . TRP B 1 23 ? -1.628  3.399   14.626  1.00 17.53 ? 22  TRP B CZ3 1 
ATOM   471 C  CH2 . TRP B 1 23 ? -1.304  3.187   15.921  1.00 13.97 ? 22  TRP B CH2 1 
ATOM   472 N  N   . GLN B 1 24 ? 4.586   4.826   11.522  1.00 8.26  ? 23  GLN B N   1 
ATOM   473 C  CA  . GLN B 1 24 ? 5.799   5.353   12.120  1.00 9.57  ? 23  GLN B CA  1 
ATOM   474 C  C   . GLN B 1 24 ? 5.846   6.873   12.017  1.00 8.97  ? 23  GLN B C   1 
ATOM   475 O  O   . GLN B 1 24 ? 6.215   7.546   12.984  1.00 10.49 ? 23  GLN B O   1 
ATOM   476 C  CB  . GLN B 1 24 ? 7.021   4.725   11.469  1.00 11.25 ? 23  GLN B CB  1 
ATOM   477 C  CG  . GLN B 1 24 ? 7.128   3.256   11.745  1.00 15.98 ? 23  GLN B CG  1 
ATOM   478 C  CD  . GLN B 1 24 ? 8.321   2.612   11.063  1.00 21.33 ? 23  GLN B CD  1 
ATOM   479 O  OE1 . GLN B 1 24 ? 8.548   2.834   9.852   1.00 23.63 ? 23  GLN B OE1 1 
ATOM   480 N  NE2 . GLN B 1 24 ? 8.954   1.661   11.742  1.00 24.35 ? 23  GLN B NE2 1 
ATOM   481 N  N   . LEU B 1 25 ? 5.477   7.437   10.862  1.00 7.44  ? 24  LEU B N   1 
ATOM   482 C  CA  . LEU B 1 25 ? 5.459   8.880   10.700  1.00 7.67  ? 24  LEU B CA  1 
ATOM   483 C  C   . LEU B 1 25 ? 4.448   9.539   11.631  1.00 7.47  ? 24  LEU B C   1 
ATOM   484 O  O   . LEU B 1 25 ? 4.728   10.603  12.204  1.00 8.54  ? 24  LEU B O   1 
ATOM   485 C  CB  . LEU B 1 25 ? 5.189   9.246   9.247   1.00 7.58  ? 24  LEU B CB  1 
ATOM   486 C  CG  . LEU B 1 25 ? 6.288   8.887   8.265   1.00 8.16  ? 24  LEU B CG  1 
ATOM   487 C  CD1 . LEU B 1 25 ? 5.801   9.227   6.869   1.00 9.90  ? 24  LEU B CD1 1 
ATOM   488 C  CD2 . LEU B 1 25 ? 7.589   9.608   8.563   1.00 10.22 ? 24  LEU B CD2 1 
ATOM   489 N  N   . LYS B 1 26 ? 3.284   8.956   11.778  1.00 7.45  ? 25  LYS B N   1 
ATOM   490 C  CA  . LYS B 1 26 ? 2.287   9.460   12.724  1.00 8.19  ? 25  LYS B CA  1 
ATOM   491 C  C   . LYS B 1 26 ? 2.815   9.454   14.138  1.00 8.59  ? 25  LYS B C   1 
ATOM   492 O  O   . LYS B 1 26 ? 2.552   10.389  14.924  1.00 9.97  ? 25  LYS B O   1 
ATOM   493 C  CB  . LYS B 1 26 ? 0.958   8.717   12.604  1.00 8.67  ? 25  LYS B CB  1 
ATOM   494 C  CG  . LYS B 1 26 ? 0.240   8.944   11.326  1.00 9.99  ? 25  LYS B CG  1 
ATOM   495 C  CD  . LYS B 1 26 ? -1.053  8.133   11.296  1.00 13.77 ? 25  LYS B CD  1 
ATOM   496 C  CE  . LYS B 1 26 ? -1.800  8.063   10.046  1.00 19.35 ? 25  LYS B CE  1 
ATOM   497 N  NZ  . LYS B 1 26 ? -2.799  6.975   10.178  1.00 21.34 ? 25  LYS B NZ  1 
ATOM   498 N  N   . LYS B 1 27 ? 3.532   8.411   14.517  1.00 9.29  ? 26  LYS B N   1 
ATOM   499 C  CA  . LYS B 1 27 ? 4.055   8.344   15.887  1.00 11.47 ? 26  LYS B CA  1 
ATOM   500 C  C   . LYS B 1 27 ? 5.135   9.396   16.093  1.00 11.10 ? 26  LYS B C   1 
ATOM   501 O  O   . LYS B 1 27 ? 5.237   9.969   17.183  1.00 13.08 ? 26  LYS B O   1 
ATOM   502 C  CB  . LYS B 1 27 ? 4.569   6.932   16.212  1.00 12.85 ? 26  LYS B CB  1 
ATOM   503 C  CG  . LYS B 1 27 ? 3.536   5.819   16.207  1.00 14.35 ? 26  LYS B CG  1 
ATOM   504 C  CD  . LYS B 1 27 ? 2.241   6.035   17.007  1.00 16.08 ? 26  LYS B CD  1 
ATOM   505 C  CE  . LYS B 1 27 ? 1.108   6.519   16.119  1.00 17.20 ? 26  LYS B CE  1 
ATOM   506 N  NZ  . LYS B 1 27 ? -0.175  6.684   16.844  1.00 20.12 ? 26  LYS B NZ  1 
ATOM   507 N  N   . ILE B 1 28 ? 5.963   9.661   15.072  1.00 11.08 ? 27  ILE B N   1 
ATOM   508 C  CA  . ILE B 1 28 ? 6.962   10.727  15.147  1.00 11.51 ? 27  ILE B CA  1 
ATOM   509 C  C   . ILE B 1 28 ? 6.250   12.053  15.335  1.00 11.30 ? 27  ILE B C   1 
ATOM   510 O  O   . ILE B 1 28 ? 6.618   12.880  16.179  1.00 13.43 ? 27  ILE B O   1 
ATOM   511 C  CB  . ILE B 1 28 ? 7.883   10.751  13.901  1.00 11.84 ? 27  ILE B CB  1 
ATOM   512 C  CG1 . ILE B 1 28 ? 8.705   9.469   13.799  1.00 14.28 ? 27  ILE B CG1 1 
ATOM   513 C  CG2 . ILE B 1 28 ? 8.770   12.006  13.907  1.00 13.10 ? 27  ILE B CG2 1 
ATOM   514 C  CD1 . ILE B 1 28 ? 9.393   9.294   12.465  1.00 15.91 ? 27  ILE B CD1 1 
ATOM   515 N  N   . ALA B 1 29 ? 5.200   12.295  14.548  1.00 11.01 ? 28  ALA B N   1 
ATOM   516 C  CA  . ALA B 1 29 ? 4.478   13.552  14.619  1.00 11.11 ? 28  ALA B CA  1 
ATOM   517 C  C   . ALA B 1 29 ? 3.851   13.740  16.005  1.00 11.72 ? 28  ALA B C   1 
ATOM   518 O  O   . ALA B 1 29 ? 3.905   14.838  16.568  1.00 13.34 ? 28  ALA B O   1 
ATOM   519 C  CB  . ALA B 1 29 ? 3.451   13.622  13.504  1.00 11.81 ? 28  ALA B CB  1 
ATOM   520 N  N   . GLN B 1 30 ? 3.221   12.684  16.536  1.00 13.63 ? 29  GLN B N   1 
ATOM   521 C  CA  . GLN B 1 30 ? 2.393   12.781  17.740  1.00 15.86 ? 29  GLN B CA  1 
ATOM   522 C  C   . GLN B 1 30 ? 3.194   12.648  19.038  1.00 16.37 ? 29  GLN B C   1 
ATOM   523 O  O   . GLN B 1 30 ? 2.884   13.315  20.034  1.00 17.90 ? 29  GLN B O   1 
ATOM   524 C  CB  . GLN B 1 30 ? 1.285   11.719  17.625  1.00 20.15 ? 29  GLN B CB  1 
ATOM   525 C  CG  . GLN B 1 30 ? 0.344   12.107  16.412  1.00 27.25 ? 29  GLN B CG  1 
ATOM   526 C  CD  . GLN B 1 30 ? -0.645  11.008  15.956  1.00 35.82 ? 29  GLN B CD  1 
ATOM   527 O  OE1 . GLN B 1 30 ? -1.148  11.025  14.817  1.00 38.14 ? 29  GLN B OE1 1 
ATOM   528 N  NE2 . GLN B 1 30 ? -0.944  10.065  16.851  1.00 39.50 ? 29  GLN B NE2 1 
ATOM   529 N  N   . GLY B 1 31 ? 4.234   11.818  19.055  1.00 17.95 ? 30  GLY B N   1 
ATOM   530 C  CA  . GLY B 1 31 ? 4.922   11.506  20.303  1.00 21.57 ? 30  GLY B CA  1 
ATOM   531 C  C   . GLY B 1 31 ? 4.137   10.442  21.083  1.00 27.30 ? 30  GLY B C   1 
ATOM   532 O  O   . GLY B 1 31 ? 4.496   10.077  22.193  1.00 30.49 ? 30  GLY B O   1 
HETATM 533 N  N   . NH2 B 1 32 ? 3.065   9.949   20.478  1.00 29.19 ? 31  NH2 B N   1 
HETATM 534 C  C   . ACT C 2 .  ? 8.033   16.483  12.653  1.00 32.21 ? 101 ACT A C   1 
HETATM 535 O  O   . ACT C 2 .  ? 6.782   16.760  13.005  1.00 25.43 ? 101 ACT A O   1 
HETATM 536 O  OXT . ACT C 2 .  ? 8.667   16.735  11.556  1.00 34.96 ? 101 ACT A OXT 1 
HETATM 537 C  CH3 . ACT C 2 .  ? 8.921   15.696  13.680  1.00 32.58 ? 101 ACT A CH3 1 
HETATM 538 NA NA  . NA  D 3 .  ? 5.137   17.258  10.765  1.00 19.58 ? 102 NA  A NA  1 
HETATM 539 O  O   . HOH E 4 .  ? -0.769  17.535  13.764  1.00 35.04 ? 201 HOH A O   1 
HETATM 540 O  O   . HOH E 4 .  ? 4.145   14.424  -1.917  1.00 22.31 ? 202 HOH A O   1 
HETATM 541 O  O   . HOH E 4 .  ? -3.397  13.255  -0.105  1.00 22.33 ? 203 HOH A O   1 
HETATM 542 O  O   . HOH E 4 .  ? -6.239  10.388  6.451   1.00 20.55 ? 204 HOH A O   1 
HETATM 543 O  O   . HOH E 4 .  ? -1.692  20.149  7.198   1.00 14.92 ? 205 HOH A O   1 
HETATM 544 O  O   . HOH E 4 .  ? 4.153   12.447  -3.790  1.00 14.11 ? 206 HOH A O   1 
HETATM 545 O  O   . HOH E 4 .  ? -4.636  2.501   3.191   1.00 24.12 ? 207 HOH A O   1 
HETATM 546 O  O   . HOH E 4 .  ? -0.867  7.427   -8.168  1.00 13.43 ? 208 HOH A O   1 
HETATM 547 O  O   . HOH E 4 .  ? -1.012  3.284   8.470   1.00 19.59 ? 209 HOH A O   1 
HETATM 548 O  O   . HOH E 4 .  ? -7.670  13.990  6.254   1.00 12.31 ? 210 HOH A O   1 
HETATM 549 O  O   . HOH E 4 .  ? 0.480   15.337  14.958  1.00 24.36 ? 211 HOH A O   1 
HETATM 550 O  O   . HOH E 4 .  ? -5.976  5.616   -3.051  1.00 13.96 ? 212 HOH A O   1 
HETATM 551 O  O   . HOH E 4 .  ? -3.883  9.421   7.846   1.00 17.98 ? 213 HOH A O   1 
HETATM 552 O  O   . HOH E 4 .  ? -2.193  11.290  8.860   1.00 15.33 ? 214 HOH A O   1 
HETATM 553 O  O   . HOH E 4 .  ? -9.348  -3.095  -8.440  1.00 18.99 ? 215 HOH A O   1 
HETATM 554 O  O   . HOH E 4 .  ? -1.986  14.074  2.197   1.00 13.76 ? 216 HOH A O   1 
HETATM 555 O  O   . HOH E 4 .  ? -14.442 -15.876 -11.716 1.00 30.79 ? 217 HOH A O   1 
HETATM 556 O  O   . HOH E 4 .  ? -7.651  -0.931  -1.886  1.00 24.07 ? 218 HOH A O   1 
HETATM 557 O  O   . HOH E 4 .  ? 2.373   16.287  11.086  1.00 11.21 ? 219 HOH A O   1 
HETATM 558 O  O   . HOH E 4 .  ? -5.694  7.826   4.925   1.00 25.53 ? 220 HOH A O   1 
HETATM 559 O  O   . HOH E 4 .  ? -5.665  -1.106  -16.824 1.00 26.31 ? 221 HOH A O   1 
HETATM 560 O  O   . HOH E 4 .  ? -7.076  4.027   -4.998  1.00 17.90 ? 222 HOH A O   1 
HETATM 561 O  O   . HOH E 4 .  ? -6.371  6.096   2.667   1.00 33.01 ? 223 HOH A O   1 
HETATM 562 O  O   . HOH E 4 .  ? -4.776  3.019   5.851   1.00 28.33 ? 224 HOH A O   1 
HETATM 563 O  O   . HOH F 4 .  ? -4.704  -11.244 0.143   1.00 15.85 ? 101 HOH B O   1 
HETATM 564 O  O   . HOH F 4 .  ? -3.125  5.554   12.339  1.00 19.77 ? 102 HOH B O   1 
HETATM 565 O  O   . HOH F 4 .  ? 0.397   8.741   18.694  1.00 17.26 ? 103 HOH B O   1 
HETATM 566 O  O   . HOH F 4 .  ? -6.339  -14.623 -9.881  1.00 14.70 ? 104 HOH B O   1 
HETATM 567 O  O   . HOH F 4 .  ? -1.942  6.725   14.746  1.00 20.81 ? 105 HOH B O   1 
HETATM 568 O  O   . HOH F 4 .  ? -5.821  0.142   2.020   1.00 24.47 ? 106 HOH B O   1 
HETATM 569 O  O   . HOH F 4 .  ? -2.682  -12.948 -2.541  1.00 35.69 ? 107 HOH B O   1 
HETATM 570 O  O   . HOH F 4 .  ? 5.730   16.900  15.801  1.00 13.63 ? 108 HOH B O   1 
HETATM 571 O  O   . HOH F 4 .  ? -1.432  9.959   19.685  1.00 23.90 ? 109 HOH B O   1 
HETATM 572 O  O   . HOH F 4 .  ? 8.063   6.146   14.704  1.00 18.82 ? 110 HOH B O   1 
HETATM 573 O  O   . HOH F 4 .  ? 6.886   -7.220  -2.030  1.00 12.71 ? 111 HOH B O   1 
HETATM 574 O  O   . HOH F 4 .  ? 9.256   -5.471  5.577   1.00 25.56 ? 112 HOH B O   1 
HETATM 575 O  O   . HOH F 4 .  ? 5.783   1.648   15.309  1.00 23.31 ? 113 HOH B O   1 
HETATM 576 O  O   . HOH F 4 .  ? 4.501   6.268   20.086  1.00 21.24 ? 114 HOH B O   1 
HETATM 577 O  O   . HOH F 4 .  ? 7.983   -3.522  6.827   1.00 18.88 ? 115 HOH B O   1 
# 
loop_
_atom_site_anisotrop.id 
_atom_site_anisotrop.type_symbol 
_atom_site_anisotrop.pdbx_label_atom_id 
_atom_site_anisotrop.pdbx_label_alt_id 
_atom_site_anisotrop.pdbx_label_comp_id 
_atom_site_anisotrop.pdbx_label_asym_id 
_atom_site_anisotrop.pdbx_label_seq_id 
_atom_site_anisotrop.pdbx_PDB_ins_code 
_atom_site_anisotrop.U[1][1] 
_atom_site_anisotrop.U[2][2] 
_atom_site_anisotrop.U[3][3] 
_atom_site_anisotrop.U[1][2] 
_atom_site_anisotrop.U[1][3] 
_atom_site_anisotrop.U[2][3] 
_atom_site_anisotrop.pdbx_auth_seq_id 
_atom_site_anisotrop.pdbx_auth_comp_id 
_atom_site_anisotrop.pdbx_auth_asym_id 
_atom_site_anisotrop.pdbx_auth_atom_id 
1   C  C   . ACE A 1  ? 0.3225 0.2343 0.2975 -0.0152 -0.0002 -0.1276 0   ACE A C   
2   O  O   . ACE A 1  ? 0.3352 0.2355 0.3299 0.0156  -0.0257 -0.1312 0   ACE A O   
3   C  CH3 . ACE A 1  ? 0.3040 0.2032 0.3019 -0.0050 -0.0138 -0.1232 0   ACE A CH3 
4   N  N   . GLY A 2  ? 0.2252 0.1690 0.2999 0.0300  -0.0554 -0.1191 1   GLY A N   
5   C  CA  . GLY A 2  ? 0.1552 0.1589 0.2850 0.0275  -0.0631 -0.1111 1   GLY A CA  
6   C  C   . GLY A 2  ? 0.1549 0.0984 0.2233 0.0119  -0.0555 -0.0649 1   GLY A C   
7   O  O   . GLY A 2  ? 0.1602 0.0873 0.1888 0.0083  -0.0614 -0.0466 1   GLY A O   
8   N  N   . GLN A 3  ? 0.1869 0.0924 0.1835 0.0048  -0.0663 -0.0438 2   GLN A N   
9   C  CA  . GLN A 3  ? 0.2135 0.0942 0.1673 -0.0215 -0.0337 -0.0323 2   GLN A CA  
10  C  C   . GLN A 3  ? 0.1474 0.0821 0.1235 -0.0182 -0.0119 -0.0250 2   GLN A C   
11  O  O   . GLN A 3  ? 0.1619 0.0953 0.1019 -0.0074 -0.0251 -0.0226 2   GLN A O   
12  C  CB  . GLN A 3  ? 0.2484 0.1398 0.2315 -0.0589 -0.0132 -0.0261 2   GLN A CB  
13  C  CG  . GLN A 3  ? 0.3075 0.2423 0.2834 -0.0518 -0.0370 -0.0613 2   GLN A CG  
14  C  CD  . GLN A 3  ? 0.2913 0.2700 0.3162 -0.0558 -0.0472 -0.0835 2   GLN A CD  
15  O  OE1 . GLN A 3  ? 0.3127 0.3090 0.2990 -0.0412 -0.0476 -0.0611 2   GLN A OE1 
16  N  NE2 . GLN A 3  ? 0.2692 0.2682 0.3368 -0.0323 -0.0463 -0.1153 2   GLN A NE2 
17  N  N   . LEU A 4  ? 0.1242 0.0892 0.1118 -0.0048 -0.0246 -0.0283 3   LEU A N   
18  C  CA  . LEU A 4  ? 0.1316 0.0800 0.1006 0.0010  -0.0210 -0.0214 3   LEU A CA  
19  C  C   . LEU A 4  ? 0.1045 0.0912 0.0933 0.0062  -0.0216 -0.0261 3   LEU A C   
20  O  O   . LEU A 4  ? 0.1185 0.0779 0.0953 -0.0009 -0.0205 -0.0216 3   LEU A O   
21  C  CB  . LEU A 4  ? 0.1255 0.1009 0.1156 0.0049  -0.0358 -0.0266 3   LEU A CB  
22  C  CG  . LEU A 4  ? 0.1296 0.1193 0.1480 0.0016  -0.0403 -0.0297 3   LEU A CG  
23  C  CD1 . LEU A 4  ? 0.1614 0.1682 0.1560 0.0029  -0.0348 -0.0331 3   LEU A CD1 
24  C  CD2 . LEU A 4  ? 0.1355 0.1618 0.1608 0.0144  -0.0135 -0.0311 3   LEU A CD2 
25  N  N   . GLU A 5  ? 0.1087 0.0918 0.1030 -0.0022 -0.0139 -0.0230 4   GLU A N   
26  C  CA  A GLU A 5  ? 0.1093 0.0812 0.0828 -0.0038 0.0018  -0.0153 4   GLU A CA  
27  C  CA  B GLU A 5  ? 0.1383 0.1184 0.0958 0.0101  -0.0181 -0.0340 4   GLU A CA  
28  C  C   . GLU A 5  ? 0.0978 0.0852 0.0976 0.0178  -0.0110 -0.0299 4   GLU A C   
29  O  O   . GLU A 5  ? 0.1153 0.0759 0.0985 -0.0012 -0.0148 -0.0219 4   GLU A O   
30  C  CB  A GLU A 5  ? 0.1228 0.0962 0.0940 -0.0088 0.0083  -0.0231 4   GLU A CB  
31  C  CB  B GLU A 5  ? 0.1960 0.1732 0.1162 0.0221  -0.0441 -0.0529 4   GLU A CB  
32  C  CG  A GLU A 5  ? 0.1413 0.1571 0.0793 -0.0195 0.0297  -0.0228 4   GLU A CG  
33  C  CG  B GLU A 5  ? 0.2808 0.2319 0.1186 0.0036  -0.0420 -0.0564 4   GLU A CG  
34  C  CD  A GLU A 5  ? 0.2035 0.1688 0.1124 -0.0333 0.0294  -0.0093 4   GLU A CD  
35  C  CD  B GLU A 5  ? 0.3913 0.2726 0.1209 -0.0244 -0.0342 -0.0516 4   GLU A CD  
36  O  OE1 A GLU A 5  ? 0.2370 0.1423 0.1337 -0.0433 0.0395  -0.0021 4   GLU A OE1 
37  O  OE1 B GLU A 5  ? 0.4262 0.2456 0.1235 -0.0232 -0.0250 -0.0417 4   GLU A OE1 
38  O  OE2 A GLU A 5  ? 0.2609 0.2092 0.1363 -0.0625 0.0044  0.0103  4   GLU A OE2 
39  O  OE2 B GLU A 5  ? 0.4509 0.3198 0.1510 -0.0501 -0.0447 -0.0621 4   GLU A OE2 
40  N  N   . GLU A 6  ? 0.1137 0.0696 0.0963 0.0089  -0.0134 -0.0160 5   GLU A N   
41  C  CA  . GLU A 6  ? 0.1259 0.0682 0.1009 0.0094  -0.0198 -0.0179 5   GLU A CA  
42  C  C   . GLU A 6  ? 0.1223 0.0636 0.0812 0.0056  -0.0117 -0.0143 5   GLU A C   
43  O  O   . GLU A 6  ? 0.1146 0.0713 0.1002 0.0076  -0.0239 -0.0219 5   GLU A O   
44  C  CB  . GLU A 6  ? 0.1407 0.0773 0.1183 0.0040  -0.0185 -0.0122 5   GLU A CB  
45  C  CG  . GLU A 6  ? 0.1410 0.0636 0.1652 0.0187  -0.0081 -0.0105 5   GLU A CG  
46  C  CD  . GLU A 6  ? 0.2143 0.0833 0.2488 0.0397  0.0417  -0.0107 5   GLU A CD  
47  O  OE1 . GLU A 6  ? 0.2829 0.1094 0.2525 0.0294  0.0758  0.0019  5   GLU A OE1 
48  O  OE2 . GLU A 6  ? 0.2576 0.1351 0.2944 0.0090  0.0478  0.0159  5   GLU A OE2 
49  N  N   . ILE A 7  ? 0.0964 0.0771 0.0939 0.0035  -0.0097 -0.0204 6   ILE A N   
50  C  CA  . ILE A 7  ? 0.0984 0.0683 0.0874 0.0060  -0.0103 -0.0091 6   ILE A CA  
51  C  C   . ILE A 7  ? 0.0863 0.0717 0.0796 0.0139  -0.0146 -0.0151 6   ILE A C   
52  O  O   . ILE A 7  ? 0.0978 0.0734 0.0809 0.0105  -0.0151 -0.0164 6   ILE A O   
53  C  CB  . ILE A 7  ? 0.1049 0.0958 0.0860 -0.0119 0.0034  -0.0180 6   ILE A CB  
54  C  CG1 . ILE A 7  ? 0.1348 0.1219 0.1163 -0.0281 0.0103  -0.0144 6   ILE A CG1 
55  C  CG2 . ILE A 7  ? 0.1044 0.1078 0.1029 0.0023  -0.0024 -0.0266 6   ILE A CG2 
56  C  CD1 . ILE A 7  ? 0.1374 0.1395 0.1563 -0.0413 0.0140  -0.0203 6   ILE A CD1 
57  N  N   . ALA A 8  ? 0.0983 0.0733 0.0758 0.0084  -0.0129 -0.0136 7   ALA A N   
58  C  CA  . ALA A 8  ? 0.0969 0.0673 0.0737 0.0081  -0.0134 -0.0126 7   ALA A CA  
59  C  C   . ALA A 8  ? 0.0936 0.0718 0.0673 -0.0024 -0.0059 -0.0061 7   ALA A C   
60  O  O   . ALA A 8  ? 0.1122 0.0618 0.0772 0.0068  -0.0135 -0.0110 7   ALA A O   
61  C  CB  . ALA A 8  ? 0.1066 0.0865 0.0837 0.0104  -0.0211 -0.0143 7   ALA A CB  
62  N  N   . GLN A 9  ? 0.0976 0.0647 0.0832 0.0138  -0.0213 -0.0152 8   GLN A N   
63  C  CA  . GLN A 9  ? 0.1021 0.0739 0.0822 0.0082  -0.0117 -0.0128 8   GLN A CA  
64  C  C   . GLN A 9  ? 0.0981 0.0649 0.0834 0.0131  -0.0208 -0.0190 8   GLN A C   
65  O  O   . GLN A 9  ? 0.1090 0.0718 0.0881 0.0094  -0.0179 -0.0193 8   GLN A O   
66  C  CB  . GLN A 9  ? 0.1098 0.0819 0.0939 0.0215  -0.0184 -0.0201 8   GLN A CB  
67  C  CG  . GLN A 9  ? 0.1068 0.0910 0.1022 0.0253  -0.0234 -0.0254 8   GLN A CG  
68  C  CD  . GLN A 9  ? 0.1180 0.0926 0.0940 0.0186  -0.0109 -0.0112 8   GLN A CD  
69  O  OE1 . GLN A 9  ? 0.1444 0.1058 0.1270 0.0385  -0.0105 0.0002  8   GLN A OE1 
70  N  NE2 . GLN A 9  ? 0.1223 0.0962 0.1214 0.0384  -0.0182 -0.0251 8   GLN A NE2 
71  N  N   . GLN A 10 ? 0.1056 0.0666 0.0803 0.0082  -0.0173 -0.0113 9   GLN A N   
72  C  CA  A GLN A 10 ? 0.1222 0.0811 0.0775 0.0044  -0.0191 -0.0004 9   GLN A CA  
73  C  CA  B GLN A 10 ? 0.1237 0.0634 0.0890 0.0026  -0.0250 0.0037  9   GLN A CA  
74  C  CA  C GLN A 10 ? 0.1275 0.0763 0.0824 0.0067  -0.0214 -0.0093 9   GLN A CA  
75  C  C   . GLN A 10 ? 0.1038 0.0645 0.0694 -0.0017 -0.0073 -0.0005 9   GLN A C   
76  O  O   . GLN A 10 ? 0.1169 0.0791 0.0715 0.0044  -0.0230 -0.0159 9   GLN A O   
77  C  CB  A GLN A 10 ? 0.1415 0.1074 0.0667 0.0052  -0.0148 0.0103  9   GLN A CB  
78  C  CB  B GLN A 10 ? 0.1575 0.0492 0.1108 -0.0154 -0.0194 0.0207  9   GLN A CB  
79  C  CB  C GLN A 10 ? 0.1670 0.0965 0.0841 0.0059  -0.0255 -0.0124 9   GLN A CB  
80  C  CG  A GLN A 10 ? 0.1472 0.0942 0.0858 0.0016  0.0074  0.0379  9   GLN A CG  
81  C  CG  B GLN A 10 ? 0.1852 0.0716 0.1364 -0.0125 -0.0245 0.0247  9   GLN A CG  
82  C  CG  C GLN A 10 ? 0.1887 0.1097 0.0945 0.0270  -0.0404 -0.0119 9   GLN A CG  
83  C  CD  A GLN A 10 ? 0.1880 0.1129 0.1509 0.0019  0.0020  0.0280  9   GLN A CD  
84  C  CD  B GLN A 10 ? 0.2255 0.1047 0.1678 -0.0345 -0.0266 0.0282  9   GLN A CD  
85  C  CD  C GLN A 10 ? 0.2275 0.0879 0.0990 0.0338  -0.0589 0.0026  9   GLN A CD  
86  O  OE1 A GLN A 10 ? 0.2075 0.1076 0.2053 0.0048  -0.0304 0.0340  9   GLN A OE1 
87  O  OE1 B GLN A 10 ? 0.2114 0.1633 0.2067 -0.0615 -0.0421 0.0228  9   GLN A OE1 
88  O  OE1 C GLN A 10 ? 0.2751 0.1085 0.1334 0.0363  -0.0613 -0.0030 9   GLN A OE1 
89  N  NE2 A GLN A 10 ? 0.1767 0.1543 0.1426 -0.0142 0.0373  0.0040  9   GLN A NE2 
90  N  NE2 B GLN A 10 ? 0.2498 0.1281 0.1693 -0.0438 -0.0257 0.0200  9   GLN A NE2 
91  N  NE2 C GLN A 10 ? 0.2327 0.0818 0.0939 0.0062  -0.0593 0.0011  9   GLN A NE2 
92  N  N   . LEU A 11 ? 0.1043 0.0624 0.0698 0.0008  -0.0154 -0.0077 10  LEU A N   
93  C  CA  . LEU A 11 ? 0.1041 0.0692 0.0690 0.0019  -0.0089 -0.0110 10  LEU A CA  
94  C  C   . LEU A 11 ? 0.0915 0.0732 0.0765 -0.0011 -0.0166 -0.0065 10  LEU A C   
95  O  O   . LEU A 11 ? 0.1050 0.0646 0.0821 0.0023  -0.0142 -0.0155 10  LEU A O   
96  C  CB  . LEU A 11 ? 0.1051 0.0764 0.0692 0.0066  -0.0172 -0.0108 10  LEU A CB  
97  C  CG  . LEU A 11 ? 0.0873 0.0815 0.0951 0.0056  -0.0163 -0.0232 10  LEU A CG  
98  C  CD1 . LEU A 11 ? 0.1062 0.1422 0.0951 -0.0034 -0.0102 -0.0328 10  LEU A CD1 
99  C  CD2 . LEU A 11 ? 0.1089 0.0985 0.0904 0.0036  -0.0003 -0.0204 10  LEU A CD2 
100 N  N   . GLU A 12 ? 0.0929 0.0630 0.0760 0.0011  -0.0078 -0.0042 11  GLU A N   
101 C  CA  . GLU A 12 ? 0.1029 0.0724 0.0785 -0.0008 -0.0077 -0.0059 11  GLU A CA  
102 C  C   . GLU A 12 ? 0.0863 0.0723 0.0857 0.0018  -0.0059 -0.0194 11  GLU A C   
103 O  O   . GLU A 12 ? 0.1018 0.0694 0.0944 -0.0034 -0.0063 -0.0146 11  GLU A O   
104 C  CB  . GLU A 12 ? 0.1195 0.0800 0.0842 -0.0013 0.0046  -0.0045 11  GLU A CB  
105 C  CG  . GLU A 12 ? 0.1484 0.1082 0.0804 -0.0204 0.0040  0.0024  11  GLU A CG  
106 C  CD  . GLU A 12 ? 0.2128 0.1560 0.1045 0.0255  0.0089  -0.0304 11  GLU A CD  
107 O  OE1 . GLU A 12 ? 0.2226 0.2299 0.1250 0.0466  0.0104  -0.0477 11  GLU A OE1 
108 O  OE2 . GLU A 12 ? 0.2514 0.2312 0.1020 0.0257  0.0089  -0.0325 11  GLU A OE2 
109 N  N   . GLU A 13 ? 0.0905 0.0712 0.0760 0.0072  -0.0104 -0.0114 12  GLU A N   
110 C  CA  . GLU A 13 ? 0.0945 0.0882 0.0849 0.0132  -0.0165 -0.0222 12  GLU A CA  
111 C  C   . GLU A 13 ? 0.1096 0.0643 0.0754 0.0040  -0.0160 -0.0075 12  GLU A C   
112 O  O   . GLU A 13 ? 0.0995 0.0828 0.0902 0.0039  -0.0203 -0.0201 12  GLU A O   
113 C  CB  . GLU A 13 ? 0.1244 0.0811 0.0877 0.0217  -0.0258 -0.0100 12  GLU A CB  
114 C  CG  . GLU A 13 ? 0.1306 0.0841 0.1154 0.0277  -0.0185 -0.0140 12  GLU A CG  
115 C  CD  . GLU A 13 ? 0.1255 0.1045 0.1231 0.0378  -0.0170 -0.0182 12  GLU A CD  
116 O  OE1 . GLU A 13 ? 0.1641 0.0919 0.1514 0.0206  -0.0246 -0.0170 12  GLU A OE1 
117 O  OE2 . GLU A 13 ? 0.2026 0.1145 0.2798 0.0441  -0.0006 -0.0318 12  GLU A OE2 
118 N  N   . ILE A 14 ? 0.0994 0.0663 0.0829 0.0083  -0.0151 -0.0127 13  ILE A N   
119 C  CA  . ILE A 14 ? 0.1038 0.0761 0.0629 0.0053  -0.0109 -0.0141 13  ILE A CA  
120 C  C   . ILE A 14 ? 0.0858 0.0677 0.0742 -0.0015 -0.0061 -0.0129 13  ILE A C   
121 O  O   . ILE A 14 ? 0.1004 0.0725 0.0719 -0.0065 -0.0096 -0.0191 13  ILE A O   
122 C  CB  . ILE A 14 ? 0.0893 0.0866 0.0696 -0.0053 -0.0053 -0.0142 13  ILE A CB  
123 C  CG1 . ILE A 14 ? 0.1202 0.0870 0.0886 -0.0060 -0.0076 -0.0050 13  ILE A CG1 
124 C  CG2 . ILE A 14 ? 0.1134 0.0952 0.0785 0.0070  -0.0088 -0.0149 13  ILE A CG2 
125 C  CD1 . ILE A 14 ? 0.1334 0.1075 0.1112 -0.0391 0.0056  -0.0068 13  ILE A CD1 
126 N  N   . ALA A 15 ? 0.0931 0.0628 0.0806 -0.0014 -0.0064 -0.0068 14  ALA A N   
127 C  CA  . ALA A 15 ? 0.0982 0.0683 0.0851 0.0060  -0.0097 -0.0118 14  ALA A CA  
128 C  C   . ALA A 15 ? 0.1071 0.0775 0.0861 -0.0033 -0.0006 -0.0120 14  ALA A C   
129 O  O   . ALA A 15 ? 0.1193 0.0660 0.0968 -0.0126 -0.0077 -0.0169 14  ALA A O   
130 C  CB  . ALA A 15 ? 0.1224 0.0715 0.0810 0.0076  -0.0106 -0.0067 14  ALA A CB  
131 N  N   . LYS A 16 ? 0.0994 0.0773 0.0946 -0.0061 -0.0014 -0.0167 15  LYS A N   
132 C  CA  . LYS A 16 ? 0.0943 0.0922 0.1133 -0.0127 0.0035  -0.0188 15  LYS A CA  
133 C  C   . LYS A 16 ? 0.0965 0.0846 0.1121 -0.0031 -0.0117 -0.0190 15  LYS A C   
134 O  O   . LYS A 16 ? 0.1203 0.0979 0.1293 -0.0231 -0.0155 -0.0339 15  LYS A O   
135 C  CB  . LYS A 16 ? 0.1012 0.1318 0.1235 -0.0099 0.0205  -0.0189 15  LYS A CB  
136 C  CG  . LYS A 16 ? 0.1481 0.2019 0.2082 0.0083  -0.0060 -0.0458 15  LYS A CG  
137 C  CD  . LYS A 16 ? 0.1907 0.2657 0.2430 -0.0147 -0.0140 -0.0590 15  LYS A CD  
138 N  N   . GLN A 17 ? 0.1023 0.0841 0.1085 0.0103  -0.0214 -0.0236 16  GLN A N   
139 C  CA  A GLN A 17 ? 0.1027 0.0762 0.0947 0.0036  -0.0260 -0.0174 16  GLN A CA  
140 C  CA  B GLN A 17 ? 0.1122 0.1065 0.1097 -0.0013 -0.0296 -0.0220 16  GLN A CA  
141 C  C   . GLN A 17 ? 0.1053 0.0744 0.0962 -0.0019 -0.0211 -0.0126 16  GLN A C   
142 O  O   . GLN A 17 ? 0.1270 0.0870 0.1058 -0.0035 -0.0346 -0.0329 16  GLN A O   
143 C  CB  A GLN A 17 ? 0.1391 0.0443 0.0906 0.0009  -0.0346 -0.0086 16  GLN A CB  
144 C  CB  B GLN A 17 ? 0.1115 0.1542 0.1386 0.0168  -0.0564 -0.0367 16  GLN A CB  
145 C  CG  A GLN A 17 ? 0.1142 0.0869 0.0967 -0.0051 -0.0166 -0.0001 16  GLN A CG  
146 C  CG  B GLN A 17 ? 0.1487 0.2005 0.1315 -0.0037 -0.0552 -0.0326 16  GLN A CG  
147 C  CD  A GLN A 17 ? 0.1225 0.1108 0.1266 0.0048  -0.0107 -0.0135 16  GLN A CD  
148 C  CD  B GLN A 17 ? 0.2422 0.2773 0.1716 -0.0213 -0.0599 -0.0539 16  GLN A CD  
149 O  OE1 A GLN A 17 ? 0.1327 0.1425 0.1055 -0.0352 0.0178  -0.0073 16  GLN A OE1 
150 O  OE1 B GLN A 17 ? 0.2791 0.3093 0.2282 -0.0174 -0.0643 -0.0792 16  GLN A OE1 
151 N  NE2 A GLN A 17 ? 0.1298 0.1352 0.1207 -0.0045 0.0126  0.0069  16  GLN A NE2 
152 N  NE2 B GLN A 17 ? 0.2730 0.2907 0.1765 -0.0035 -0.0628 -0.0599 16  GLN A NE2 
153 N  N   . LEU A 18 ? 0.0947 0.0675 0.0908 -0.0035 -0.0118 -0.0113 17  LEU A N   
154 C  CA  . LEU A 18 ? 0.1074 0.0739 0.0925 -0.0026 -0.0157 -0.0193 17  LEU A CA  
155 C  C   . LEU A 18 ? 0.1061 0.0746 0.0989 -0.0063 -0.0203 -0.0199 17  LEU A C   
156 O  O   . LEU A 18 ? 0.1194 0.0776 0.1032 -0.0037 -0.0185 -0.0308 17  LEU A O   
157 C  CB  . LEU A 18 ? 0.1121 0.0904 0.0851 0.0057  -0.0189 -0.0248 17  LEU A CB  
158 C  CG  . LEU A 18 ? 0.0958 0.0945 0.0955 -0.0033 -0.0099 -0.0362 17  LEU A CG  
159 C  CD1 . LEU A 18 ? 0.1093 0.1669 0.1070 -0.0062 -0.0121 -0.0498 17  LEU A CD1 
160 C  CD2 . LEU A 18 ? 0.0996 0.1116 0.1017 -0.0081 -0.0107 -0.0240 17  LEU A CD2 
161 N  N   . LYS A 19 ? 0.1124 0.0703 0.1003 -0.0158 -0.0099 -0.0147 18  LYS A N   
162 C  CA  . LYS A 19 ? 0.1279 0.0840 0.1046 -0.0220 -0.0136 -0.0124 18  LYS A CA  
163 C  C   . LYS A 19 ? 0.1324 0.0796 0.0941 -0.0234 -0.0120 -0.0160 18  LYS A C   
164 O  O   . LYS A 19 ? 0.1381 0.0841 0.1129 -0.0261 -0.0109 -0.0223 18  LYS A O   
165 C  CB  . LYS A 19 ? 0.1323 0.1022 0.1030 -0.0397 -0.0193 0.0013  18  LYS A CB  
166 C  CG  . LYS A 19 ? 0.1745 0.1279 0.1118 -0.0472 -0.0361 0.0097  18  LYS A CG  
167 C  CD  . LYS A 19 ? 0.2244 0.1970 0.1370 -0.0461 -0.0822 0.0170  18  LYS A CD  
168 C  CE  . LYS A 19 ? 0.2459 0.2028 0.1627 -0.0801 -0.0406 0.0179  18  LYS A CE  
169 N  NZ  . LYS A 19 ? 0.2721 0.1868 0.1678 -0.0866 -0.0359 0.0235  18  LYS A NZ  
170 N  N   . LYS A 20 ? 0.1165 0.0965 0.1047 -0.0154 -0.0139 -0.0221 19  LYS A N   
171 C  CA  . LYS A 20 ? 0.1216 0.1056 0.1196 -0.0070 -0.0226 -0.0339 19  LYS A CA  
172 C  C   . LYS A 20 ? 0.1227 0.0830 0.1165 -0.0139 -0.0220 -0.0258 19  LYS A C   
173 O  O   . LYS A 20 ? 0.1268 0.1072 0.1261 -0.0241 -0.0278 -0.0368 19  LYS A O   
174 C  CB  . LYS A 20 ? 0.1262 0.1186 0.1497 0.0079  -0.0416 -0.0337 19  LYS A CB  
175 C  CG  . LYS A 20 ? 0.2080 0.1703 0.1949 0.0262  -0.0414 -0.0530 19  LYS A CG  
176 N  N   . ILE A 21 ? 0.1255 0.0781 0.1065 -0.0149 -0.0223 -0.0212 20  ILE A N   
177 C  CA  . ILE A 21 ? 0.1169 0.0928 0.0949 -0.0065 -0.0176 -0.0214 20  ILE A CA  
178 C  C   . ILE A 21 ? 0.1334 0.0815 0.0965 -0.0203 -0.0146 -0.0155 20  ILE A C   
179 O  O   . ILE A 21 ? 0.1538 0.0910 0.0978 -0.0235 -0.0195 -0.0293 20  ILE A O   
180 C  CB  . ILE A 21 ? 0.1156 0.1018 0.0853 -0.0178 -0.0152 -0.0086 20  ILE A CB  
181 C  CG1 . ILE A 21 ? 0.1358 0.1125 0.1048 -0.0271 -0.0307 0.0038  20  ILE A CG1 
182 C  CG2 . ILE A 21 ? 0.1409 0.1220 0.1030 0.0011  -0.0183 -0.0288 20  ILE A CG2 
183 C  CD1 . ILE A 21 ? 0.1588 0.1033 0.1276 -0.0380 -0.0222 0.0137  20  ILE A CD1 
184 N  N   . ALA A 22 ? 0.1353 0.0814 0.0925 -0.0145 -0.0164 -0.0249 21  ALA A N   
185 C  CA  . ALA A 22 ? 0.1556 0.0757 0.1019 -0.0110 -0.0231 -0.0235 21  ALA A CA  
186 C  C   . ALA A 22 ? 0.1496 0.0843 0.1027 -0.0206 -0.0183 -0.0233 21  ALA A C   
187 O  O   . ALA A 22 ? 0.1699 0.0815 0.1104 -0.0205 -0.0112 -0.0350 21  ALA A O   
188 C  CB  . ALA A 22 ? 0.1590 0.0909 0.1088 -0.0081 -0.0145 -0.0271 21  ALA A CB  
189 N  N   . TRP A 23 ? 0.1470 0.0902 0.1135 -0.0265 -0.0126 -0.0327 22  TRP A N   
190 C  CA  . TRP A 23 ? 0.1524 0.1036 0.1421 -0.0368 -0.0089 -0.0354 22  TRP A CA  
191 C  C   . TRP A 23 ? 0.1516 0.1076 0.1348 -0.0422 -0.0125 -0.0331 22  TRP A C   
192 O  O   . TRP A 23 ? 0.1718 0.1205 0.1508 -0.0525 -0.0143 -0.0556 22  TRP A O   
193 C  CB  . TRP A 23 ? 0.1508 0.1354 0.1636 -0.0413 0.0085  -0.0451 22  TRP A CB  
194 C  CG  . TRP A 23 ? 0.1589 0.1676 0.1717 -0.0632 -0.0030 -0.0335 22  TRP A CG  
195 C  CD1 . TRP A 23 ? 0.1658 0.1936 0.2229 -0.0514 -0.0132 -0.0354 22  TRP A CD1 
196 C  CD2 . TRP A 23 ? 0.1667 0.1957 0.1598 -0.0491 0.0153  -0.0162 22  TRP A CD2 
197 N  NE1 . TRP A 23 ? 0.1974 0.2106 0.2432 -0.0661 -0.0125 -0.0246 22  TRP A NE1 
198 C  CE2 . TRP A 23 ? 0.1813 0.1933 0.2105 -0.0549 -0.0006 -0.0151 22  TRP A CE2 
199 C  CE3 . TRP A 23 ? 0.2041 0.2074 0.1621 -0.0506 0.0033  -0.0110 22  TRP A CE3 
200 C  CZ2 . TRP A 23 ? 0.2196 0.1861 0.2259 -0.0714 0.0052  -0.0142 22  TRP A CZ2 
201 C  CZ3 . TRP A 23 ? 0.2528 0.1902 0.1911 -0.0710 0.0225  -0.0038 22  TRP A CZ3 
202 C  CH2 . TRP A 23 ? 0.2545 0.1919 0.1995 -0.0679 0.0198  -0.0068 22  TRP A CH2 
203 N  N   . GLN A 24 ? 0.1573 0.1108 0.1371 -0.0312 -0.0322 -0.0348 23  GLN A N   
204 C  CA  A GLN A 24 ? 0.1689 0.1234 0.1375 -0.0243 -0.0382 -0.0321 23  GLN A CA  
205 C  CA  B GLN A 24 ? 0.1761 0.1253 0.1416 -0.0190 -0.0418 -0.0321 23  GLN A CA  
206 C  C   . GLN A 24 ? 0.1756 0.1160 0.1113 -0.0381 -0.0279 -0.0207 23  GLN A C   
207 O  O   . GLN A 24 ? 0.1868 0.1351 0.1287 -0.0374 -0.0460 -0.0354 23  GLN A O   
208 C  CB  A GLN A 24 ? 0.1840 0.1236 0.1473 -0.0154 -0.0457 -0.0227 23  GLN A CB  
209 C  CB  B GLN A 24 ? 0.2053 0.1256 0.1592 0.0026  -0.0572 -0.0227 23  GLN A CB  
210 C  CG  A GLN A 24 ? 0.2045 0.1370 0.2027 -0.0028 -0.0536 -0.0420 23  GLN A CG  
211 C  CG  B GLN A 24 ? 0.2203 0.1349 0.2168 0.0179  -0.0754 -0.0370 23  GLN A CG  
212 C  CD  A GLN A 24 ? 0.2749 0.2137 0.2758 0.0276  -0.0572 -0.1029 23  GLN A CD  
213 C  CD  B GLN A 24 ? 0.2672 0.1780 0.2521 0.0270  -0.0995 -0.0532 23  GLN A CD  
214 O  OE1 A GLN A 24 ? 0.3125 0.2429 0.3140 0.0245  -0.0588 -0.1317 23  GLN A OE1 
215 O  OE1 B GLN A 24 ? 0.2895 0.2051 0.2634 0.0242  -0.1124 -0.0510 23  GLN A OE1 
216 N  NE2 A GLN A 24 ? 0.2876 0.2322 0.2904 0.0567  -0.0582 -0.1129 23  GLN A NE2 
217 N  NE2 B GLN A 24 ? 0.2800 0.2254 0.2688 0.0162  -0.1084 -0.0676 23  GLN A NE2 
218 N  N   . LEU A 25 ? 0.1692 0.0933 0.1028 -0.0337 -0.0203 -0.0290 24  LEU A N   
219 C  CA  . LEU A 25 ? 0.1700 0.1102 0.0927 -0.0412 -0.0128 -0.0193 24  LEU A CA  
220 C  C   . LEU A 25 ? 0.1581 0.0925 0.0923 -0.0295 -0.0127 -0.0234 24  LEU A C   
221 O  O   . LEU A 25 ? 0.1864 0.1020 0.0946 -0.0422 -0.0030 -0.0327 24  LEU A O   
222 C  CB  . LEU A 25 ? 0.1573 0.1143 0.0955 -0.0256 -0.0151 -0.0326 24  LEU A CB  
223 C  CG  . LEU A 25 ? 0.1700 0.1078 0.1075 -0.0408 0.0097  -0.0309 24  LEU A CG  
224 C  CD1 . LEU A 25 ? 0.1780 0.1896 0.1028 -0.0760 0.0060  -0.0483 24  LEU A CD1 
225 C  CD2 . LEU A 25 ? 0.1996 0.1196 0.1030 -0.0426 0.0066  0.0025  24  LEU A CD2 
226 N  N   . LYS A 26 ? 0.1717 0.0948 0.0981 -0.0353 -0.0100 -0.0304 25  LYS A N   
227 C  CA  . LYS A 26 ? 0.1714 0.0982 0.1071 -0.0463 -0.0056 -0.0308 25  LYS A CA  
228 C  C   . LYS A 26 ? 0.1826 0.1122 0.1101 -0.0508 0.0025  -0.0398 25  LYS A C   
229 O  O   . LYS A 26 ? 0.1805 0.1157 0.1299 -0.0547 0.0094  -0.0478 25  LYS A O   
230 C  CB  . LYS A 26 ? 0.1963 0.1015 0.1027 -0.0515 0.0083  -0.0229 25  LYS A CB  
231 C  CG  . LYS A 26 ? 0.2000 0.1166 0.1049 -0.0487 -0.0046 -0.0198 25  LYS A CG  
232 C  CD  . LYS A 26 ? 0.2271 0.1603 0.1067 -0.0732 0.0014  -0.0117 25  LYS A CD  
233 C  CE  . LYS A 26 ? 0.2372 0.2233 0.1096 -0.0977 -0.0061 -0.0053 25  LYS A CE  
234 N  NZ  . LYS A 26 ? 0.2793 0.2362 0.1292 -0.1164 -0.0052 -0.0074 25  LYS A NZ  
235 N  N   . LYS A 27 ? 0.1909 0.1288 0.1343 -0.0448 -0.0229 -0.0508 26  LYS A N   
236 C  CA  . LYS A 27 ? 0.2012 0.1661 0.1706 -0.0430 -0.0457 -0.0521 26  LYS A CA  
237 C  C   . LYS A 27 ? 0.2281 0.1690 0.1537 -0.0545 -0.0499 -0.0468 26  LYS A C   
238 O  O   . LYS A 27 ? 0.2260 0.1823 0.1866 -0.0716 -0.0553 -0.0624 26  LYS A O   
239 C  CB  . LYS A 27 ? 0.2075 0.1903 0.2384 -0.0266 -0.0636 -0.0559 26  LYS A CB  
240 C  CG  . LYS A 27 ? 0.2442 0.2196 0.2764 -0.0305 -0.0786 -0.0594 26  LYS A CG  
241 N  N   . ILE A 28 ? 0.2415 0.1621 0.1339 -0.0653 -0.0481 -0.0319 27  ILE A N   
242 C  CA  . ILE A 28 ? 0.2700 0.1577 0.1208 -0.0593 -0.0477 -0.0250 27  ILE A CA  
243 C  C   . ILE A 28 ? 0.2621 0.1541 0.1124 -0.0642 -0.0046 -0.0411 27  ILE A C   
244 O  O   . ILE A 28 ? 0.2836 0.1839 0.1250 -0.0687 -0.0103 -0.0564 27  ILE A O   
245 C  CB  . ILE A 28 ? 0.2919 0.1510 0.1233 -0.0609 -0.0513 -0.0174 27  ILE A CB  
246 C  CG1 . ILE A 28 ? 0.3218 0.1579 0.1444 -0.0820 -0.0628 -0.0047 27  ILE A CG1 
247 C  CG2 . ILE A 28 ? 0.3109 0.1770 0.1105 -0.0640 -0.0271 -0.0247 27  ILE A CG2 
248 C  CD1 . ILE A 28 ? 0.3360 0.1707 0.1538 -0.0811 -0.0802 0.0177  27  ILE A CD1 
249 N  N   . ALA A 29 ? 0.2130 0.1247 0.1027 -0.0694 0.0263  -0.0371 28  ALA A N   
250 C  CA  . ALA A 29 ? 0.2113 0.1371 0.1187 -0.0698 0.0443  -0.0461 28  ALA A CA  
251 C  C   . ALA A 29 ? 0.2033 0.1285 0.1220 -0.0697 0.0447  -0.0535 28  ALA A C   
252 O  O   . ALA A 29 ? 0.1826 0.1317 0.1265 -0.0546 0.0422  -0.0642 28  ALA A O   
253 C  CB  . ALA A 29 ? 0.1971 0.1257 0.1430 -0.0522 0.0352  -0.0308 28  ALA A CB  
254 N  N   . GLN A 30 ? 0.1889 0.1367 0.1338 -0.0785 0.0537  -0.0580 29  GLN A N   
255 C  CA  . GLN A 30 ? 0.2075 0.1607 0.1361 -0.0691 0.0560  -0.0642 29  GLN A CA  
256 C  C   . GLN A 30 ? 0.2006 0.1955 0.1527 -0.0782 0.0516  -0.0635 29  GLN A C   
257 O  O   . GLN A 30 ? 0.2592 0.2080 0.1601 -0.1136 0.0257  -0.0567 29  GLN A O   
258 C  CB  . GLN A 30 ? 0.2106 0.1514 0.1479 -0.0754 0.0682  -0.0578 29  GLN A CB  
259 C  CG  . GLN A 30 ? 0.2506 0.1729 0.1717 -0.0850 0.0779  -0.0640 29  GLN A CG  
260 C  CD  . GLN A 30 ? 0.2707 0.1890 0.1898 -0.1052 0.0903  -0.0590 29  GLN A CD  
261 O  OE1 . GLN A 30 ? 0.3205 0.2222 0.1768 -0.1140 0.0732  -0.0636 29  GLN A OE1 
262 N  NE2 . GLN A 30 ? 0.2605 0.2036 0.2251 -0.1068 0.1150  -0.0745 29  GLN A NE2 
263 N  N   . GLY A 31 ? 0.1961 0.2415 0.2348 -0.0659 0.0199  -0.0668 30  GLY A N   
264 C  CA  . GLY A 31 ? 0.2286 0.3785 0.3026 -0.0512 -0.0054 -0.1048 30  GLY A CA  
265 C  C   . GLY A 31 ? 0.3035 0.4818 0.3687 -0.0454 -0.0145 -0.1378 30  GLY A C   
266 O  O   . GLY A 31 ? 0.3128 0.5435 0.3931 -0.0358 0.0002  -0.1670 30  GLY A O   
267 N  N   . NH2 A 32 ? 0.3444 0.4909 0.3829 -0.0358 -0.0317 -0.1262 31  NH2 A N   
268 C  C   . ACE B 1  ? 0.4921 0.3156 0.3282 -0.0526 -0.0533 -0.1795 0   ACE B C   
269 O  O   . ACE B 1  ? 0.3170 0.2350 0.2111 -0.0503 0.0014  -0.1239 0   ACE B O   
270 C  CH3 . ACE B 1  ? 0.4508 0.2822 0.3055 -0.0449 -0.0295 -0.1649 0   ACE B CH3 
271 N  N   . GLY B 2  ? 0.4348 0.2481 0.2957 -0.0381 -0.0276 -0.1448 1   GLY B N   
272 C  CA  . GLY B 2  ? 0.3385 0.1660 0.2796 -0.0149 -0.0438 -0.1101 1   GLY B CA  
273 C  C   . GLY B 2  ? 0.2773 0.1355 0.1709 0.0066  -0.0040 -0.0816 1   GLY B C   
274 O  O   . GLY B 2  ? 0.2909 0.1413 0.1197 -0.0071 0.0184  -0.0556 1   GLY B O   
275 N  N   . GLN B 3  ? 0.2553 0.1566 0.1268 -0.0018 0.0195  -0.0623 2   GLN B N   
276 C  CA  . GLN B 3  ? 0.2427 0.1777 0.1404 -0.0015 0.0137  -0.0655 2   GLN B CA  
277 C  C   . GLN B 3  ? 0.2364 0.1421 0.1168 -0.0177 0.0112  -0.0485 2   GLN B C   
278 O  O   . GLN B 3  ? 0.2209 0.1515 0.1318 -0.0247 -0.0101 -0.0610 2   GLN B O   
279 C  CB  . GLN B 3  ? 0.2545 0.2478 0.1883 -0.0191 -0.0033 -0.0661 2   GLN B CB  
280 C  CG  . GLN B 3  ? 0.2503 0.2902 0.1897 -0.0427 -0.0122 -0.0504 2   GLN B CG  
281 C  CD  . GLN B 3  ? 0.1939 0.3199 0.1497 -0.0686 0.0062  -0.0269 2   GLN B CD  
282 O  OE1 . GLN B 3  ? 0.2211 0.3794 0.2064 -0.0657 -0.0354 -0.0459 2   GLN B OE1 
283 N  NE2 . GLN B 3  ? 0.1942 0.2963 0.1724 -0.0624 0.0127  -0.0361 2   GLN B NE2 
284 N  N   . LEU B 4  ? 0.2115 0.1327 0.1046 -0.0258 0.0072  -0.0424 3   LEU B N   
285 C  CA  . LEU B 4  ? 0.1741 0.1255 0.1115 -0.0363 0.0025  -0.0358 3   LEU B CA  
286 C  C   . LEU B 4  ? 0.2072 0.1253 0.1025 -0.0383 -0.0078 -0.0484 3   LEU B C   
287 O  O   . LEU B 4  ? 0.2078 0.1086 0.1107 -0.0242 -0.0093 -0.0440 3   LEU B O   
288 C  CB  . LEU B 4  ? 0.2138 0.1343 0.1153 -0.0416 -0.0071 -0.0234 3   LEU B CB  
289 C  CG  . LEU B 4  ? 0.2495 0.1299 0.1239 -0.0449 -0.0107 -0.0010 3   LEU B CG  
290 C  CD1 . LEU B 4  ? 0.2524 0.1857 0.1351 -0.0451 -0.0347 -0.0078 3   LEU B CD1 
291 C  CD2 . LEU B 4  ? 0.2682 0.1590 0.1575 -0.0656 -0.0108 0.0082  3   LEU B CD2 
292 N  N   . GLU B 5  ? 0.2359 0.1013 0.1072 -0.0371 0.0072  -0.0391 4   GLU B N   
293 C  CA  . GLU B 5  ? 0.2392 0.1121 0.1219 -0.0429 0.0176  -0.0493 4   GLU B CA  
294 C  C   . GLU B 5  ? 0.2243 0.0957 0.1054 -0.0213 0.0182  -0.0361 4   GLU B C   
295 O  O   . GLU B 5  ? 0.2393 0.1083 0.0994 -0.0261 0.0257  -0.0407 4   GLU B O   
296 C  CB  . GLU B 5  ? 0.2803 0.1227 0.1557 -0.0698 0.0167  -0.0418 4   GLU B CB  
297 C  CG  . GLU B 5  ? 0.3665 0.2140 0.1686 -0.1135 0.0125  -0.0147 4   GLU B CG  
298 C  CD  . GLU B 5  ? 0.4239 0.2653 0.1450 -0.1360 0.0216  0.0140  4   GLU B CD  
299 O  OE1 . GLU B 5  ? 0.4482 0.3119 0.2091 -0.1227 0.0081  -0.0101 4   GLU B OE1 
300 O  OE2 . GLU B 5  ? 0.4430 0.2965 0.1885 -0.1601 0.0126  -0.0084 4   GLU B OE2 
301 N  N   . GLU B 6  ? 0.2401 0.0962 0.1017 -0.0166 0.0107  -0.0330 5   GLU B N   
302 C  CA  . GLU B 6  ? 0.2400 0.1008 0.1083 0.0082  -0.0042 -0.0372 5   GLU B CA  
303 C  C   . GLU B 6  ? 0.1843 0.0947 0.0997 0.0114  -0.0010 -0.0354 5   GLU B C   
304 O  O   . GLU B 6  ? 0.1947 0.1111 0.0947 0.0175  -0.0186 -0.0287 5   GLU B O   
305 C  CB  . GLU B 6  ? 0.2561 0.1283 0.1875 0.0470  -0.0415 -0.0626 5   GLU B CB  
306 C  CG  . GLU B 6  ? 0.2887 0.1724 0.2405 0.0583  -0.0592 -0.0641 5   GLU B CG  
307 N  N   . ILE B 7  ? 0.1679 0.0980 0.0936 0.0067  -0.0017 -0.0284 6   ILE B N   
308 C  CA  . ILE B 7  ? 0.1555 0.1019 0.0956 -0.0151 0.0023  -0.0239 6   ILE B CA  
309 C  C   . ILE B 7  ? 0.1548 0.0787 0.0799 -0.0103 0.0005  -0.0165 6   ILE B C   
310 O  O   . ILE B 7  ? 0.1440 0.0863 0.0895 -0.0160 -0.0052 -0.0241 6   ILE B O   
311 C  CB  . ILE B 7  ? 0.1726 0.1266 0.0900 -0.0141 0.0027  -0.0160 6   ILE B CB  
312 C  CG1 . ILE B 7  ? 0.1775 0.1996 0.1021 -0.0335 0.0268  -0.0399 6   ILE B CG1 
313 C  CG2 . ILE B 7  ? 0.2067 0.1206 0.0989 -0.0436 -0.0072 -0.0028 6   ILE B CG2 
314 C  CD1 . ILE B 7  ? 0.2100 0.2374 0.1154 -0.0350 0.0354  -0.0434 6   ILE B CD1 
315 N  N   . ALA B 8  ? 0.1545 0.0894 0.0819 -0.0153 0.0057  -0.0255 7   ALA B N   
316 C  CA  . ALA B 8  ? 0.1557 0.0877 0.0912 -0.0242 -0.0059 -0.0235 7   ALA B CA  
317 C  C   . ALA B 8  ? 0.1555 0.0825 0.0796 -0.0270 0.0035  -0.0200 7   ALA B C   
318 O  O   . ALA B 8  ? 0.1514 0.0878 0.0988 -0.0176 -0.0002 -0.0359 7   ALA B O   
319 C  CB  . ALA B 8  ? 0.1756 0.0910 0.1138 -0.0282 0.0005  -0.0330 7   ALA B CB  
320 N  N   . GLN B 9  ? 0.1795 0.0838 0.0854 -0.0156 0.0002  -0.0188 8   GLN B N   
321 C  CA  A GLN B 9  ? 0.2179 0.0910 0.0812 -0.0205 -0.0059 -0.0046 8   GLN B CA  
322 C  CA  B GLN B 9  ? 0.2301 0.0685 0.0995 -0.0141 -0.0008 -0.0089 8   GLN B CA  
323 C  C   . GLN B 9  ? 0.1979 0.0793 0.0870 -0.0056 -0.0131 -0.0153 8   GLN B C   
324 O  O   . GLN B 9  ? 0.2100 0.0864 0.0821 0.0054  -0.0144 -0.0142 8   GLN B O   
325 C  CB  A GLN B 9  ? 0.2632 0.1286 0.0896 -0.0347 -0.0208 0.0035  8   GLN B CB  
326 C  CB  B GLN B 9  ? 0.2755 0.0759 0.1465 -0.0060 0.0015  -0.0229 8   GLN B CB  
327 C  CG  A GLN B 9  ? 0.2924 0.1567 0.1123 -0.0585 -0.0116 0.0135  8   GLN B CG  
328 C  CG  B GLN B 9  ? 0.3680 0.1041 0.1596 -0.0384 0.0322  -0.0194 8   GLN B CG  
329 C  CD  A GLN B 9  ? 0.3458 0.2419 0.1437 -0.0849 -0.0102 0.0016  8   GLN B CD  
330 C  CD  B GLN B 9  ? 0.4490 0.1548 0.2296 -0.0517 0.0265  -0.0398 8   GLN B CD  
331 O  OE1 A GLN B 9  ? 0.3655 0.2599 0.1682 -0.1023 -0.0166 -0.0040 8   GLN B OE1 
332 O  OE1 B GLN B 9  ? 0.4883 0.1847 0.2712 -0.0559 0.0079  -0.0442 8   GLN B OE1 
333 N  NE2 A GLN B 9  ? 0.3791 0.3080 0.1400 -0.0850 0.0082  -0.0204 8   GLN B NE2 
334 N  NE2 B GLN B 9  ? 0.4679 0.1639 0.2455 -0.0637 0.0442  -0.0596 8   GLN B NE2 
335 N  N   . GLN B 10 ? 0.1804 0.0789 0.0857 0.0065  -0.0168 -0.0183 9   GLN B N   
336 C  CA  A GLN B 10 ? 0.1396 0.0948 0.0913 0.0206  -0.0213 -0.0258 9   GLN B CA  
337 C  CA  B GLN B 10 ? 0.1918 0.1142 0.1105 0.0127  -0.0239 -0.0282 9   GLN B CA  
338 C  C   . GLN B 10 ? 0.1424 0.0855 0.0872 0.0064  -0.0171 -0.0176 9   GLN B C   
339 O  O   . GLN B 10 ? 0.1427 0.0967 0.0859 0.0082  -0.0273 -0.0260 9   GLN B O   
340 C  CB  A GLN B 10 ? 0.1034 0.1127 0.0897 0.0511  -0.0195 -0.0317 9   GLN B CB  
341 C  CB  B GLN B 10 ? 0.2629 0.1724 0.1518 0.0190  -0.0260 -0.0395 9   GLN B CB  
342 C  CG  A GLN B 10 ? 0.1214 0.1330 0.1436 0.0576  -0.0158 -0.0579 9   GLN B CG  
343 C  CG  B GLN B 10 ? 0.3327 0.2134 0.2040 0.0233  -0.0570 -0.0422 9   GLN B CG  
344 C  CD  A GLN B 10 ? 0.1790 0.2071 0.2184 0.0576  -0.0167 -0.0937 9   GLN B CD  
345 C  CD  B GLN B 10 ? 0.3606 0.2272 0.2182 0.0410  -0.0751 -0.0360 9   GLN B CD  
346 O  OE1 A GLN B 10 ? 0.2496 0.2569 0.2466 0.0445  -0.0021 -0.1081 9   GLN B OE1 
347 O  OE1 B GLN B 10 ? 0.3548 0.2412 0.2774 0.0579  -0.0825 -0.0577 9   GLN B OE1 
348 N  NE2 A GLN B 10 ? 0.1900 0.2196 0.2280 0.0526  -0.0134 -0.0926 9   GLN B NE2 
349 N  NE2 B GLN B 10 ? 0.3829 0.2012 0.1401 0.0433  -0.0774 0.0084  9   GLN B NE2 
350 N  N   . LEU B 11 ? 0.1274 0.0787 0.0761 0.0070  -0.0053 -0.0156 10  LEU B N   
351 C  CA  . LEU B 11 ? 0.1185 0.0778 0.0713 -0.0069 -0.0011 -0.0093 10  LEU B CA  
352 C  C   . LEU B 11 ? 0.1119 0.0799 0.0679 -0.0024 -0.0015 -0.0131 10  LEU B C   
353 O  O   . LEU B 11 ? 0.1244 0.0732 0.0726 -0.0104 -0.0025 -0.0145 10  LEU B O   
354 C  CB  . LEU B 11 ? 0.1117 0.0870 0.0754 -0.0200 -0.0071 -0.0066 10  LEU B CB  
355 C  CG  . LEU B 11 ? 0.1356 0.0830 0.0698 -0.0091 -0.0019 -0.0132 10  LEU B CG  
356 C  CD1 . LEU B 11 ? 0.1570 0.1362 0.0800 -0.0415 -0.0180 -0.0010 10  LEU B CD1 
357 C  CD2 . LEU B 11 ? 0.1349 0.0892 0.0928 -0.0188 -0.0108 -0.0053 10  LEU B CD2 
358 N  N   . GLU B 12 ? 0.1294 0.0867 0.0696 -0.0228 0.0071  -0.0195 11  GLU B N   
359 C  CA  . GLU B 12 ? 0.1345 0.0903 0.0796 -0.0307 0.0133  -0.0138 11  GLU B CA  
360 C  C   . GLU B 12 ? 0.1446 0.0778 0.0713 -0.0250 0.0146  -0.0095 11  GLU B C   
361 O  O   . GLU B 12 ? 0.1364 0.0881 0.0764 -0.0191 0.0055  -0.0107 11  GLU B O   
362 C  CB  . GLU B 12 ? 0.1526 0.1172 0.0904 -0.0427 0.0052  -0.0248 11  GLU B CB  
363 C  CG  . GLU B 12 ? 0.1707 0.1549 0.1067 -0.0653 0.0050  -0.0340 11  GLU B CG  
364 C  CD  . GLU B 12 ? 0.1951 0.2034 0.1388 -0.0829 -0.0048 -0.0496 11  GLU B CD  
365 O  OE1 . GLU B 12 ? 0.2218 0.1904 0.1404 -0.0933 0.0007  -0.0306 11  GLU B OE1 
366 O  OE2 . GLU B 12 ? 0.2444 0.1928 0.1831 -0.0810 0.0045  -0.0603 11  GLU B OE2 
367 N  N   . GLU B 13 ? 0.1451 0.0725 0.0738 -0.0146 0.0030  -0.0072 12  GLU B N   
368 C  CA  A GLU B 13 ? 0.1384 0.0769 0.0548 -0.0116 0.0082  0.0027  12  GLU B CA  
369 C  CA  B GLU B 13 ? 0.1512 0.0861 0.1092 0.0012  -0.0213 -0.0142 12  GLU B CA  
370 C  C   . GLU B 13 ? 0.1269 0.0722 0.0807 0.0039  -0.0036 -0.0119 12  GLU B C   
371 O  O   . GLU B 13 ? 0.1349 0.0804 0.0708 -0.0033 -0.0089 -0.0080 12  GLU B O   
372 C  CB  A GLU B 13 ? 0.1505 0.0650 0.1112 0.0440  -0.0198 -0.0193 12  GLU B CB  
373 C  CB  B GLU B 13 ? 0.1944 0.0901 0.1540 0.0041  -0.0480 0.0033  12  GLU B CB  
374 C  CG  A GLU B 13 ? 0.1803 0.1245 0.1421 0.0640  -0.0376 -0.0308 12  GLU B CG  
375 C  CG  B GLU B 13 ? 0.2134 0.1036 0.2205 0.0199  -0.1051 0.0180  12  GLU B CG  
376 C  CD  A GLU B 13 ? 0.2658 0.1924 0.1669 0.0231  -0.0598 -0.0193 12  GLU B CD  
377 C  CD  B GLU B 13 ? 0.3245 0.1379 0.2563 -0.0320 -0.1209 0.0586  12  GLU B CD  
378 O  OE1 A GLU B 13 ? 0.2696 0.2449 0.1949 0.0044  -0.0849 -0.0235 12  GLU B OE1 
379 O  OE1 B GLU B 13 ? 0.3401 0.1898 0.2399 -0.0708 -0.1218 0.0768  12  GLU B OE1 
380 O  OE2 A GLU B 13 ? 0.3076 0.2161 0.1636 -0.0060 -0.0568 -0.0144 12  GLU B OE2 
381 O  OE2 B GLU B 13 ? 0.3695 0.1744 0.2999 -0.0377 -0.1321 0.0463  12  GLU B OE2 
382 N  N   . ILE B 14 ? 0.1254 0.0725 0.0654 -0.0044 -0.0019 -0.0024 13  ILE B N   
383 C  CA  . ILE B 14 ? 0.1085 0.0803 0.0704 -0.0040 -0.0012 -0.0130 13  ILE B CA  
384 C  C   . ILE B 14 ? 0.1081 0.0590 0.0608 -0.0067 0.0080  -0.0009 13  ILE B C   
385 O  O   . ILE B 14 ? 0.1119 0.0659 0.0623 -0.0131 0.0009  -0.0039 13  ILE B O   
386 C  CB  . ILE B 14 ? 0.0989 0.0865 0.0671 -0.0030 0.0000  -0.0094 13  ILE B CB  
387 C  CG1 . ILE B 14 ? 0.1054 0.1463 0.0727 -0.0020 0.0035  -0.0254 13  ILE B CG1 
388 C  CG2 . ILE B 14 ? 0.1088 0.0925 0.0728 -0.0190 -0.0033 0.0056  13  ILE B CG2 
389 C  CD1 . ILE B 14 ? 0.1089 0.1859 0.0821 -0.0052 0.0114  -0.0240 13  ILE B CD1 
390 N  N   . ALA B 15 ? 0.1001 0.0704 0.0703 -0.0049 -0.0001 -0.0047 14  ALA B N   
391 C  CA  . ALA B 15 ? 0.0995 0.0753 0.0737 -0.0090 0.0022  -0.0118 14  ALA B CA  
392 C  C   . ALA B 15 ? 0.0901 0.0777 0.0674 -0.0124 0.0047  -0.0074 14  ALA B C   
393 O  O   . ALA B 15 ? 0.1082 0.0790 0.0745 -0.0010 0.0015  -0.0166 14  ALA B O   
394 C  CB  . ALA B 15 ? 0.1006 0.0841 0.0891 0.0015  -0.0135 -0.0127 14  ALA B CB  
395 N  N   . LYS B 16 ? 0.1080 0.0807 0.0698 -0.0069 0.0062  -0.0112 15  LYS B N   
396 C  CA  . LYS B 16 ? 0.1215 0.0805 0.0689 -0.0161 0.0062  -0.0041 15  LYS B CA  
397 C  C   . LYS B 16 ? 0.1172 0.0654 0.0618 -0.0024 0.0027  -0.0010 15  LYS B C   
398 O  O   . LYS B 16 ? 0.1210 0.0775 0.0613 -0.0049 0.0015  0.0016  15  LYS B O   
399 C  CB  . LYS B 16 ? 0.1425 0.0806 0.0858 -0.0203 -0.0001 0.0019  15  LYS B CB  
400 C  CG  . LYS B 16 ? 0.1979 0.1100 0.0984 -0.0451 -0.0234 0.0243  15  LYS B CG  
401 C  CD  . LYS B 16 ? 0.2828 0.1096 0.1360 -0.0479 -0.0491 0.0415  15  LYS B CD  
402 C  CE  . LYS B 16 ? 0.3303 0.1404 0.2421 0.0143  -0.0672 -0.0032 15  LYS B CE  
403 N  NZ  . LYS B 16 ? 0.3253 0.1598 0.2885 0.0195  -0.0489 -0.0166 15  LYS B NZ  
404 N  N   . GLN B 17 ? 0.1103 0.0722 0.0712 0.0025  0.0056  -0.0047 16  GLN B N   
405 C  CA  A GLN B 17 ? 0.1098 0.0846 0.0506 -0.0072 -0.0096 0.0107  16  GLN B CA  
406 C  CA  B GLN B 17 ? 0.1186 0.0880 0.1047 -0.0011 0.0097  -0.0195 16  GLN B CA  
407 C  C   . GLN B 17 ? 0.1068 0.0748 0.0648 -0.0007 0.0038  -0.0069 16  GLN B C   
408 O  O   . GLN B 17 ? 0.1111 0.0905 0.0750 0.0003  -0.0215 -0.0074 16  GLN B O   
409 C  CB  A GLN B 17 ? 0.0861 0.0972 0.0704 0.0166  -0.0049 0.0019  16  GLN B CB  
410 C  CB  B GLN B 17 ? 0.1433 0.1225 0.1552 -0.0023 0.0244  -0.0347 16  GLN B CB  
411 C  CG  A GLN B 17 ? 0.0963 0.0886 0.0719 0.0238  0.0075  0.0021  16  GLN B CG  
412 C  CG  B GLN B 17 ? 0.1774 0.1980 0.1806 -0.0102 0.0312  -0.0525 16  GLN B CG  
413 C  CD  A GLN B 17 ? 0.1135 0.1184 0.1069 0.0392  -0.0076 -0.0043 16  GLN B CD  
414 C  CD  B GLN B 17 ? 0.1819 0.2509 0.1759 0.0009  0.0125  -0.0579 16  GLN B CD  
415 O  OE1 A GLN B 17 ? 0.1320 0.1623 0.1019 0.0328  0.0088  -0.0201 16  GLN B OE1 
416 O  OE1 B GLN B 17 ? 0.1847 0.2796 0.1415 0.0021  0.0130  -0.0556 16  GLN B OE1 
417 N  NE2 A GLN B 17 ? 0.1720 0.1688 0.1549 0.0504  0.0070  -0.0171 16  GLN B NE2 
418 N  NE2 B GLN B 17 ? 0.1731 0.2579 0.1828 0.0142  -0.0024 -0.0595 16  GLN B NE2 
419 N  N   . LEU B 18 ? 0.0992 0.0670 0.0651 0.0030  -0.0028 -0.0055 17  LEU B N   
420 C  CA  . LEU B 18 ? 0.1028 0.0726 0.0615 -0.0059 -0.0012 -0.0018 17  LEU B CA  
421 C  C   . LEU B 18 ? 0.1080 0.0630 0.0630 0.0089  -0.0052 -0.0030 17  LEU B C   
422 O  O   . LEU B 18 ? 0.1110 0.0731 0.0706 -0.0039 -0.0041 -0.0154 17  LEU B O   
423 C  CB  . LEU B 18 ? 0.0967 0.0689 0.0734 -0.0035 -0.0085 -0.0082 17  LEU B CB  
424 C  CG  . LEU B 18 ? 0.1201 0.0658 0.0672 -0.0082 -0.0052 -0.0022 17  LEU B CG  
425 C  CD1 . LEU B 18 ? 0.1297 0.1321 0.0727 -0.0209 -0.0122 -0.0007 17  LEU B CD1 
426 C  CD2 . LEU B 18 ? 0.1251 0.0960 0.0807 -0.0294 -0.0011 -0.0048 17  LEU B CD2 
427 N  N   . LYS B 19 ? 0.1051 0.0759 0.0680 -0.0074 0.0056  -0.0076 18  LYS B N   
428 C  CA  . LYS B 19 ? 0.1063 0.0851 0.0810 0.0013  0.0074  -0.0148 18  LYS B CA  
429 C  C   . LYS B 19 ? 0.1174 0.0748 0.0686 -0.0089 0.0135  -0.0061 18  LYS B C   
430 O  O   . LYS B 19 ? 0.1349 0.0888 0.0736 0.0073  0.0071  -0.0170 18  LYS B O   
431 C  CB  . LYS B 19 ? 0.0990 0.1190 0.0866 -0.0062 0.0175  -0.0194 18  LYS B CB  
432 C  CG  . LYS B 19 ? 0.0969 0.1694 0.1160 -0.0192 0.0187  -0.0111 18  LYS B CG  
433 C  CD  . LYS B 19 ? 0.1295 0.2262 0.1653 -0.0301 -0.0120 0.0018  18  LYS B CD  
434 C  CE  . LYS B 19 ? 0.1890 0.2571 0.2334 -0.0171 -0.0475 0.0021  18  LYS B CE  
435 N  NZ  . LYS B 19 ? 0.2339 0.2498 0.2811 -0.0176 -0.0698 0.0074  18  LYS B NZ  
436 N  N   . LYS B 20 ? 0.1198 0.0707 0.0673 0.0008  0.0007  -0.0052 19  LYS B N   
437 C  CA  . LYS B 20 ? 0.1318 0.0807 0.0610 -0.0055 -0.0003 0.0027  19  LYS B CA  
438 C  C   . LYS B 20 ? 0.1128 0.0692 0.0760 0.0135  -0.0098 -0.0032 19  LYS B C   
439 O  O   . LYS B 20 ? 0.1375 0.0797 0.0722 0.0065  -0.0113 -0.0157 19  LYS B O   
440 C  CB  . LYS B 20 ? 0.1259 0.0783 0.0986 0.0079  -0.0127 -0.0028 19  LYS B CB  
441 C  CG  . LYS B 20 ? 0.1832 0.1550 0.1508 0.0720  -0.0496 -0.0228 19  LYS B CG  
442 C  CD  . LYS B 20 ? 0.2471 0.2062 0.2366 0.1140  -0.0947 -0.0369 19  LYS B CD  
443 C  CE  . LYS B 20 ? 0.3483 0.2715 0.3021 0.1412  -0.1442 -0.0495 19  LYS B CE  
444 N  NZ  . LYS B 20 ? 0.4277 0.3267 0.3391 0.1259  -0.1454 -0.0705 19  LYS B NZ  
445 N  N   . ILE B 21 ? 0.1035 0.0735 0.0646 0.0023  -0.0026 -0.0057 20  ILE B N   
446 C  CA  . ILE B 21 ? 0.0999 0.0840 0.0755 -0.0006 -0.0081 -0.0045 20  ILE B CA  
447 C  C   . ILE B 21 ? 0.1132 0.0726 0.0647 -0.0024 -0.0018 -0.0007 20  ILE B C   
448 O  O   . ILE B 21 ? 0.1215 0.0747 0.0830 -0.0064 -0.0214 -0.0158 20  ILE B O   
449 C  CB  . ILE B 21 ? 0.0918 0.1020 0.0783 -0.0040 -0.0012 -0.0124 20  ILE B CB  
450 C  CG1 . ILE B 21 ? 0.1070 0.1262 0.0933 -0.0157 0.0017  -0.0041 20  ILE B CG1 
451 C  CG2 . ILE B 21 ? 0.1120 0.1285 0.0896 -0.0349 -0.0141 -0.0021 20  ILE B CG2 
452 C  CD1 . ILE B 21 ? 0.1225 0.1678 0.1071 0.0002  0.0142  -0.0131 20  ILE B CD1 
453 N  N   . ALA B 22 ? 0.0984 0.0746 0.0757 0.0054  -0.0073 -0.0089 21  ALA B N   
454 C  CA  . ALA B 22 ? 0.1144 0.0702 0.0807 0.0033  -0.0048 -0.0041 21  ALA B CA  
455 C  C   . ALA B 22 ? 0.1148 0.0695 0.0786 0.0074  -0.0074 -0.0135 21  ALA B C   
456 O  O   . ALA B 22 ? 0.1334 0.0700 0.0784 0.0041  -0.0037 -0.0154 21  ALA B O   
457 C  CB  . ALA B 22 ? 0.1180 0.0755 0.0919 0.0121  -0.0155 -0.0105 21  ALA B CB  
458 N  N   . TRP B 23 ? 0.1313 0.0728 0.0770 0.0024  0.0013  -0.0125 22  TRP B N   
459 C  CA  . TRP B 23 ? 0.1587 0.0813 0.0742 -0.0105 0.0058  -0.0122 22  TRP B CA  
460 C  C   . TRP B 23 ? 0.1622 0.0768 0.0702 -0.0122 0.0015  -0.0043 22  TRP B C   
461 O  O   . TRP B 23 ? 0.1760 0.0848 0.0716 -0.0067 0.0033  -0.0158 22  TRP B O   
462 C  CB  . TRP B 23 ? 0.1943 0.0755 0.0800 -0.0128 0.0197  -0.0092 22  TRP B CB  
463 C  CG  . TRP B 23 ? 0.2714 0.0852 0.0747 -0.0327 0.0246  -0.0080 22  TRP B CG  
464 C  CD1 . TRP B 23 ? 0.3183 0.1088 0.0936 -0.0720 -0.0337 0.0109  22  TRP B CD1 
465 C  CD2 . TRP B 23 ? 0.2468 0.1168 0.1160 -0.0218 0.0371  0.0021  22  TRP B CD2 
466 N  NE1 . TRP B 23 ? 0.2837 0.0989 0.0872 -0.0549 -0.0236 0.0152  22  TRP B NE1 
467 C  CE2 . TRP B 23 ? 0.2810 0.1157 0.0939 -0.0224 0.0191  0.0043  22  TRP B CE2 
468 C  CE3 . TRP B 23 ? 0.2185 0.2131 0.1722 -0.0200 0.0412  -0.0067 22  TRP B CE3 
469 C  CZ2 . TRP B 23 ? 0.2741 0.1511 0.0950 -0.0244 0.0154  0.0110  22  TRP B CZ2 
470 C  CZ3 . TRP B 23 ? 0.2386 0.2419 0.1856 -0.0163 0.0346  -0.0073 22  TRP B CZ3 
471 C  CH2 . TRP B 23 ? 0.2118 0.1654 0.1535 0.0080  0.0448  -0.0012 22  TRP B CH2 
472 N  N   . GLN B 24 ? 0.1585 0.0784 0.0768 0.0064  -0.0140 -0.0049 23  GLN B N   
473 C  CA  . GLN B 24 ? 0.1731 0.0940 0.0967 0.0197  -0.0423 -0.0182 23  GLN B CA  
474 C  C   . GLN B 24 ? 0.1587 0.0924 0.0899 0.0018  -0.0321 -0.0196 23  GLN B C   
475 O  O   . GLN B 24 ? 0.1945 0.1062 0.0979 0.0005  -0.0539 -0.0267 23  GLN B O   
476 C  CB  . GLN B 24 ? 0.2004 0.1103 0.1169 0.0324  -0.0625 -0.0227 23  GLN B CB  
477 C  CG  . GLN B 24 ? 0.2733 0.1535 0.1804 0.0653  -0.0997 -0.0371 23  GLN B CG  
478 C  CD  . GLN B 24 ? 0.3152 0.2163 0.2791 0.1186  -0.1328 -0.0829 23  GLN B CD  
479 O  OE1 . GLN B 24 ? 0.3070 0.2431 0.3478 0.1134  -0.1258 -0.1032 23  GLN B OE1 
480 N  NE2 . GLN B 24 ? 0.3595 0.2621 0.3036 0.1518  -0.1412 -0.1069 23  GLN B NE2 
481 N  N   . LEU B 25 ? 0.1249 0.0772 0.0807 0.0061  -0.0198 -0.0144 24  LEU B N   
482 C  CA  . LEU B 25 ? 0.1176 0.0899 0.0839 -0.0044 -0.0101 -0.0144 24  LEU B CA  
483 C  C   . LEU B 25 ? 0.1136 0.0897 0.0804 -0.0012 -0.0028 -0.0185 24  LEU B C   
484 O  O   . LEU B 25 ? 0.1438 0.0818 0.0990 -0.0136 -0.0171 -0.0261 24  LEU B O   
485 C  CB  . LEU B 25 ? 0.1237 0.0797 0.0847 -0.0005 -0.0131 -0.0057 24  LEU B CB  
486 C  CG  . LEU B 25 ? 0.1281 0.0886 0.0932 -0.0102 -0.0054 -0.0162 24  LEU B CG  
487 C  CD1 . LEU B 25 ? 0.1614 0.1221 0.0925 -0.0124 -0.0101 -0.0109 24  LEU B CD1 
488 C  CD2 . LEU B 25 ? 0.1483 0.1250 0.1151 -0.0300 -0.0052 -0.0261 24  LEU B CD2 
489 N  N   . LYS B 26 ? 0.1270 0.0776 0.0783 -0.0082 0.0050  -0.0114 25  LYS B N   
490 C  CA  . LYS B 26 ? 0.1434 0.0784 0.0892 -0.0011 0.0103  -0.0151 25  LYS B CA  
491 C  C   . LYS B 26 ? 0.1502 0.0858 0.0903 -0.0190 0.0059  -0.0239 25  LYS B C   
492 O  O   . LYS B 26 ? 0.1911 0.1039 0.0837 -0.0215 0.0099  -0.0321 25  LYS B O   
493 C  CB  . LYS B 26 ? 0.1429 0.0937 0.0926 -0.0136 0.0236  -0.0100 25  LYS B CB  
494 C  CG  . LYS B 26 ? 0.1225 0.1370 0.1200 0.0110  -0.0049 -0.0338 25  LYS B CG  
495 C  CD  . LYS B 26 ? 0.1318 0.2132 0.1781 -0.0238 0.0054  -0.0575 25  LYS B CD  
496 C  CE  . LYS B 26 ? 0.2236 0.2960 0.2156 -0.0971 0.0078  -0.0643 25  LYS B CE  
497 N  NZ  . LYS B 26 ? 0.2553 0.3602 0.1953 -0.1280 0.0312  -0.0819 25  LYS B NZ  
498 N  N   . LYS B 27 ? 0.1803 0.0943 0.0785 -0.0193 -0.0118 -0.0095 26  LYS B N   
499 C  CA  . LYS B 27 ? 0.2379 0.1115 0.0862 -0.0215 -0.0228 -0.0180 26  LYS B CA  
500 C  C   . LYS B 27 ? 0.2173 0.1154 0.0890 -0.0214 -0.0309 -0.0165 26  LYS B C   
501 O  O   . LYS B 27 ? 0.2552 0.1435 0.0981 -0.0304 -0.0350 -0.0329 26  LYS B O   
502 C  CB  . LYS B 27 ? 0.2714 0.1190 0.0980 -0.0160 -0.0496 -0.0017 26  LYS B CB  
503 C  CG  . LYS B 27 ? 0.3138 0.1256 0.1057 -0.0409 -0.0235 -0.0039 26  LYS B CG  
504 C  CD  . LYS B 27 ? 0.3198 0.1825 0.1086 -0.0968 -0.0061 0.0055  26  LYS B CD  
505 C  CE  . LYS B 27 ? 0.3029 0.2134 0.1372 -0.1325 0.0321  0.0036  26  LYS B CE  
506 N  NZ  . LYS B 27 ? 0.3127 0.2683 0.1836 -0.1533 0.0265  -0.0113 26  LYS B NZ  
507 N  N   . ILE B 28 ? 0.1896 0.1209 0.1105 -0.0062 -0.0381 -0.0339 27  ILE B N   
508 C  CA  . ILE B 28 ? 0.1691 0.1422 0.1260 -0.0165 -0.0345 -0.0371 27  ILE B CA  
509 C  C   . ILE B 28 ? 0.1795 0.1377 0.1123 -0.0413 -0.0220 -0.0393 27  ILE B C   
510 O  O   . ILE B 28 ? 0.2071 0.1507 0.1525 -0.0386 -0.0399 -0.0674 27  ILE B O   
511 C  CB  . ILE B 28 ? 0.1605 0.1521 0.1372 -0.0093 -0.0288 -0.0278 27  ILE B CB  
512 C  CG1 . ILE B 28 ? 0.1823 0.1941 0.1663 0.0186  -0.0335 -0.0519 27  ILE B CG1 
513 C  CG2 . ILE B 28 ? 0.1649 0.1754 0.1573 -0.0207 -0.0282 -0.0419 27  ILE B CG2 
514 C  CD1 . ILE B 28 ? 0.2020 0.2428 0.1596 0.0101  -0.0194 -0.0539 27  ILE B CD1 
515 N  N   . ALA B 29 ? 0.1887 0.1029 0.1267 -0.0322 -0.0064 -0.0387 28  ALA B N   
516 C  CA  . ALA B 29 ? 0.1686 0.1059 0.1475 -0.0268 0.0104  -0.0371 28  ALA B CA  
517 C  C   . ALA B 29 ? 0.1763 0.1137 0.1554 -0.0322 0.0072  -0.0631 28  ALA B C   
518 O  O   . ALA B 29 ? 0.1997 0.1322 0.1751 -0.0374 0.0163  -0.0813 28  ALA B O   
519 C  CB  . ALA B 29 ? 0.1868 0.1122 0.1497 -0.0088 0.0064  -0.0222 28  ALA B CB  
520 N  N   . GLN B 30 ? 0.2284 0.1397 0.1497 -0.0587 0.0387  -0.0696 29  GLN B N   
521 C  CA  . GLN B 30 ? 0.2404 0.1778 0.1844 -0.0735 0.0598  -0.0917 29  GLN B CA  
522 C  C   . GLN B 30 ? 0.2720 0.1914 0.1586 -0.0916 0.0668  -0.0735 29  GLN B C   
523 O  O   . GLN B 30 ? 0.2992 0.2170 0.1638 -0.0673 0.0613  -0.0904 29  GLN B O   
524 C  CB  . GLN B 30 ? 0.2992 0.2423 0.2243 -0.0956 0.0743  -0.1196 29  GLN B CB  
525 C  CG  . GLN B 30 ? 0.4020 0.3086 0.3248 -0.1013 0.0585  -0.1703 29  GLN B CG  
526 C  CD  . GLN B 30 ? 0.5281 0.4088 0.4239 -0.1193 0.0248  -0.2189 29  GLN B CD  
527 O  OE1 . GLN B 30 ? 0.5503 0.4367 0.4620 -0.1063 0.0044  -0.2416 29  GLN B OE1 
528 N  NE2 . GLN B 30 ? 0.5883 0.4580 0.4544 -0.1459 0.0151  -0.2266 29  GLN B NE2 
529 N  N   . GLY B 31 ? 0.3178 0.2220 0.1421 -0.0991 0.0533  -0.0489 30  GLY B N   
530 C  CA  . GLY B 31 ? 0.4250 0.2512 0.1435 -0.0885 0.0326  -0.0181 30  GLY B CA  
531 C  C   . GLY B 31 ? 0.5082 0.2934 0.2357 -0.0430 -0.0190 -0.0483 30  GLY B C   
532 O  O   . GLY B 31 ? 0.5427 0.3198 0.2961 -0.0366 -0.0274 -0.0766 30  GLY B O   
533 N  N   . NH2 B 32 ? 0.5303 0.3095 0.2694 -0.0440 -0.0384 -0.0493 31  NH2 B N   
534 C  C   . ACT C .  ? 0.5803 0.3037 0.3399 -0.0118 -0.1408 -0.1309 101 ACT A C   
535 O  O   . ACT C .  ? 0.4649 0.2439 0.2573 0.0472  -0.1478 -0.0901 101 ACT A O   
536 O  OXT . ACT C .  ? 0.6334 0.3240 0.3710 -0.0362 -0.0937 -0.1627 101 ACT A OXT 
537 C  CH3 . ACT C .  ? 0.5630 0.3151 0.3599 -0.0279 -0.1645 -0.1258 101 ACT A CH3 
538 NA NA  . NA  D .  ? 0.3580 0.1550 0.2312 0.0274  -0.1194 -0.0613 102 NA  A NA  
# 
